data_1AF5
# 
_entry.id   1AF5 
# 
_audit_conform.dict_name       mmcif_pdbx.dic 
_audit_conform.dict_version    5.385 
_audit_conform.dict_location   http://mmcif.pdb.org/dictionaries/ascii/mmcif_pdbx.dic 
# 
loop_
_database_2.database_id 
_database_2.database_code 
_database_2.pdbx_database_accession 
_database_2.pdbx_DOI 
PDB   1AF5         pdb_00001af5 10.2210/pdb1af5/pdb 
WWPDB D_1000170739 ?            ?                   
# 
loop_
_pdbx_audit_revision_history.ordinal 
_pdbx_audit_revision_history.data_content_type 
_pdbx_audit_revision_history.major_revision 
_pdbx_audit_revision_history.minor_revision 
_pdbx_audit_revision_history.revision_date 
1 'Structure model' 1 0 1997-07-23 
2 'Structure model' 1 1 2008-03-24 
3 'Structure model' 1 2 2011-07-13 
4 'Structure model' 1 3 2021-11-03 
5 'Structure model' 1 4 2024-02-07 
# 
_pdbx_audit_revision_details.ordinal             1 
_pdbx_audit_revision_details.revision_ordinal    1 
_pdbx_audit_revision_details.data_content_type   'Structure model' 
_pdbx_audit_revision_details.provider            repository 
_pdbx_audit_revision_details.type                'Initial release' 
_pdbx_audit_revision_details.description         ? 
_pdbx_audit_revision_details.details             ? 
# 
loop_
_pdbx_audit_revision_group.ordinal 
_pdbx_audit_revision_group.revision_ordinal 
_pdbx_audit_revision_group.data_content_type 
_pdbx_audit_revision_group.group 
1 2 'Structure model' 'Version format compliance' 
2 3 'Structure model' 'Version format compliance' 
3 4 'Structure model' 'Database references'       
4 4 'Structure model' Other                       
5 5 'Structure model' 'Data collection'           
# 
loop_
_pdbx_audit_revision_category.ordinal 
_pdbx_audit_revision_category.revision_ordinal 
_pdbx_audit_revision_category.data_content_type 
_pdbx_audit_revision_category.category 
1 4 'Structure model' database_2           
2 4 'Structure model' pdbx_database_status 
3 4 'Structure model' struct_ref_seq_dif   
4 5 'Structure model' chem_comp_atom       
5 5 'Structure model' chem_comp_bond       
# 
loop_
_pdbx_audit_revision_item.ordinal 
_pdbx_audit_revision_item.revision_ordinal 
_pdbx_audit_revision_item.data_content_type 
_pdbx_audit_revision_item.item 
1 4 'Structure model' '_database_2.pdbx_DOI'                
2 4 'Structure model' '_database_2.pdbx_database_accession' 
3 4 'Structure model' '_pdbx_database_status.process_site'  
4 4 'Structure model' '_struct_ref_seq_dif.details'         
# 
_pdbx_database_status.status_code                     REL 
_pdbx_database_status.entry_id                        1AF5 
_pdbx_database_status.recvd_initial_deposition_date   1997-03-21 
_pdbx_database_status.deposit_site                    ? 
_pdbx_database_status.process_site                    BNL 
_pdbx_database_status.SG_entry                        . 
_pdbx_database_status.pdb_format_compatible           Y 
_pdbx_database_status.status_code_mr                  ? 
_pdbx_database_status.status_code_sf                  ? 
_pdbx_database_status.status_code_cs                  ? 
_pdbx_database_status.status_code_nmr_data            ? 
_pdbx_database_status.methods_development_category    ? 
# 
loop_
_audit_author.name 
_audit_author.pdbx_ordinal 
'Heath, P.J.'         1 
'Stephens, K.M.'      2 
'Monnat Junior, R.J.' 3 
'Stoddard, B.L.'      4 
# 
_citation.id                        primary 
_citation.title                     'The structure of I-Crel, a group I intron-encoded homing endonuclease.' 
_citation.journal_abbrev            Nat.Struct.Biol. 
_citation.journal_volume            4 
_citation.page_first                468 
_citation.page_last                 476 
_citation.year                      1997 
_citation.journal_id_ASTM           NSBIEW 
_citation.country                   US 
_citation.journal_id_ISSN           1072-8368 
_citation.journal_id_CSD            2024 
_citation.book_publisher            ? 
_citation.pdbx_database_id_PubMed   9187655 
_citation.pdbx_database_id_DOI      10.1038/nsb0697-468 
# 
loop_
_citation_author.citation_id 
_citation_author.name 
_citation_author.ordinal 
_citation_author.identifier_ORCID 
primary 'Heath, P.J.'      1 ? 
primary 'Stephens, K.M.'   2 ? 
primary 'Monnat Jr., R.J.' 3 ? 
primary 'Stoddard, B.L.'   4 ? 
# 
loop_
_entity.id 
_entity.type 
_entity.src_method 
_entity.pdbx_description 
_entity.formula_weight 
_entity.pdbx_number_of_molecules 
_entity.pdbx_ec 
_entity.pdbx_mutation 
_entity.pdbx_fragment 
_entity.details 
1 polymer man I-CREI 15551.932 1 ? D56G ? ? 
2 water   nat water  18.015    8 ? ?    ? ? 
# 
_entity_name_com.entity_id   1 
_entity_name_com.name        'DNA ENDONUCLEASE I-CREI' 
# 
_entity_poly.entity_id                      1 
_entity_poly.type                           'polypeptide(L)' 
_entity_poly.nstd_linkage                   no 
_entity_poly.nstd_monomer                   no 
_entity_poly.pdbx_seq_one_letter_code       
;KYNKEFLLYLAGFVDGDGSIIAQIKPNQSYKFKHQLSLTFQVTQKTQRRWFLGKLVDEIGVGYVRDRGSVSDYILSEIKP
LHNFLTQLQPFLKLKQKQANLVLKIIEQLPSAKESPDKFLEVCTWVDQIAALNDS
;
_entity_poly.pdbx_seq_one_letter_code_can   
;KYNKEFLLYLAGFVDGDGSIIAQIKPNQSYKFKHQLSLTFQVTQKTQRRWFLGKLVDEIGVGYVRDRGSVSDYILSEIKP
LHNFLTQLQPFLKLKQKQANLVLKIIEQLPSAKESPDKFLEVCTWVDQIAALNDS
;
_entity_poly.pdbx_strand_id                 A 
_entity_poly.pdbx_target_identifier         ? 
# 
_pdbx_entity_nonpoly.entity_id   2 
_pdbx_entity_nonpoly.name        water 
_pdbx_entity_nonpoly.comp_id     HOH 
# 
loop_
_entity_poly_seq.entity_id 
_entity_poly_seq.num 
_entity_poly_seq.mon_id 
_entity_poly_seq.hetero 
1 1   LYS n 
1 2   TYR n 
1 3   ASN n 
1 4   LYS n 
1 5   GLU n 
1 6   PHE n 
1 7   LEU n 
1 8   LEU n 
1 9   TYR n 
1 10  LEU n 
1 11  ALA n 
1 12  GLY n 
1 13  PHE n 
1 14  VAL n 
1 15  ASP n 
1 16  GLY n 
1 17  ASP n 
1 18  GLY n 
1 19  SER n 
1 20  ILE n 
1 21  ILE n 
1 22  ALA n 
1 23  GLN n 
1 24  ILE n 
1 25  LYS n 
1 26  PRO n 
1 27  ASN n 
1 28  GLN n 
1 29  SER n 
1 30  TYR n 
1 31  LYS n 
1 32  PHE n 
1 33  LYS n 
1 34  HIS n 
1 35  GLN n 
1 36  LEU n 
1 37  SER n 
1 38  LEU n 
1 39  THR n 
1 40  PHE n 
1 41  GLN n 
1 42  VAL n 
1 43  THR n 
1 44  GLN n 
1 45  LYS n 
1 46  THR n 
1 47  GLN n 
1 48  ARG n 
1 49  ARG n 
1 50  TRP n 
1 51  PHE n 
1 52  LEU n 
1 53  GLY n 
1 54  LYS n 
1 55  LEU n 
1 56  VAL n 
1 57  ASP n 
1 58  GLU n 
1 59  ILE n 
1 60  GLY n 
1 61  VAL n 
1 62  GLY n 
1 63  TYR n 
1 64  VAL n 
1 65  ARG n 
1 66  ASP n 
1 67  ARG n 
1 68  GLY n 
1 69  SER n 
1 70  VAL n 
1 71  SER n 
1 72  ASP n 
1 73  TYR n 
1 74  ILE n 
1 75  LEU n 
1 76  SER n 
1 77  GLU n 
1 78  ILE n 
1 79  LYS n 
1 80  PRO n 
1 81  LEU n 
1 82  HIS n 
1 83  ASN n 
1 84  PHE n 
1 85  LEU n 
1 86  THR n 
1 87  GLN n 
1 88  LEU n 
1 89  GLN n 
1 90  PRO n 
1 91  PHE n 
1 92  LEU n 
1 93  LYS n 
1 94  LEU n 
1 95  LYS n 
1 96  GLN n 
1 97  LYS n 
1 98  GLN n 
1 99  ALA n 
1 100 ASN n 
1 101 LEU n 
1 102 VAL n 
1 103 LEU n 
1 104 LYS n 
1 105 ILE n 
1 106 ILE n 
1 107 GLU n 
1 108 GLN n 
1 109 LEU n 
1 110 PRO n 
1 111 SER n 
1 112 ALA n 
1 113 LYS n 
1 114 GLU n 
1 115 SER n 
1 116 PRO n 
1 117 ASP n 
1 118 LYS n 
1 119 PHE n 
1 120 LEU n 
1 121 GLU n 
1 122 VAL n 
1 123 CYS n 
1 124 THR n 
1 125 TRP n 
1 126 VAL n 
1 127 ASP n 
1 128 GLN n 
1 129 ILE n 
1 130 ALA n 
1 131 ALA n 
1 132 LEU n 
1 133 ASN n 
1 134 ASP n 
1 135 SER n 
# 
_entity_src_gen.entity_id                          1 
_entity_src_gen.pdbx_src_id                        1 
_entity_src_gen.pdbx_alt_source_flag               sample 
_entity_src_gen.pdbx_seq_type                      ? 
_entity_src_gen.pdbx_beg_seq_num                   ? 
_entity_src_gen.pdbx_end_seq_num                   ? 
_entity_src_gen.gene_src_common_name               ? 
_entity_src_gen.gene_src_genus                     Chlamydomonas 
_entity_src_gen.pdbx_gene_src_gene                 ? 
_entity_src_gen.gene_src_species                   ? 
_entity_src_gen.gene_src_strain                    ? 
_entity_src_gen.gene_src_tissue                    ? 
_entity_src_gen.gene_src_tissue_fraction           ? 
_entity_src_gen.gene_src_details                   ? 
_entity_src_gen.pdbx_gene_src_fragment             ? 
_entity_src_gen.pdbx_gene_src_scientific_name      'Chlamydomonas reinhardtii' 
_entity_src_gen.pdbx_gene_src_ncbi_taxonomy_id     3055 
_entity_src_gen.pdbx_gene_src_variant              ? 
_entity_src_gen.pdbx_gene_src_cell_line            ? 
_entity_src_gen.pdbx_gene_src_atcc                 ? 
_entity_src_gen.pdbx_gene_src_organ                ? 
_entity_src_gen.pdbx_gene_src_organelle            CHLOROPLAST 
_entity_src_gen.pdbx_gene_src_cell                 ? 
_entity_src_gen.pdbx_gene_src_cellular_location    ? 
_entity_src_gen.host_org_common_name               ? 
_entity_src_gen.pdbx_host_org_scientific_name      'Escherichia coli' 
_entity_src_gen.pdbx_host_org_ncbi_taxonomy_id     562 
_entity_src_gen.host_org_genus                     Escherichia 
_entity_src_gen.pdbx_host_org_gene                 ? 
_entity_src_gen.pdbx_host_org_organ                ? 
_entity_src_gen.host_org_species                   ? 
_entity_src_gen.pdbx_host_org_tissue               ? 
_entity_src_gen.pdbx_host_org_tissue_fraction      ? 
_entity_src_gen.pdbx_host_org_strain               ? 
_entity_src_gen.pdbx_host_org_variant              ? 
_entity_src_gen.pdbx_host_org_cell_line            ? 
_entity_src_gen.pdbx_host_org_atcc                 ? 
_entity_src_gen.pdbx_host_org_culture_collection   ? 
_entity_src_gen.pdbx_host_org_cell                 ? 
_entity_src_gen.pdbx_host_org_organelle            ? 
_entity_src_gen.pdbx_host_org_cellular_location    ? 
_entity_src_gen.pdbx_host_org_vector_type          ? 
_entity_src_gen.pdbx_host_org_vector               ? 
_entity_src_gen.host_org_details                   ? 
_entity_src_gen.expression_system_id               ? 
_entity_src_gen.plasmid_name                       ? 
_entity_src_gen.plasmid_details                    ? 
_entity_src_gen.pdbx_description                   ? 
# 
loop_
_chem_comp.id 
_chem_comp.type 
_chem_comp.mon_nstd_flag 
_chem_comp.name 
_chem_comp.pdbx_synonyms 
_chem_comp.formula 
_chem_comp.formula_weight 
ALA 'L-peptide linking' y ALANINE         ? 'C3 H7 N O2'     89.093  
ARG 'L-peptide linking' y ARGININE        ? 'C6 H15 N4 O2 1' 175.209 
ASN 'L-peptide linking' y ASPARAGINE      ? 'C4 H8 N2 O3'    132.118 
ASP 'L-peptide linking' y 'ASPARTIC ACID' ? 'C4 H7 N O4'     133.103 
CYS 'L-peptide linking' y CYSTEINE        ? 'C3 H7 N O2 S'   121.158 
GLN 'L-peptide linking' y GLUTAMINE       ? 'C5 H10 N2 O3'   146.144 
GLU 'L-peptide linking' y 'GLUTAMIC ACID' ? 'C5 H9 N O4'     147.129 
GLY 'peptide linking'   y GLYCINE         ? 'C2 H5 N O2'     75.067  
HIS 'L-peptide linking' y HISTIDINE       ? 'C6 H10 N3 O2 1' 156.162 
HOH non-polymer         . WATER           ? 'H2 O'           18.015  
ILE 'L-peptide linking' y ISOLEUCINE      ? 'C6 H13 N O2'    131.173 
LEU 'L-peptide linking' y LEUCINE         ? 'C6 H13 N O2'    131.173 
LYS 'L-peptide linking' y LYSINE          ? 'C6 H15 N2 O2 1' 147.195 
PHE 'L-peptide linking' y PHENYLALANINE   ? 'C9 H11 N O2'    165.189 
PRO 'L-peptide linking' y PROLINE         ? 'C5 H9 N O2'     115.130 
SER 'L-peptide linking' y SERINE          ? 'C3 H7 N O3'     105.093 
THR 'L-peptide linking' y THREONINE       ? 'C4 H9 N O3'     119.119 
TRP 'L-peptide linking' y TRYPTOPHAN      ? 'C11 H12 N2 O2'  204.225 
TYR 'L-peptide linking' y TYROSINE        ? 'C9 H11 N O3'    181.189 
VAL 'L-peptide linking' y VALINE          ? 'C5 H11 N O2'    117.146 
# 
loop_
_pdbx_poly_seq_scheme.asym_id 
_pdbx_poly_seq_scheme.entity_id 
_pdbx_poly_seq_scheme.seq_id 
_pdbx_poly_seq_scheme.mon_id 
_pdbx_poly_seq_scheme.ndb_seq_num 
_pdbx_poly_seq_scheme.pdb_seq_num 
_pdbx_poly_seq_scheme.auth_seq_num 
_pdbx_poly_seq_scheme.pdb_mon_id 
_pdbx_poly_seq_scheme.auth_mon_id 
_pdbx_poly_seq_scheme.pdb_strand_id 
_pdbx_poly_seq_scheme.pdb_ins_code 
_pdbx_poly_seq_scheme.hetero 
A 1 1   LYS 1   4   4   LYS LYS A . n 
A 1 2   TYR 2   5   5   TYR TYR A . n 
A 1 3   ASN 3   6   6   ASN ASN A . n 
A 1 4   LYS 4   7   7   LYS LYS A . n 
A 1 5   GLU 5   8   8   GLU GLU A . n 
A 1 6   PHE 6   9   9   PHE PHE A . n 
A 1 7   LEU 7   10  10  LEU LEU A . n 
A 1 8   LEU 8   11  11  LEU LEU A . n 
A 1 9   TYR 9   12  12  TYR TYR A . n 
A 1 10  LEU 10  13  13  LEU LEU A . n 
A 1 11  ALA 11  14  14  ALA ALA A . n 
A 1 12  GLY 12  15  15  GLY GLY A . n 
A 1 13  PHE 13  16  16  PHE PHE A . n 
A 1 14  VAL 14  17  17  VAL VAL A . n 
A 1 15  ASP 15  18  18  ASP ASP A . n 
A 1 16  GLY 16  19  19  GLY GLY A . n 
A 1 17  ASP 17  20  20  ASP ASP A . n 
A 1 18  GLY 18  21  21  GLY GLY A . n 
A 1 19  SER 19  22  22  SER SER A . n 
A 1 20  ILE 20  23  23  ILE ILE A . n 
A 1 21  ILE 21  24  24  ILE ILE A . n 
A 1 22  ALA 22  25  25  ALA ALA A . n 
A 1 23  GLN 23  26  26  GLN GLN A . n 
A 1 24  ILE 24  27  27  ILE ILE A . n 
A 1 25  LYS 25  28  28  LYS LYS A . n 
A 1 26  PRO 26  29  29  PRO PRO A . n 
A 1 27  ASN 27  30  30  ASN ASN A . n 
A 1 28  GLN 28  31  31  GLN GLN A . n 
A 1 29  SER 29  32  32  SER SER A . n 
A 1 30  TYR 30  33  33  TYR TYR A . n 
A 1 31  LYS 31  34  34  LYS LYS A . n 
A 1 32  PHE 32  35  35  PHE PHE A . n 
A 1 33  LYS 33  36  36  LYS LYS A . n 
A 1 34  HIS 34  37  37  HIS HIS A . n 
A 1 35  GLN 35  38  38  GLN GLN A . n 
A 1 36  LEU 36  39  39  LEU LEU A . n 
A 1 37  SER 37  40  40  SER SER A . n 
A 1 38  LEU 38  41  41  LEU LEU A . n 
A 1 39  THR 39  42  42  THR THR A . n 
A 1 40  PHE 40  43  43  PHE PHE A . n 
A 1 41  GLN 41  44  44  GLN GLN A . n 
A 1 42  VAL 42  45  45  VAL VAL A . n 
A 1 43  THR 43  46  46  THR THR A . n 
A 1 44  GLN 44  47  47  GLN GLN A . n 
A 1 45  LYS 45  48  48  LYS LYS A . n 
A 1 46  THR 46  49  49  THR THR A . n 
A 1 47  GLN 47  50  50  GLN GLN A . n 
A 1 48  ARG 48  51  51  ARG ARG A . n 
A 1 49  ARG 49  52  52  ARG ARG A . n 
A 1 50  TRP 50  53  53  TRP TRP A . n 
A 1 51  PHE 51  54  54  PHE PHE A . n 
A 1 52  LEU 52  55  55  LEU LEU A . n 
A 1 53  GLY 53  56  56  GLY GLY A . n 
A 1 54  LYS 54  57  57  LYS LYS A . n 
A 1 55  LEU 55  58  58  LEU LEU A . n 
A 1 56  VAL 56  59  59  VAL VAL A . n 
A 1 57  ASP 57  60  60  ASP ASP A . n 
A 1 58  GLU 58  61  61  GLU GLU A . n 
A 1 59  ILE 59  62  62  ILE ILE A . n 
A 1 60  GLY 60  63  63  GLY GLY A . n 
A 1 61  VAL 61  64  64  VAL VAL A . n 
A 1 62  GLY 62  65  65  GLY GLY A . n 
A 1 63  TYR 63  66  66  TYR TYR A . n 
A 1 64  VAL 64  67  67  VAL VAL A . n 
A 1 65  ARG 65  68  68  ARG ARG A . n 
A 1 66  ASP 66  69  69  ASP ASP A . n 
A 1 67  ARG 67  70  70  ARG ARG A . n 
A 1 68  GLY 68  71  71  GLY GLY A . n 
A 1 69  SER 69  72  72  SER SER A . n 
A 1 70  VAL 70  73  73  VAL VAL A . n 
A 1 71  SER 71  74  74  SER SER A . n 
A 1 72  ASP 72  75  75  ASP ASP A . n 
A 1 73  TYR 73  76  76  TYR TYR A . n 
A 1 74  ILE 74  77  77  ILE ILE A . n 
A 1 75  LEU 75  78  78  LEU LEU A . n 
A 1 76  SER 76  79  79  SER SER A . n 
A 1 77  GLU 77  80  80  GLU GLU A . n 
A 1 78  ILE 78  81  81  ILE ILE A . n 
A 1 79  LYS 79  82  82  LYS LYS A . n 
A 1 80  PRO 80  83  83  PRO PRO A . n 
A 1 81  LEU 81  84  84  LEU LEU A . n 
A 1 82  HIS 82  85  85  HIS HIS A . n 
A 1 83  ASN 83  86  86  ASN ASN A . n 
A 1 84  PHE 84  87  87  PHE PHE A . n 
A 1 85  LEU 85  88  88  LEU LEU A . n 
A 1 86  THR 86  89  89  THR THR A . n 
A 1 87  GLN 87  90  90  GLN GLN A . n 
A 1 88  LEU 88  91  91  LEU LEU A . n 
A 1 89  GLN 89  92  92  GLN GLN A . n 
A 1 90  PRO 90  93  93  PRO PRO A . n 
A 1 91  PHE 91  94  94  PHE PHE A . n 
A 1 92  LEU 92  95  95  LEU LEU A . n 
A 1 93  LYS 93  96  96  LYS LYS A . n 
A 1 94  LEU 94  97  97  LEU LEU A . n 
A 1 95  LYS 95  98  98  LYS LYS A . n 
A 1 96  GLN 96  99  99  GLN GLN A . n 
A 1 97  LYS 97  100 100 LYS LYS A . n 
A 1 98  GLN 98  101 101 GLN GLN A . n 
A 1 99  ALA 99  102 102 ALA ALA A . n 
A 1 100 ASN 100 103 103 ASN ASN A . n 
A 1 101 LEU 101 104 104 LEU LEU A . n 
A 1 102 VAL 102 105 105 VAL VAL A . n 
A 1 103 LEU 103 106 106 LEU LEU A . n 
A 1 104 LYS 104 107 107 LYS LYS A . n 
A 1 105 ILE 105 108 108 ILE ILE A . n 
A 1 106 ILE 106 109 109 ILE ILE A . n 
A 1 107 GLU 107 110 110 GLU GLU A . n 
A 1 108 GLN 108 111 111 GLN GLN A . n 
A 1 109 LEU 109 112 112 LEU LEU A . n 
A 1 110 PRO 110 113 113 PRO PRO A . n 
A 1 111 SER 111 114 ?   ?   ?   A . n 
A 1 112 ALA 112 115 ?   ?   ?   A . n 
A 1 113 LYS 113 116 ?   ?   ?   A . n 
A 1 114 GLU 114 117 ?   ?   ?   A . n 
A 1 115 SER 115 118 ?   ?   ?   A . n 
A 1 116 PRO 116 119 ?   ?   ?   A . n 
A 1 117 ASP 117 120 ?   ?   ?   A . n 
A 1 118 LYS 118 121 ?   ?   ?   A . n 
A 1 119 PHE 119 122 ?   ?   ?   A . n 
A 1 120 LEU 120 123 123 LEU LEU A . n 
A 1 121 GLU 121 124 124 GLU GLU A . n 
A 1 122 VAL 122 125 125 VAL VAL A . n 
A 1 123 CYS 123 126 126 CYS CYS A . n 
A 1 124 THR 124 127 127 THR THR A . n 
A 1 125 TRP 125 128 128 TRP TRP A . n 
A 1 126 VAL 126 129 129 VAL VAL A . n 
A 1 127 ASP 127 130 130 ASP ASP A . n 
A 1 128 GLN 128 131 131 GLN GLN A . n 
A 1 129 ILE 129 132 132 ILE ILE A . n 
A 1 130 ALA 130 133 133 ALA ALA A . n 
A 1 131 ALA 131 134 134 ALA ALA A . n 
A 1 132 LEU 132 135 135 LEU LEU A . n 
A 1 133 ASN 133 136 136 ASN ASN A . n 
A 1 134 ASP 134 137 137 ASP ASP A . n 
A 1 135 SER 135 138 138 SER SER A . n 
# 
loop_
_pdbx_nonpoly_scheme.asym_id 
_pdbx_nonpoly_scheme.entity_id 
_pdbx_nonpoly_scheme.mon_id 
_pdbx_nonpoly_scheme.ndb_seq_num 
_pdbx_nonpoly_scheme.pdb_seq_num 
_pdbx_nonpoly_scheme.auth_seq_num 
_pdbx_nonpoly_scheme.pdb_mon_id 
_pdbx_nonpoly_scheme.auth_mon_id 
_pdbx_nonpoly_scheme.pdb_strand_id 
_pdbx_nonpoly_scheme.pdb_ins_code 
B 2 HOH 1 140 140 HOH HOH A . 
B 2 HOH 2 141 141 HOH HOH A . 
B 2 HOH 3 142 142 HOH HOH A . 
B 2 HOH 4 143 143 HOH HOH A . 
B 2 HOH 5 144 144 HOH HOH A . 
B 2 HOH 6 145 145 HOH HOH A . 
B 2 HOH 7 146 146 HOH HOH A . 
B 2 HOH 8 147 147 HOH HOH A . 
# 
loop_
_software.name 
_software.classification 
_software.version 
_software.citation_id 
_software.pdbx_ordinal 
X-PLOR 'model building' 3.851 ? 1 
X-PLOR refinement       3.851 ? 2 
X-PLOR phasing          3.851 ? 3 
# 
_cell.entry_id           1AF5 
_cell.length_a           78.200 
_cell.length_b           78.200 
_cell.length_c           67.400 
_cell.angle_alpha        90.00 
_cell.angle_beta         90.00 
_cell.angle_gamma        120.00 
_cell.Z_PDB              6 
_cell.pdbx_unique_axis   ? 
# 
_symmetry.entry_id                         1AF5 
_symmetry.space_group_name_H-M             'P 3 2 1' 
_symmetry.pdbx_full_space_group_name_H-M   ? 
_symmetry.cell_setting                     ? 
_symmetry.Int_Tables_number                150 
# 
_exptl.entry_id          1AF5 
_exptl.method            'X-RAY DIFFRACTION' 
_exptl.crystals_number   ? 
# 
_exptl_crystal.id                    1 
_exptl_crystal.density_meas          ? 
_exptl_crystal.density_Matthews      3.82 
_exptl_crystal.density_percent_sol   68. 
_exptl_crystal.description           ? 
# 
_exptl_crystal_grow.crystal_id      1 
_exptl_crystal_grow.method          ? 
_exptl_crystal_grow.temp            ? 
_exptl_crystal_grow.temp_details    ? 
_exptl_crystal_grow.pH              5.0 
_exptl_crystal_grow.pdbx_pH_range   ? 
_exptl_crystal_grow.pdbx_details    'PROTEIN WAS CRYSTALLIZED FROM 23% PEG 6000, 0.1M CITRATE,PH 5.0' 
# 
_diffrn.id                     1 
_diffrn.ambient_temp           100 
_diffrn.ambient_temp_details   ? 
_diffrn.crystal_id             1 
# 
_diffrn_detector.diffrn_id              1 
_diffrn_detector.detector               ? 
_diffrn_detector.type                   ? 
_diffrn_detector.pdbx_collection_date   1996-01 
_diffrn_detector.details                ? 
# 
_diffrn_radiation.diffrn_id                        1 
_diffrn_radiation.wavelength_id                    1 
_diffrn_radiation.pdbx_monochromatic_or_laue_m_l   M 
_diffrn_radiation.monochromator                    ? 
_diffrn_radiation.pdbx_diffrn_protocol             ? 
_diffrn_radiation.pdbx_scattering_type             x-ray 
# 
_diffrn_radiation_wavelength.id           1 
_diffrn_radiation_wavelength.wavelength   . 
_diffrn_radiation_wavelength.wt           1.0 
# 
_diffrn_source.diffrn_id                   1 
_diffrn_source.source                      SYNCHROTRON 
_diffrn_source.type                        'NSLS BEAMLINE X12C' 
_diffrn_source.pdbx_synchrotron_site       NSLS 
_diffrn_source.pdbx_synchrotron_beamline   X12C 
_diffrn_source.pdbx_wavelength             ? 
_diffrn_source.pdbx_wavelength_list        ? 
# 
_reflns.entry_id                     1AF5 
_reflns.observed_criterion_sigma_I   ? 
_reflns.observed_criterion_sigma_F   ? 
_reflns.d_resolution_low             ? 
_reflns.d_resolution_high            ? 
_reflns.number_obs                   ? 
_reflns.number_all                   ? 
_reflns.percent_possible_obs         ? 
_reflns.pdbx_Rmerge_I_obs            ? 
_reflns.pdbx_Rsym_value              ? 
_reflns.pdbx_netI_over_sigmaI        ? 
_reflns.B_iso_Wilson_estimate        48.8 
_reflns.pdbx_redundancy              ? 
_reflns.pdbx_diffrn_id               1 
_reflns.pdbx_ordinal                 1 
# 
_refine.entry_id                                 1AF5 
_refine.ls_number_reflns_obs                     4142 
_refine.ls_number_reflns_all                     ? 
_refine.pdbx_ls_sigma_I                          ? 
_refine.pdbx_ls_sigma_F                          2.0 
_refine.pdbx_data_cutoff_high_absF               10000000.00 
_refine.pdbx_data_cutoff_low_absF                0.00100 
_refine.pdbx_data_cutoff_high_rms_absF           ? 
_refine.ls_d_res_low                             10.00 
_refine.ls_d_res_high                            3.00 
_refine.ls_percent_reflns_obs                    85.1 
_refine.ls_R_factor_obs                          0.2480000 
_refine.ls_R_factor_all                          ? 
_refine.ls_R_factor_R_work                       0.2480000 
_refine.ls_R_factor_R_free                       0.3730000 
_refine.ls_R_factor_R_free_error                 0.017 
_refine.ls_R_factor_R_free_error_details         ? 
_refine.ls_percent_reflns_R_free                 11.0 
_refine.ls_number_reflns_R_free                  456 
_refine.ls_number_parameters                     ? 
_refine.ls_number_restraints                     ? 
_refine.occupancy_min                            ? 
_refine.occupancy_max                            ? 
_refine.B_iso_mean                               53.9 
_refine.aniso_B[1][1]                            ? 
_refine.aniso_B[2][2]                            ? 
_refine.aniso_B[3][3]                            ? 
_refine.aniso_B[1][2]                            ? 
_refine.aniso_B[1][3]                            ? 
_refine.aniso_B[2][3]                            ? 
_refine.solvent_model_details                    ? 
_refine.solvent_model_param_ksol                 ? 
_refine.solvent_model_param_bsol                 ? 
_refine.pdbx_ls_cross_valid_method               THROUGHOUT 
_refine.details                                  ? 
_refine.pdbx_starting_model                      ? 
_refine.pdbx_method_to_determine_struct          ? 
_refine.pdbx_isotropic_thermal_model             ? 
_refine.pdbx_stereochemistry_target_values       ? 
_refine.pdbx_stereochem_target_val_spec_case     ? 
_refine.pdbx_R_Free_selection_details            RANDOM 
_refine.pdbx_overall_ESU_R                       ? 
_refine.pdbx_overall_ESU_R_Free                  ? 
_refine.overall_SU_ML                            ? 
_refine.overall_SU_B                             ? 
_refine.pdbx_refine_id                           'X-RAY DIFFRACTION' 
_refine.pdbx_diffrn_id                           1 
_refine.pdbx_TLS_residual_ADP_flag               ? 
_refine.correlation_coeff_Fo_to_Fc               ? 
_refine.correlation_coeff_Fo_to_Fc_free          ? 
_refine.pdbx_solvent_vdw_probe_radii             ? 
_refine.pdbx_solvent_ion_probe_radii             ? 
_refine.pdbx_solvent_shrinkage_radii             ? 
_refine.pdbx_overall_phase_error                 ? 
_refine.overall_SU_R_Cruickshank_DPI             ? 
_refine.pdbx_overall_SU_R_free_Cruickshank_DPI   ? 
_refine.pdbx_overall_SU_R_Blow_DPI               ? 
_refine.pdbx_overall_SU_R_free_Blow_DPI          ? 
# 
_refine_analyze.entry_id                        1AF5 
_refine_analyze.Luzzati_coordinate_error_obs    0.39 
_refine_analyze.Luzzati_sigma_a_obs             0.45 
_refine_analyze.Luzzati_d_res_low_obs           10.0 
_refine_analyze.Luzzati_coordinate_error_free   0.58 
_refine_analyze.Luzzati_sigma_a_free            0.74 
_refine_analyze.Luzzati_d_res_low_free          ? 
_refine_analyze.number_disordered_residues      ? 
_refine_analyze.occupancy_sum_hydrogen          ? 
_refine_analyze.occupancy_sum_non_hydrogen      ? 
_refine_analyze.pdbx_refine_id                  'X-RAY DIFFRACTION' 
# 
_refine_hist.pdbx_refine_id                   'X-RAY DIFFRACTION' 
_refine_hist.cycle_id                         LAST 
_refine_hist.pdbx_number_atoms_protein        1031 
_refine_hist.pdbx_number_atoms_nucleic_acid   0 
_refine_hist.pdbx_number_atoms_ligand         0 
_refine_hist.number_atoms_solvent             8 
_refine_hist.number_atoms_total               1039 
_refine_hist.d_res_high                       3.00 
_refine_hist.d_res_low                        10.00 
# 
loop_
_refine_ls_restr.type 
_refine_ls_restr.dev_ideal 
_refine_ls_restr.dev_ideal_target 
_refine_ls_restr.weight 
_refine_ls_restr.number 
_refine_ls_restr.pdbx_refine_id 
_refine_ls_restr.pdbx_restraint_function 
x_bond_d                0.013 ? ? ? 'X-RAY DIFFRACTION' ? 
x_bond_d_na             ?     ? ? ? 'X-RAY DIFFRACTION' ? 
x_bond_d_prot           ?     ? ? ? 'X-RAY DIFFRACTION' ? 
x_angle_d               ?     ? ? ? 'X-RAY DIFFRACTION' ? 
x_angle_d_na            ?     ? ? ? 'X-RAY DIFFRACTION' ? 
x_angle_d_prot          ?     ? ? ? 'X-RAY DIFFRACTION' ? 
x_angle_deg             2.0   ? ? ? 'X-RAY DIFFRACTION' ? 
x_angle_deg_na          ?     ? ? ? 'X-RAY DIFFRACTION' ? 
x_angle_deg_prot        ?     ? ? ? 'X-RAY DIFFRACTION' ? 
x_dihedral_angle_d      24.5  ? ? ? 'X-RAY DIFFRACTION' ? 
x_dihedral_angle_d_na   ?     ? ? ? 'X-RAY DIFFRACTION' ? 
x_dihedral_angle_d_prot ?     ? ? ? 'X-RAY DIFFRACTION' ? 
x_improper_angle_d      1.73  ? ? ? 'X-RAY DIFFRACTION' ? 
x_improper_angle_d_na   ?     ? ? ? 'X-RAY DIFFRACTION' ? 
x_improper_angle_d_prot ?     ? ? ? 'X-RAY DIFFRACTION' ? 
x_mcbond_it             ?     ? ? ? 'X-RAY DIFFRACTION' ? 
x_mcangle_it            ?     ? ? ? 'X-RAY DIFFRACTION' ? 
x_scbond_it             ?     ? ? ? 'X-RAY DIFFRACTION' ? 
x_scangle_it            ?     ? ? ? 'X-RAY DIFFRACTION' ? 
# 
loop_
_pdbx_xplor_file.serial_no 
_pdbx_xplor_file.param_file 
_pdbx_xplor_file.topol_file 
_pdbx_xplor_file.pdbx_refine_id 
1 PARHCSDX.PRO TOPHCSDX.PRO 'X-RAY DIFFRACTION' 
2 ?            ?            'X-RAY DIFFRACTION' 
# 
_struct.entry_id                  1AF5 
_struct.title                     'GROUP I MOBILE INTRON ENDONUCLEASE' 
_struct.pdbx_model_details        ? 
_struct.pdbx_CASP_flag            ? 
_struct.pdbx_model_type_details   ? 
# 
_struct_keywords.entry_id        1AF5 
_struct_keywords.pdbx_keywords   ENDONUCLEASE 
_struct_keywords.text            'ENDONUCLEASE, GROUP I MOBILE INTRON, INTRON HOMING, CHLOROPLAST DNA, LAGLIDADG MOTIF' 
# 
loop_
_struct_asym.id 
_struct_asym.pdbx_blank_PDB_chainid_flag 
_struct_asym.pdbx_modified 
_struct_asym.entity_id 
_struct_asym.details 
A N N 1 ? 
B N N 2 ? 
# 
_struct_ref.id                         1 
_struct_ref.db_name                    UNP 
_struct_ref.db_code                    DNE1_CHLRE 
_struct_ref.pdbx_db_accession          P05725 
_struct_ref.entity_id                  1 
_struct_ref.pdbx_align_begin           4 
_struct_ref.pdbx_db_isoform            ? 
_struct_ref.pdbx_seq_one_letter_code   ? 
# 
_struct_ref_seq.align_id                      1 
_struct_ref_seq.ref_id                        1 
_struct_ref_seq.pdbx_PDB_id_code              1AF5 
_struct_ref_seq.pdbx_strand_id                A 
_struct_ref_seq.seq_align_beg                 1 
_struct_ref_seq.pdbx_seq_align_beg_ins_code   ? 
_struct_ref_seq.seq_align_end                 135 
_struct_ref_seq.pdbx_seq_align_end_ins_code   ? 
_struct_ref_seq.pdbx_db_accession             P05725 
_struct_ref_seq.db_align_beg                  4 
_struct_ref_seq.pdbx_db_align_beg_ins_code    ? 
_struct_ref_seq.db_align_end                  138 
_struct_ref_seq.pdbx_db_align_end_ins_code    ? 
_struct_ref_seq.pdbx_auth_seq_align_beg       4 
_struct_ref_seq.pdbx_auth_seq_align_end       138 
# 
loop_
_struct_ref_seq_dif.align_id 
_struct_ref_seq_dif.pdbx_pdb_id_code 
_struct_ref_seq_dif.mon_id 
_struct_ref_seq_dif.pdbx_pdb_strand_id 
_struct_ref_seq_dif.seq_num 
_struct_ref_seq_dif.pdbx_pdb_ins_code 
_struct_ref_seq_dif.pdbx_seq_db_name 
_struct_ref_seq_dif.pdbx_seq_db_accession_code 
_struct_ref_seq_dif.db_mon_id 
_struct_ref_seq_dif.pdbx_seq_db_seq_num 
_struct_ref_seq_dif.details 
_struct_ref_seq_dif.pdbx_auth_seq_num 
_struct_ref_seq_dif.pdbx_ordinal 
1 1AF5 THR A 39  ? UNP P05725 ALA 42  conflict              42  1 
1 1AF5 GLY A 53  ? UNP P05725 ASP 56  'engineered mutation' 56  2 
1 1AF5 GLU A 107 ? UNP P05725 TRP 110 conflict              110 3 
1 1AF5 GLN A 108 ? UNP P05725 ARG 111 conflict              111 4 
# 
_pdbx_struct_assembly.id                   1 
_pdbx_struct_assembly.details              author_defined_assembly 
_pdbx_struct_assembly.method_details       ? 
_pdbx_struct_assembly.oligomeric_details   dimeric 
_pdbx_struct_assembly.oligomeric_count     2 
# 
_pdbx_struct_assembly_gen.assembly_id       1 
_pdbx_struct_assembly_gen.oper_expression   1,2 
_pdbx_struct_assembly_gen.asym_id_list      A,B 
# 
loop_
_pdbx_struct_oper_list.id 
_pdbx_struct_oper_list.type 
_pdbx_struct_oper_list.name 
_pdbx_struct_oper_list.symmetry_operation 
_pdbx_struct_oper_list.matrix[1][1] 
_pdbx_struct_oper_list.matrix[1][2] 
_pdbx_struct_oper_list.matrix[1][3] 
_pdbx_struct_oper_list.vector[1] 
_pdbx_struct_oper_list.matrix[2][1] 
_pdbx_struct_oper_list.matrix[2][2] 
_pdbx_struct_oper_list.matrix[2][3] 
_pdbx_struct_oper_list.vector[2] 
_pdbx_struct_oper_list.matrix[3][1] 
_pdbx_struct_oper_list.matrix[3][2] 
_pdbx_struct_oper_list.matrix[3][3] 
_pdbx_struct_oper_list.vector[3] 
1 'identity operation'         1_555 x,y,z        1.0000000000  0.0000000000 0.0000000000 0.0000000000 0.0000000000 1.0000000000  0.0000000000 0.0000000000   0.0000000000 0.0000000000 1.0000000000  0.0000000000  
2 'crystal symmetry operation' 6_556 -x,-x+y,-z+1 -0.3915560609 0.5758022031 0.7177295271 0.7844054222 0.5758022031 -0.4550883725 0.6792248494 -22.8260320760 0.7177295271 0.6792248494 -0.1533555666 17.6473342020 
# 
_struct_biol.id   1 
# 
loop_
_struct_conf.conf_type_id 
_struct_conf.id 
_struct_conf.pdbx_PDB_helix_id 
_struct_conf.beg_label_comp_id 
_struct_conf.beg_label_asym_id 
_struct_conf.beg_label_seq_id 
_struct_conf.pdbx_beg_PDB_ins_code 
_struct_conf.end_label_comp_id 
_struct_conf.end_label_asym_id 
_struct_conf.end_label_seq_id 
_struct_conf.pdbx_end_PDB_ins_code 
_struct_conf.beg_auth_comp_id 
_struct_conf.beg_auth_asym_id 
_struct_conf.beg_auth_seq_id 
_struct_conf.end_auth_comp_id 
_struct_conf.end_auth_asym_id 
_struct_conf.end_auth_seq_id 
_struct_conf.pdbx_PDB_helix_class 
_struct_conf.details 
_struct_conf.pdbx_PDB_helix_length 
HELX_P HELX_P1 1 LEU A 7   ? GLY A 16  ? LEU A 10  GLY A 19  1 ? 10 
HELX_P HELX_P2 2 THR A 46  ? ARG A 48  ? THR A 49  ARG A 51  5 ? 3  
HELX_P HELX_P3 3 TRP A 50  ? ILE A 59  ? TRP A 53  ILE A 62  1 ? 10 
HELX_P HELX_P4 4 ILE A 78  ? PHE A 91  ? ILE A 81  PHE A 94  1 ? 14 
HELX_P HELX_P5 5 GLN A 98  ? ILE A 105 ? GLN A 101 ILE A 108 1 ? 8  
HELX_P HELX_P6 6 TRP A 125 ? GLN A 128 ? TRP A 128 GLN A 131 1 ? 4  
# 
_struct_conf_type.id          HELX_P 
_struct_conf_type.criteria    ? 
_struct_conf_type.reference   ? 
# 
loop_
_struct_sheet.id 
_struct_sheet.type 
_struct_sheet.number_strands 
_struct_sheet.details 
A ? 2 ? 
B ? 2 ? 
# 
loop_
_struct_sheet_order.sheet_id 
_struct_sheet_order.range_id_1 
_struct_sheet_order.range_id_2 
_struct_sheet_order.offset 
_struct_sheet_order.sense 
A 1 2 ? anti-parallel 
B 1 2 ? anti-parallel 
# 
loop_
_struct_sheet_range.sheet_id 
_struct_sheet_range.id 
_struct_sheet_range.beg_label_comp_id 
_struct_sheet_range.beg_label_asym_id 
_struct_sheet_range.beg_label_seq_id 
_struct_sheet_range.pdbx_beg_PDB_ins_code 
_struct_sheet_range.end_label_comp_id 
_struct_sheet_range.end_label_asym_id 
_struct_sheet_range.end_label_seq_id 
_struct_sheet_range.pdbx_end_PDB_ins_code 
_struct_sheet_range.beg_auth_comp_id 
_struct_sheet_range.beg_auth_asym_id 
_struct_sheet_range.beg_auth_seq_id 
_struct_sheet_range.end_auth_comp_id 
_struct_sheet_range.end_auth_asym_id 
_struct_sheet_range.end_auth_seq_id 
A 1 SER A 19 ? LYS A 25 ? SER A 22 LYS A 28 
A 2 GLN A 35 ? GLN A 41 ? GLN A 38 GLN A 44 
B 1 TYR A 63 ? ARG A 67 ? TYR A 66 ARG A 70 
B 2 VAL A 70 ? ILE A 74 ? VAL A 73 ILE A 77 
# 
loop_
_pdbx_struct_sheet_hbond.sheet_id 
_pdbx_struct_sheet_hbond.range_id_1 
_pdbx_struct_sheet_hbond.range_id_2 
_pdbx_struct_sheet_hbond.range_1_label_atom_id 
_pdbx_struct_sheet_hbond.range_1_label_comp_id 
_pdbx_struct_sheet_hbond.range_1_label_asym_id 
_pdbx_struct_sheet_hbond.range_1_label_seq_id 
_pdbx_struct_sheet_hbond.range_1_PDB_ins_code 
_pdbx_struct_sheet_hbond.range_1_auth_atom_id 
_pdbx_struct_sheet_hbond.range_1_auth_comp_id 
_pdbx_struct_sheet_hbond.range_1_auth_asym_id 
_pdbx_struct_sheet_hbond.range_1_auth_seq_id 
_pdbx_struct_sheet_hbond.range_2_label_atom_id 
_pdbx_struct_sheet_hbond.range_2_label_comp_id 
_pdbx_struct_sheet_hbond.range_2_label_asym_id 
_pdbx_struct_sheet_hbond.range_2_label_seq_id 
_pdbx_struct_sheet_hbond.range_2_PDB_ins_code 
_pdbx_struct_sheet_hbond.range_2_auth_atom_id 
_pdbx_struct_sheet_hbond.range_2_auth_comp_id 
_pdbx_struct_sheet_hbond.range_2_auth_asym_id 
_pdbx_struct_sheet_hbond.range_2_auth_seq_id 
A 1 2 O SER A 19 ? O SER A 22 N GLN A 41 ? N GLN A 44 
B 1 2 O TYR A 63 ? O TYR A 66 N ILE A 74 ? N ILE A 77 
# 
_pdbx_validate_rmsd_angle.id                         1 
_pdbx_validate_rmsd_angle.PDB_model_num              1 
_pdbx_validate_rmsd_angle.auth_atom_id_1             CA 
_pdbx_validate_rmsd_angle.auth_asym_id_1             A 
_pdbx_validate_rmsd_angle.auth_comp_id_1             CYS 
_pdbx_validate_rmsd_angle.auth_seq_id_1              126 
_pdbx_validate_rmsd_angle.PDB_ins_code_1             ? 
_pdbx_validate_rmsd_angle.label_alt_id_1             ? 
_pdbx_validate_rmsd_angle.auth_atom_id_2             CB 
_pdbx_validate_rmsd_angle.auth_asym_id_2             A 
_pdbx_validate_rmsd_angle.auth_comp_id_2             CYS 
_pdbx_validate_rmsd_angle.auth_seq_id_2              126 
_pdbx_validate_rmsd_angle.PDB_ins_code_2             ? 
_pdbx_validate_rmsd_angle.label_alt_id_2             ? 
_pdbx_validate_rmsd_angle.auth_atom_id_3             SG 
_pdbx_validate_rmsd_angle.auth_asym_id_3             A 
_pdbx_validate_rmsd_angle.auth_comp_id_3             CYS 
_pdbx_validate_rmsd_angle.auth_seq_id_3              126 
_pdbx_validate_rmsd_angle.PDB_ins_code_3             ? 
_pdbx_validate_rmsd_angle.label_alt_id_3             ? 
_pdbx_validate_rmsd_angle.angle_value                121.37 
_pdbx_validate_rmsd_angle.angle_target_value         114.20 
_pdbx_validate_rmsd_angle.angle_deviation            7.17 
_pdbx_validate_rmsd_angle.angle_standard_deviation   1.10 
_pdbx_validate_rmsd_angle.linker_flag                N 
# 
loop_
_pdbx_validate_torsion.id 
_pdbx_validate_torsion.PDB_model_num 
_pdbx_validate_torsion.auth_comp_id 
_pdbx_validate_torsion.auth_asym_id 
_pdbx_validate_torsion.auth_seq_id 
_pdbx_validate_torsion.PDB_ins_code 
_pdbx_validate_torsion.label_alt_id 
_pdbx_validate_torsion.phi 
_pdbx_validate_torsion.psi 
1  1 ASN A 6   ? ? -134.77 -75.99  
2  1 LYS A 7   ? ? 63.69   -35.90  
3  1 ILE A 23  ? ? -107.33 52.54   
4  1 SER A 32  ? ? 168.85  -125.22 
5  1 TYR A 33  ? ? -144.79 -40.45  
6  1 LYS A 34  ? ? -86.34  -112.13 
7  1 PHE A 35  ? ? -67.75  92.46   
8  1 LYS A 36  ? ? -122.73 -159.63 
9  1 GLN A 38  ? ? -169.35 117.22  
10 1 LEU A 78  ? ? -57.50  -71.66  
11 1 SER A 79  ? ? 89.88   121.31  
12 1 GLU A 80  ? ? 44.21   134.57  
13 1 ILE A 81  ? ? -5.68   -44.49  
14 1 LYS A 82  ? ? -47.32  -72.15  
15 1 PHE A 87  ? ? -73.28  -70.67  
16 1 GLN A 92  ? ? -14.26  -58.00  
17 1 PRO A 93  ? ? -58.70  -6.05   
18 1 LEU A 95  ? ? -29.18  -103.82 
19 1 LYS A 96  ? ? 76.59   -101.70 
20 1 LEU A 97  ? ? -77.48  -91.37  
21 1 ILE A 109 ? ? -59.66  15.41   
22 1 GLN A 111 ? ? 29.68   70.57   
23 1 LEU A 112 ? ? -117.00 69.56   
24 1 GLU A 124 ? ? 69.37   -14.22  
25 1 ILE A 132 ? ? -82.65  44.50   
26 1 ALA A 134 ? ? -97.23  56.88   
# 
loop_
_pdbx_unobs_or_zero_occ_residues.id 
_pdbx_unobs_or_zero_occ_residues.PDB_model_num 
_pdbx_unobs_or_zero_occ_residues.polymer_flag 
_pdbx_unobs_or_zero_occ_residues.occupancy_flag 
_pdbx_unobs_or_zero_occ_residues.auth_asym_id 
_pdbx_unobs_or_zero_occ_residues.auth_comp_id 
_pdbx_unobs_or_zero_occ_residues.auth_seq_id 
_pdbx_unobs_or_zero_occ_residues.PDB_ins_code 
_pdbx_unobs_or_zero_occ_residues.label_asym_id 
_pdbx_unobs_or_zero_occ_residues.label_comp_id 
_pdbx_unobs_or_zero_occ_residues.label_seq_id 
1 1 Y 1 A SER 114 ? A SER 111 
2 1 Y 1 A ALA 115 ? A ALA 112 
3 1 Y 1 A LYS 116 ? A LYS 113 
4 1 Y 1 A GLU 117 ? A GLU 114 
5 1 Y 1 A SER 118 ? A SER 115 
6 1 Y 1 A PRO 119 ? A PRO 116 
7 1 Y 1 A ASP 120 ? A ASP 117 
8 1 Y 1 A LYS 121 ? A LYS 118 
9 1 Y 1 A PHE 122 ? A PHE 119 
# 
loop_
_chem_comp_atom.comp_id 
_chem_comp_atom.atom_id 
_chem_comp_atom.type_symbol 
_chem_comp_atom.pdbx_aromatic_flag 
_chem_comp_atom.pdbx_stereo_config 
_chem_comp_atom.pdbx_ordinal 
ALA N    N N N 1   
ALA CA   C N S 2   
ALA C    C N N 3   
ALA O    O N N 4   
ALA CB   C N N 5   
ALA OXT  O N N 6   
ALA H    H N N 7   
ALA H2   H N N 8   
ALA HA   H N N 9   
ALA HB1  H N N 10  
ALA HB2  H N N 11  
ALA HB3  H N N 12  
ALA HXT  H N N 13  
ARG N    N N N 14  
ARG CA   C N S 15  
ARG C    C N N 16  
ARG O    O N N 17  
ARG CB   C N N 18  
ARG CG   C N N 19  
ARG CD   C N N 20  
ARG NE   N N N 21  
ARG CZ   C N N 22  
ARG NH1  N N N 23  
ARG NH2  N N N 24  
ARG OXT  O N N 25  
ARG H    H N N 26  
ARG H2   H N N 27  
ARG HA   H N N 28  
ARG HB2  H N N 29  
ARG HB3  H N N 30  
ARG HG2  H N N 31  
ARG HG3  H N N 32  
ARG HD2  H N N 33  
ARG HD3  H N N 34  
ARG HE   H N N 35  
ARG HH11 H N N 36  
ARG HH12 H N N 37  
ARG HH21 H N N 38  
ARG HH22 H N N 39  
ARG HXT  H N N 40  
ASN N    N N N 41  
ASN CA   C N S 42  
ASN C    C N N 43  
ASN O    O N N 44  
ASN CB   C N N 45  
ASN CG   C N N 46  
ASN OD1  O N N 47  
ASN ND2  N N N 48  
ASN OXT  O N N 49  
ASN H    H N N 50  
ASN H2   H N N 51  
ASN HA   H N N 52  
ASN HB2  H N N 53  
ASN HB3  H N N 54  
ASN HD21 H N N 55  
ASN HD22 H N N 56  
ASN HXT  H N N 57  
ASP N    N N N 58  
ASP CA   C N S 59  
ASP C    C N N 60  
ASP O    O N N 61  
ASP CB   C N N 62  
ASP CG   C N N 63  
ASP OD1  O N N 64  
ASP OD2  O N N 65  
ASP OXT  O N N 66  
ASP H    H N N 67  
ASP H2   H N N 68  
ASP HA   H N N 69  
ASP HB2  H N N 70  
ASP HB3  H N N 71  
ASP HD2  H N N 72  
ASP HXT  H N N 73  
CYS N    N N N 74  
CYS CA   C N R 75  
CYS C    C N N 76  
CYS O    O N N 77  
CYS CB   C N N 78  
CYS SG   S N N 79  
CYS OXT  O N N 80  
CYS H    H N N 81  
CYS H2   H N N 82  
CYS HA   H N N 83  
CYS HB2  H N N 84  
CYS HB3  H N N 85  
CYS HG   H N N 86  
CYS HXT  H N N 87  
GLN N    N N N 88  
GLN CA   C N S 89  
GLN C    C N N 90  
GLN O    O N N 91  
GLN CB   C N N 92  
GLN CG   C N N 93  
GLN CD   C N N 94  
GLN OE1  O N N 95  
GLN NE2  N N N 96  
GLN OXT  O N N 97  
GLN H    H N N 98  
GLN H2   H N N 99  
GLN HA   H N N 100 
GLN HB2  H N N 101 
GLN HB3  H N N 102 
GLN HG2  H N N 103 
GLN HG3  H N N 104 
GLN HE21 H N N 105 
GLN HE22 H N N 106 
GLN HXT  H N N 107 
GLU N    N N N 108 
GLU CA   C N S 109 
GLU C    C N N 110 
GLU O    O N N 111 
GLU CB   C N N 112 
GLU CG   C N N 113 
GLU CD   C N N 114 
GLU OE1  O N N 115 
GLU OE2  O N N 116 
GLU OXT  O N N 117 
GLU H    H N N 118 
GLU H2   H N N 119 
GLU HA   H N N 120 
GLU HB2  H N N 121 
GLU HB3  H N N 122 
GLU HG2  H N N 123 
GLU HG3  H N N 124 
GLU HE2  H N N 125 
GLU HXT  H N N 126 
GLY N    N N N 127 
GLY CA   C N N 128 
GLY C    C N N 129 
GLY O    O N N 130 
GLY OXT  O N N 131 
GLY H    H N N 132 
GLY H2   H N N 133 
GLY HA2  H N N 134 
GLY HA3  H N N 135 
GLY HXT  H N N 136 
HIS N    N N N 137 
HIS CA   C N S 138 
HIS C    C N N 139 
HIS O    O N N 140 
HIS CB   C N N 141 
HIS CG   C Y N 142 
HIS ND1  N Y N 143 
HIS CD2  C Y N 144 
HIS CE1  C Y N 145 
HIS NE2  N Y N 146 
HIS OXT  O N N 147 
HIS H    H N N 148 
HIS H2   H N N 149 
HIS HA   H N N 150 
HIS HB2  H N N 151 
HIS HB3  H N N 152 
HIS HD1  H N N 153 
HIS HD2  H N N 154 
HIS HE1  H N N 155 
HIS HE2  H N N 156 
HIS HXT  H N N 157 
HOH O    O N N 158 
HOH H1   H N N 159 
HOH H2   H N N 160 
ILE N    N N N 161 
ILE CA   C N S 162 
ILE C    C N N 163 
ILE O    O N N 164 
ILE CB   C N S 165 
ILE CG1  C N N 166 
ILE CG2  C N N 167 
ILE CD1  C N N 168 
ILE OXT  O N N 169 
ILE H    H N N 170 
ILE H2   H N N 171 
ILE HA   H N N 172 
ILE HB   H N N 173 
ILE HG12 H N N 174 
ILE HG13 H N N 175 
ILE HG21 H N N 176 
ILE HG22 H N N 177 
ILE HG23 H N N 178 
ILE HD11 H N N 179 
ILE HD12 H N N 180 
ILE HD13 H N N 181 
ILE HXT  H N N 182 
LEU N    N N N 183 
LEU CA   C N S 184 
LEU C    C N N 185 
LEU O    O N N 186 
LEU CB   C N N 187 
LEU CG   C N N 188 
LEU CD1  C N N 189 
LEU CD2  C N N 190 
LEU OXT  O N N 191 
LEU H    H N N 192 
LEU H2   H N N 193 
LEU HA   H N N 194 
LEU HB2  H N N 195 
LEU HB3  H N N 196 
LEU HG   H N N 197 
LEU HD11 H N N 198 
LEU HD12 H N N 199 
LEU HD13 H N N 200 
LEU HD21 H N N 201 
LEU HD22 H N N 202 
LEU HD23 H N N 203 
LEU HXT  H N N 204 
LYS N    N N N 205 
LYS CA   C N S 206 
LYS C    C N N 207 
LYS O    O N N 208 
LYS CB   C N N 209 
LYS CG   C N N 210 
LYS CD   C N N 211 
LYS CE   C N N 212 
LYS NZ   N N N 213 
LYS OXT  O N N 214 
LYS H    H N N 215 
LYS H2   H N N 216 
LYS HA   H N N 217 
LYS HB2  H N N 218 
LYS HB3  H N N 219 
LYS HG2  H N N 220 
LYS HG3  H N N 221 
LYS HD2  H N N 222 
LYS HD3  H N N 223 
LYS HE2  H N N 224 
LYS HE3  H N N 225 
LYS HZ1  H N N 226 
LYS HZ2  H N N 227 
LYS HZ3  H N N 228 
LYS HXT  H N N 229 
PHE N    N N N 230 
PHE CA   C N S 231 
PHE C    C N N 232 
PHE O    O N N 233 
PHE CB   C N N 234 
PHE CG   C Y N 235 
PHE CD1  C Y N 236 
PHE CD2  C Y N 237 
PHE CE1  C Y N 238 
PHE CE2  C Y N 239 
PHE CZ   C Y N 240 
PHE OXT  O N N 241 
PHE H    H N N 242 
PHE H2   H N N 243 
PHE HA   H N N 244 
PHE HB2  H N N 245 
PHE HB3  H N N 246 
PHE HD1  H N N 247 
PHE HD2  H N N 248 
PHE HE1  H N N 249 
PHE HE2  H N N 250 
PHE HZ   H N N 251 
PHE HXT  H N N 252 
PRO N    N N N 253 
PRO CA   C N S 254 
PRO C    C N N 255 
PRO O    O N N 256 
PRO CB   C N N 257 
PRO CG   C N N 258 
PRO CD   C N N 259 
PRO OXT  O N N 260 
PRO H    H N N 261 
PRO HA   H N N 262 
PRO HB2  H N N 263 
PRO HB3  H N N 264 
PRO HG2  H N N 265 
PRO HG3  H N N 266 
PRO HD2  H N N 267 
PRO HD3  H N N 268 
PRO HXT  H N N 269 
SER N    N N N 270 
SER CA   C N S 271 
SER C    C N N 272 
SER O    O N N 273 
SER CB   C N N 274 
SER OG   O N N 275 
SER OXT  O N N 276 
SER H    H N N 277 
SER H2   H N N 278 
SER HA   H N N 279 
SER HB2  H N N 280 
SER HB3  H N N 281 
SER HG   H N N 282 
SER HXT  H N N 283 
THR N    N N N 284 
THR CA   C N S 285 
THR C    C N N 286 
THR O    O N N 287 
THR CB   C N R 288 
THR OG1  O N N 289 
THR CG2  C N N 290 
THR OXT  O N N 291 
THR H    H N N 292 
THR H2   H N N 293 
THR HA   H N N 294 
THR HB   H N N 295 
THR HG1  H N N 296 
THR HG21 H N N 297 
THR HG22 H N N 298 
THR HG23 H N N 299 
THR HXT  H N N 300 
TRP N    N N N 301 
TRP CA   C N S 302 
TRP C    C N N 303 
TRP O    O N N 304 
TRP CB   C N N 305 
TRP CG   C Y N 306 
TRP CD1  C Y N 307 
TRP CD2  C Y N 308 
TRP NE1  N Y N 309 
TRP CE2  C Y N 310 
TRP CE3  C Y N 311 
TRP CZ2  C Y N 312 
TRP CZ3  C Y N 313 
TRP CH2  C Y N 314 
TRP OXT  O N N 315 
TRP H    H N N 316 
TRP H2   H N N 317 
TRP HA   H N N 318 
TRP HB2  H N N 319 
TRP HB3  H N N 320 
TRP HD1  H N N 321 
TRP HE1  H N N 322 
TRP HE3  H N N 323 
TRP HZ2  H N N 324 
TRP HZ3  H N N 325 
TRP HH2  H N N 326 
TRP HXT  H N N 327 
TYR N    N N N 328 
TYR CA   C N S 329 
TYR C    C N N 330 
TYR O    O N N 331 
TYR CB   C N N 332 
TYR CG   C Y N 333 
TYR CD1  C Y N 334 
TYR CD2  C Y N 335 
TYR CE1  C Y N 336 
TYR CE2  C Y N 337 
TYR CZ   C Y N 338 
TYR OH   O N N 339 
TYR OXT  O N N 340 
TYR H    H N N 341 
TYR H2   H N N 342 
TYR HA   H N N 343 
TYR HB2  H N N 344 
TYR HB3  H N N 345 
TYR HD1  H N N 346 
TYR HD2  H N N 347 
TYR HE1  H N N 348 
TYR HE2  H N N 349 
TYR HH   H N N 350 
TYR HXT  H N N 351 
VAL N    N N N 352 
VAL CA   C N S 353 
VAL C    C N N 354 
VAL O    O N N 355 
VAL CB   C N N 356 
VAL CG1  C N N 357 
VAL CG2  C N N 358 
VAL OXT  O N N 359 
VAL H    H N N 360 
VAL H2   H N N 361 
VAL HA   H N N 362 
VAL HB   H N N 363 
VAL HG11 H N N 364 
VAL HG12 H N N 365 
VAL HG13 H N N 366 
VAL HG21 H N N 367 
VAL HG22 H N N 368 
VAL HG23 H N N 369 
VAL HXT  H N N 370 
# 
loop_
_chem_comp_bond.comp_id 
_chem_comp_bond.atom_id_1 
_chem_comp_bond.atom_id_2 
_chem_comp_bond.value_order 
_chem_comp_bond.pdbx_aromatic_flag 
_chem_comp_bond.pdbx_stereo_config 
_chem_comp_bond.pdbx_ordinal 
ALA N   CA   sing N N 1   
ALA N   H    sing N N 2   
ALA N   H2   sing N N 3   
ALA CA  C    sing N N 4   
ALA CA  CB   sing N N 5   
ALA CA  HA   sing N N 6   
ALA C   O    doub N N 7   
ALA C   OXT  sing N N 8   
ALA CB  HB1  sing N N 9   
ALA CB  HB2  sing N N 10  
ALA CB  HB3  sing N N 11  
ALA OXT HXT  sing N N 12  
ARG N   CA   sing N N 13  
ARG N   H    sing N N 14  
ARG N   H2   sing N N 15  
ARG CA  C    sing N N 16  
ARG CA  CB   sing N N 17  
ARG CA  HA   sing N N 18  
ARG C   O    doub N N 19  
ARG C   OXT  sing N N 20  
ARG CB  CG   sing N N 21  
ARG CB  HB2  sing N N 22  
ARG CB  HB3  sing N N 23  
ARG CG  CD   sing N N 24  
ARG CG  HG2  sing N N 25  
ARG CG  HG3  sing N N 26  
ARG CD  NE   sing N N 27  
ARG CD  HD2  sing N N 28  
ARG CD  HD3  sing N N 29  
ARG NE  CZ   sing N N 30  
ARG NE  HE   sing N N 31  
ARG CZ  NH1  sing N N 32  
ARG CZ  NH2  doub N N 33  
ARG NH1 HH11 sing N N 34  
ARG NH1 HH12 sing N N 35  
ARG NH2 HH21 sing N N 36  
ARG NH2 HH22 sing N N 37  
ARG OXT HXT  sing N N 38  
ASN N   CA   sing N N 39  
ASN N   H    sing N N 40  
ASN N   H2   sing N N 41  
ASN CA  C    sing N N 42  
ASN CA  CB   sing N N 43  
ASN CA  HA   sing N N 44  
ASN C   O    doub N N 45  
ASN C   OXT  sing N N 46  
ASN CB  CG   sing N N 47  
ASN CB  HB2  sing N N 48  
ASN CB  HB3  sing N N 49  
ASN CG  OD1  doub N N 50  
ASN CG  ND2  sing N N 51  
ASN ND2 HD21 sing N N 52  
ASN ND2 HD22 sing N N 53  
ASN OXT HXT  sing N N 54  
ASP N   CA   sing N N 55  
ASP N   H    sing N N 56  
ASP N   H2   sing N N 57  
ASP CA  C    sing N N 58  
ASP CA  CB   sing N N 59  
ASP CA  HA   sing N N 60  
ASP C   O    doub N N 61  
ASP C   OXT  sing N N 62  
ASP CB  CG   sing N N 63  
ASP CB  HB2  sing N N 64  
ASP CB  HB3  sing N N 65  
ASP CG  OD1  doub N N 66  
ASP CG  OD2  sing N N 67  
ASP OD2 HD2  sing N N 68  
ASP OXT HXT  sing N N 69  
CYS N   CA   sing N N 70  
CYS N   H    sing N N 71  
CYS N   H2   sing N N 72  
CYS CA  C    sing N N 73  
CYS CA  CB   sing N N 74  
CYS CA  HA   sing N N 75  
CYS C   O    doub N N 76  
CYS C   OXT  sing N N 77  
CYS CB  SG   sing N N 78  
CYS CB  HB2  sing N N 79  
CYS CB  HB3  sing N N 80  
CYS SG  HG   sing N N 81  
CYS OXT HXT  sing N N 82  
GLN N   CA   sing N N 83  
GLN N   H    sing N N 84  
GLN N   H2   sing N N 85  
GLN CA  C    sing N N 86  
GLN CA  CB   sing N N 87  
GLN CA  HA   sing N N 88  
GLN C   O    doub N N 89  
GLN C   OXT  sing N N 90  
GLN CB  CG   sing N N 91  
GLN CB  HB2  sing N N 92  
GLN CB  HB3  sing N N 93  
GLN CG  CD   sing N N 94  
GLN CG  HG2  sing N N 95  
GLN CG  HG3  sing N N 96  
GLN CD  OE1  doub N N 97  
GLN CD  NE2  sing N N 98  
GLN NE2 HE21 sing N N 99  
GLN NE2 HE22 sing N N 100 
GLN OXT HXT  sing N N 101 
GLU N   CA   sing N N 102 
GLU N   H    sing N N 103 
GLU N   H2   sing N N 104 
GLU CA  C    sing N N 105 
GLU CA  CB   sing N N 106 
GLU CA  HA   sing N N 107 
GLU C   O    doub N N 108 
GLU C   OXT  sing N N 109 
GLU CB  CG   sing N N 110 
GLU CB  HB2  sing N N 111 
GLU CB  HB3  sing N N 112 
GLU CG  CD   sing N N 113 
GLU CG  HG2  sing N N 114 
GLU CG  HG3  sing N N 115 
GLU CD  OE1  doub N N 116 
GLU CD  OE2  sing N N 117 
GLU OE2 HE2  sing N N 118 
GLU OXT HXT  sing N N 119 
GLY N   CA   sing N N 120 
GLY N   H    sing N N 121 
GLY N   H2   sing N N 122 
GLY CA  C    sing N N 123 
GLY CA  HA2  sing N N 124 
GLY CA  HA3  sing N N 125 
GLY C   O    doub N N 126 
GLY C   OXT  sing N N 127 
GLY OXT HXT  sing N N 128 
HIS N   CA   sing N N 129 
HIS N   H    sing N N 130 
HIS N   H2   sing N N 131 
HIS CA  C    sing N N 132 
HIS CA  CB   sing N N 133 
HIS CA  HA   sing N N 134 
HIS C   O    doub N N 135 
HIS C   OXT  sing N N 136 
HIS CB  CG   sing N N 137 
HIS CB  HB2  sing N N 138 
HIS CB  HB3  sing N N 139 
HIS CG  ND1  sing Y N 140 
HIS CG  CD2  doub Y N 141 
HIS ND1 CE1  doub Y N 142 
HIS ND1 HD1  sing N N 143 
HIS CD2 NE2  sing Y N 144 
HIS CD2 HD2  sing N N 145 
HIS CE1 NE2  sing Y N 146 
HIS CE1 HE1  sing N N 147 
HIS NE2 HE2  sing N N 148 
HIS OXT HXT  sing N N 149 
HOH O   H1   sing N N 150 
HOH O   H2   sing N N 151 
ILE N   CA   sing N N 152 
ILE N   H    sing N N 153 
ILE N   H2   sing N N 154 
ILE CA  C    sing N N 155 
ILE CA  CB   sing N N 156 
ILE CA  HA   sing N N 157 
ILE C   O    doub N N 158 
ILE C   OXT  sing N N 159 
ILE CB  CG1  sing N N 160 
ILE CB  CG2  sing N N 161 
ILE CB  HB   sing N N 162 
ILE CG1 CD1  sing N N 163 
ILE CG1 HG12 sing N N 164 
ILE CG1 HG13 sing N N 165 
ILE CG2 HG21 sing N N 166 
ILE CG2 HG22 sing N N 167 
ILE CG2 HG23 sing N N 168 
ILE CD1 HD11 sing N N 169 
ILE CD1 HD12 sing N N 170 
ILE CD1 HD13 sing N N 171 
ILE OXT HXT  sing N N 172 
LEU N   CA   sing N N 173 
LEU N   H    sing N N 174 
LEU N   H2   sing N N 175 
LEU CA  C    sing N N 176 
LEU CA  CB   sing N N 177 
LEU CA  HA   sing N N 178 
LEU C   O    doub N N 179 
LEU C   OXT  sing N N 180 
LEU CB  CG   sing N N 181 
LEU CB  HB2  sing N N 182 
LEU CB  HB3  sing N N 183 
LEU CG  CD1  sing N N 184 
LEU CG  CD2  sing N N 185 
LEU CG  HG   sing N N 186 
LEU CD1 HD11 sing N N 187 
LEU CD1 HD12 sing N N 188 
LEU CD1 HD13 sing N N 189 
LEU CD2 HD21 sing N N 190 
LEU CD2 HD22 sing N N 191 
LEU CD2 HD23 sing N N 192 
LEU OXT HXT  sing N N 193 
LYS N   CA   sing N N 194 
LYS N   H    sing N N 195 
LYS N   H2   sing N N 196 
LYS CA  C    sing N N 197 
LYS CA  CB   sing N N 198 
LYS CA  HA   sing N N 199 
LYS C   O    doub N N 200 
LYS C   OXT  sing N N 201 
LYS CB  CG   sing N N 202 
LYS CB  HB2  sing N N 203 
LYS CB  HB3  sing N N 204 
LYS CG  CD   sing N N 205 
LYS CG  HG2  sing N N 206 
LYS CG  HG3  sing N N 207 
LYS CD  CE   sing N N 208 
LYS CD  HD2  sing N N 209 
LYS CD  HD3  sing N N 210 
LYS CE  NZ   sing N N 211 
LYS CE  HE2  sing N N 212 
LYS CE  HE3  sing N N 213 
LYS NZ  HZ1  sing N N 214 
LYS NZ  HZ2  sing N N 215 
LYS NZ  HZ3  sing N N 216 
LYS OXT HXT  sing N N 217 
PHE N   CA   sing N N 218 
PHE N   H    sing N N 219 
PHE N   H2   sing N N 220 
PHE CA  C    sing N N 221 
PHE CA  CB   sing N N 222 
PHE CA  HA   sing N N 223 
PHE C   O    doub N N 224 
PHE C   OXT  sing N N 225 
PHE CB  CG   sing N N 226 
PHE CB  HB2  sing N N 227 
PHE CB  HB3  sing N N 228 
PHE CG  CD1  doub Y N 229 
PHE CG  CD2  sing Y N 230 
PHE CD1 CE1  sing Y N 231 
PHE CD1 HD1  sing N N 232 
PHE CD2 CE2  doub Y N 233 
PHE CD2 HD2  sing N N 234 
PHE CE1 CZ   doub Y N 235 
PHE CE1 HE1  sing N N 236 
PHE CE2 CZ   sing Y N 237 
PHE CE2 HE2  sing N N 238 
PHE CZ  HZ   sing N N 239 
PHE OXT HXT  sing N N 240 
PRO N   CA   sing N N 241 
PRO N   CD   sing N N 242 
PRO N   H    sing N N 243 
PRO CA  C    sing N N 244 
PRO CA  CB   sing N N 245 
PRO CA  HA   sing N N 246 
PRO C   O    doub N N 247 
PRO C   OXT  sing N N 248 
PRO CB  CG   sing N N 249 
PRO CB  HB2  sing N N 250 
PRO CB  HB3  sing N N 251 
PRO CG  CD   sing N N 252 
PRO CG  HG2  sing N N 253 
PRO CG  HG3  sing N N 254 
PRO CD  HD2  sing N N 255 
PRO CD  HD3  sing N N 256 
PRO OXT HXT  sing N N 257 
SER N   CA   sing N N 258 
SER N   H    sing N N 259 
SER N   H2   sing N N 260 
SER CA  C    sing N N 261 
SER CA  CB   sing N N 262 
SER CA  HA   sing N N 263 
SER C   O    doub N N 264 
SER C   OXT  sing N N 265 
SER CB  OG   sing N N 266 
SER CB  HB2  sing N N 267 
SER CB  HB3  sing N N 268 
SER OG  HG   sing N N 269 
SER OXT HXT  sing N N 270 
THR N   CA   sing N N 271 
THR N   H    sing N N 272 
THR N   H2   sing N N 273 
THR CA  C    sing N N 274 
THR CA  CB   sing N N 275 
THR CA  HA   sing N N 276 
THR C   O    doub N N 277 
THR C   OXT  sing N N 278 
THR CB  OG1  sing N N 279 
THR CB  CG2  sing N N 280 
THR CB  HB   sing N N 281 
THR OG1 HG1  sing N N 282 
THR CG2 HG21 sing N N 283 
THR CG2 HG22 sing N N 284 
THR CG2 HG23 sing N N 285 
THR OXT HXT  sing N N 286 
TRP N   CA   sing N N 287 
TRP N   H    sing N N 288 
TRP N   H2   sing N N 289 
TRP CA  C    sing N N 290 
TRP CA  CB   sing N N 291 
TRP CA  HA   sing N N 292 
TRP C   O    doub N N 293 
TRP C   OXT  sing N N 294 
TRP CB  CG   sing N N 295 
TRP CB  HB2  sing N N 296 
TRP CB  HB3  sing N N 297 
TRP CG  CD1  doub Y N 298 
TRP CG  CD2  sing Y N 299 
TRP CD1 NE1  sing Y N 300 
TRP CD1 HD1  sing N N 301 
TRP CD2 CE2  doub Y N 302 
TRP CD2 CE3  sing Y N 303 
TRP NE1 CE2  sing Y N 304 
TRP NE1 HE1  sing N N 305 
TRP CE2 CZ2  sing Y N 306 
TRP CE3 CZ3  doub Y N 307 
TRP CE3 HE3  sing N N 308 
TRP CZ2 CH2  doub Y N 309 
TRP CZ2 HZ2  sing N N 310 
TRP CZ3 CH2  sing Y N 311 
TRP CZ3 HZ3  sing N N 312 
TRP CH2 HH2  sing N N 313 
TRP OXT HXT  sing N N 314 
TYR N   CA   sing N N 315 
TYR N   H    sing N N 316 
TYR N   H2   sing N N 317 
TYR CA  C    sing N N 318 
TYR CA  CB   sing N N 319 
TYR CA  HA   sing N N 320 
TYR C   O    doub N N 321 
TYR C   OXT  sing N N 322 
TYR CB  CG   sing N N 323 
TYR CB  HB2  sing N N 324 
TYR CB  HB3  sing N N 325 
TYR CG  CD1  doub Y N 326 
TYR CG  CD2  sing Y N 327 
TYR CD1 CE1  sing Y N 328 
TYR CD1 HD1  sing N N 329 
TYR CD2 CE2  doub Y N 330 
TYR CD2 HD2  sing N N 331 
TYR CE1 CZ   doub Y N 332 
TYR CE1 HE1  sing N N 333 
TYR CE2 CZ   sing Y N 334 
TYR CE2 HE2  sing N N 335 
TYR CZ  OH   sing N N 336 
TYR OH  HH   sing N N 337 
TYR OXT HXT  sing N N 338 
VAL N   CA   sing N N 339 
VAL N   H    sing N N 340 
VAL N   H2   sing N N 341 
VAL CA  C    sing N N 342 
VAL CA  CB   sing N N 343 
VAL CA  HA   sing N N 344 
VAL C   O    doub N N 345 
VAL C   OXT  sing N N 346 
VAL CB  CG1  sing N N 347 
VAL CB  CG2  sing N N 348 
VAL CB  HB   sing N N 349 
VAL CG1 HG11 sing N N 350 
VAL CG1 HG12 sing N N 351 
VAL CG1 HG13 sing N N 352 
VAL CG2 HG21 sing N N 353 
VAL CG2 HG22 sing N N 354 
VAL CG2 HG23 sing N N 355 
VAL OXT HXT  sing N N 356 
# 
_atom_sites.entry_id                    1AF5 
_atom_sites.fract_transf_matrix[1][1]   -0.01055097 
_atom_sites.fract_transf_matrix[1][2]   0.01030842 
_atom_sites.fract_transf_matrix[1][3]   0.00067464 
_atom_sites.fract_transf_matrix[2][1]   -0.01232868 
_atom_sites.fract_transf_matrix[2][2]   -0.00152076 
_atom_sites.fract_transf_matrix[2][3]   -0.00798284 
_atom_sites.fract_transf_matrix[3][1]   -0.00638530 
_atom_sites.fract_transf_matrix[3][2]   -0.00727159 
_atom_sites.fract_transf_matrix[3][3]   0.01124671 
_atom_sites.fract_transf_vector[1]      0.115831 
_atom_sites.fract_transf_vector[2]      0.469102 
_atom_sites.fract_transf_vector[3]      0.320283 
# 
loop_
_atom_type.symbol 
C 
N 
O 
S 
# 
loop_
_atom_site.group_PDB 
_atom_site.id 
_atom_site.type_symbol 
_atom_site.label_atom_id 
_atom_site.label_alt_id 
_atom_site.label_comp_id 
_atom_site.label_asym_id 
_atom_site.label_entity_id 
_atom_site.label_seq_id 
_atom_site.pdbx_PDB_ins_code 
_atom_site.Cartn_x 
_atom_site.Cartn_y 
_atom_site.Cartn_z 
_atom_site.occupancy 
_atom_site.B_iso_or_equiv 
_atom_site.pdbx_formal_charge 
_atom_site.auth_seq_id 
_atom_site.auth_comp_id 
_atom_site.auth_asym_id 
_atom_site.auth_atom_id 
_atom_site.pdbx_PDB_model_num 
ATOM   1    N N   . LYS A 1 1   ? 3.283   12.573  11.669  1.00 65.27  ? 4   LYS A N   1 
ATOM   2    C CA  . LYS A 1 1   ? 3.042   11.270  12.357  1.00 65.27  ? 4   LYS A CA  1 
ATOM   3    C C   . LYS A 1 1   ? 4.367   10.517  12.608  1.00 65.27  ? 4   LYS A C   1 
ATOM   4    O O   . LYS A 1 1   ? 5.194   10.359  11.701  1.00 28.27  ? 4   LYS A O   1 
ATOM   5    C CB  . LYS A 1 1   ? 2.049   10.414  11.540  1.00 28.27  ? 4   LYS A CB  1 
ATOM   6    C CG  . LYS A 1 1   ? 1.872   8.919   12.030  1.00 28.27  ? 4   LYS A CG  1 
ATOM   7    C CD  . LYS A 1 1   ? 0.895   8.054   11.155  1.00 28.27  ? 4   LYS A CD  1 
ATOM   8    C CE  . LYS A 1 1   ? 1.116   6.561   11.348  1.00 28.27  ? 4   LYS A CE  1 
ATOM   9    N NZ  . LYS A 1 1   ? 2.462   6.166   10.851  1.00 28.27  ? 4   LYS A NZ  1 
ATOM   10   N N   . TYR A 1 2   ? 4.588   10.148  13.871  1.00 80.08  ? 5   TYR A N   1 
ATOM   11   C CA  . TYR A 1 2   ? 5.781   9.415   14.316  1.00 80.08  ? 5   TYR A CA  1 
ATOM   12   C C   . TYR A 1 2   ? 5.249   8.241   15.179  1.00 80.08  ? 5   TYR A C   1 
ATOM   13   O O   . TYR A 1 2   ? 4.327   8.443   15.972  1.00 101.68 ? 5   TYR A O   1 
ATOM   14   C CB  . TYR A 1 2   ? 6.692   10.337  15.175  1.00 101.68 ? 5   TYR A CB  1 
ATOM   15   C CG  . TYR A 1 2   ? 6.556   11.849  14.929  1.00 101.68 ? 5   TYR A CG  1 
ATOM   16   C CD1 . TYR A 1 2   ? 5.484   12.582  15.469  1.00 101.68 ? 5   TYR A CD1 1 
ATOM   17   C CD2 . TYR A 1 2   ? 7.493   12.545  14.157  1.00 101.68 ? 5   TYR A CD2 1 
ATOM   18   C CE1 . TYR A 1 2   ? 5.346   13.967  15.240  1.00 101.68 ? 5   TYR A CE1 1 
ATOM   19   C CE2 . TYR A 1 2   ? 7.365   13.936  13.923  1.00 101.68 ? 5   TYR A CE2 1 
ATOM   20   C CZ  . TYR A 1 2   ? 6.289   14.637  14.466  1.00 101.68 ? 5   TYR A CZ  1 
ATOM   21   O OH  . TYR A 1 2   ? 6.163   15.994  14.227  1.00 101.68 ? 5   TYR A OH  1 
ATOM   22   N N   . ASN A 1 3   ? 5.799   7.031   15.033  1.00 79.94  ? 6   ASN A N   1 
ATOM   23   C CA  . ASN A 1 3   ? 5.326   5.886   15.832  1.00 79.94  ? 6   ASN A CA  1 
ATOM   24   C C   . ASN A 1 3   ? 6.439   5.011   16.451  1.00 79.94  ? 6   ASN A C   1 
ATOM   25   O O   . ASN A 1 3   ? 6.687   5.057   17.656  1.00 67.17  ? 6   ASN A O   1 
ATOM   26   C CB  . ASN A 1 3   ? 4.402   4.986   15.008  1.00 67.17  ? 6   ASN A CB  1 
ATOM   27   C CG  . ASN A 1 3   ? 3.388   5.755   14.185  1.00 67.17  ? 6   ASN A CG  1 
ATOM   28   O OD1 . ASN A 1 3   ? 3.669   6.145   13.046  1.00 67.17  ? 6   ASN A OD1 1 
ATOM   29   N ND2 . ASN A 1 3   ? 2.179   5.935   14.738  1.00 67.17  ? 6   ASN A ND2 1 
ATOM   30   N N   . LYS A 1 4   ? 7.068   4.184   15.616  1.00 73.81  ? 7   LYS A N   1 
ATOM   31   C CA  . LYS A 1 4   ? 8.158   3.261   15.976  1.00 73.81  ? 7   LYS A CA  1 
ATOM   32   C C   . LYS A 1 4   ? 7.927   2.115   16.952  1.00 73.81  ? 7   LYS A C   1 
ATOM   33   O O   . LYS A 1 4   ? 8.535   1.053   16.788  1.00 54.45  ? 7   LYS A O   1 
ATOM   34   C CB  . LYS A 1 4   ? 9.439   4.006   16.328  1.00 54.45  ? 7   LYS A CB  1 
ATOM   35   C CG  . LYS A 1 4   ? 10.086  4.703   15.128  1.00 54.45  ? 7   LYS A CG  1 
ATOM   36   C CD  . LYS A 1 4   ? 9.277   5.919   14.634  1.00 54.45  ? 7   LYS A CD  1 
ATOM   37   C CE  . LYS A 1 4   ? 10.018  6.661   13.517  1.00 54.45  ? 7   LYS A CE  1 
ATOM   38   N NZ  . LYS A 1 4   ? 9.326   7.915   13.116  1.00 54.45  ? 7   LYS A NZ  1 
ATOM   39   N N   . GLU A 1 5   ? 7.098   2.320   17.973  1.00 42.72  ? 8   GLU A N   1 
ATOM   40   C CA  . GLU A 1 5   ? 6.810   1.248   18.931  1.00 42.72  ? 8   GLU A CA  1 
ATOM   41   C C   . GLU A 1 5   ? 5.987   0.133   18.273  1.00 42.72  ? 8   GLU A C   1 
ATOM   42   O O   . GLU A 1 5   ? 6.389   -1.031  18.286  1.00 140.96 ? 8   GLU A O   1 
ATOM   43   C CB  . GLU A 1 5   ? 6.080   1.789   20.164  1.00 140.96 ? 8   GLU A CB  1 
ATOM   44   C CG  . GLU A 1 5   ? 6.990   2.494   21.170  1.00 140.96 ? 8   GLU A CG  1 
ATOM   45   C CD  . GLU A 1 5   ? 8.035   1.567   21.790  1.00 140.96 ? 8   GLU A CD  1 
ATOM   46   O OE1 . GLU A 1 5   ? 7.722   0.378   22.023  1.00 140.96 ? 8   GLU A OE1 1 
ATOM   47   O OE2 . GLU A 1 5   ? 9.170   2.029   22.052  1.00 140.96 ? 8   GLU A OE2 1 
ATOM   48   N N   . PHE A 1 6   ? 4.838   0.493   17.696  1.00 41.20  ? 9   PHE A N   1 
ATOM   49   C CA  . PHE A 1 6   ? 3.971   -0.485  17.033  1.00 41.20  ? 9   PHE A CA  1 
ATOM   50   C C   . PHE A 1 6   ? 4.303   -0.603  15.540  1.00 41.20  ? 9   PHE A C   1 
ATOM   51   O O   . PHE A 1 6   ? 3.785   -1.481  14.850  1.00 52.29  ? 9   PHE A O   1 
ATOM   52   C CB  . PHE A 1 6   ? 2.482   -0.159  17.271  1.00 52.29  ? 9   PHE A CB  1 
ATOM   53   C CG  . PHE A 1 6   ? 1.814   0.572   16.131  1.00 52.29  ? 9   PHE A CG  1 
ATOM   54   C CD1 . PHE A 1 6   ? 2.358   1.746   15.612  1.00 52.29  ? 9   PHE A CD1 1 
ATOM   55   C CD2 . PHE A 1 6   ? 0.652   0.059   15.551  1.00 52.29  ? 9   PHE A CD2 1 
ATOM   56   C CE1 . PHE A 1 6   ? 1.770   2.406   14.529  1.00 52.29  ? 9   PHE A CE1 1 
ATOM   57   C CE2 . PHE A 1 6   ? 0.055   0.717   14.460  1.00 52.29  ? 9   PHE A CE2 1 
ATOM   58   C CZ  . PHE A 1 6   ? 0.619   1.894   13.944  1.00 52.29  ? 9   PHE A CZ  1 
ATOM   59   N N   . LEU A 1 7   ? 5.098   0.339   15.032  1.00 5.91   ? 10  LEU A N   1 
ATOM   60   C CA  . LEU A 1 7   ? 5.532   0.282   13.645  1.00 5.91   ? 10  LEU A CA  1 
ATOM   61   C C   . LEU A 1 7   ? 6.177   -1.068  13.455  1.00 5.91   ? 10  LEU A C   1 
ATOM   62   O O   . LEU A 1 7   ? 6.184   -1.585  12.351  1.00 21.25  ? 10  LEU A O   1 
ATOM   63   C CB  . LEU A 1 7   ? 6.547   1.368   13.330  1.00 21.25  ? 10  LEU A CB  1 
ATOM   64   C CG  . LEU A 1 7   ? 5.875   2.725   13.178  1.00 21.25  ? 10  LEU A CG  1 
ATOM   65   C CD1 . LEU A 1 7   ? 6.907   3.754   12.873  1.00 21.25  ? 10  LEU A CD1 1 
ATOM   66   C CD2 . LEU A 1 7   ? 4.850   2.709   12.085  1.00 21.25  ? 10  LEU A CD2 1 
ATOM   67   N N   . LEU A 1 8   ? 6.776   -1.598  14.525  1.00 17.74  ? 11  LEU A N   1 
ATOM   68   C CA  . LEU A 1 8   ? 7.389   -2.933  14.514  1.00 17.74  ? 11  LEU A CA  1 
ATOM   69   C C   . LEU A 1 8   ? 6.293   -3.977  14.319  1.00 17.74  ? 11  LEU A C   1 
ATOM   70   O O   . LEU A 1 8   ? 6.490   -4.964  13.627  1.00 38.61  ? 11  LEU A O   1 
ATOM   71   C CB  . LEU A 1 8   ? 8.088   -3.216  15.848  1.00 38.61  ? 11  LEU A CB  1 
ATOM   72   C CG  . LEU A 1 8   ? 9.340   -2.428  16.231  1.00 38.61  ? 11  LEU A CG  1 
ATOM   73   C CD1 . LEU A 1 8   ? 9.388   -2.259  17.741  1.00 38.61  ? 11  LEU A CD1 1 
ATOM   74   C CD2 . LEU A 1 8   ? 10.569  -3.154  15.723  1.00 38.61  ? 11  LEU A CD2 1 
ATOM   75   N N   . TYR A 1 9   ? 5.149   -3.760  14.959  1.00 20.93  ? 12  TYR A N   1 
ATOM   76   C CA  . TYR A 1 9   ? 4.039   -4.692  14.831  1.00 20.93  ? 12  TYR A CA  1 
ATOM   77   C C   . TYR A 1 9   ? 3.449   -4.690  13.448  1.00 20.93  ? 12  TYR A C   1 
ATOM   78   O O   . TYR A 1 9   ? 3.343   -5.735  12.821  1.00 48.25  ? 12  TYR A O   1 
ATOM   79   C CB  . TYR A 1 9   ? 2.904   -4.383  15.805  1.00 48.25  ? 12  TYR A CB  1 
ATOM   80   C CG  . TYR A 1 9   ? 1.624   -5.213  15.570  1.00 48.25  ? 12  TYR A CG  1 
ATOM   81   C CD1 . TYR A 1 9   ? 0.639   -4.779  14.686  1.00 48.25  ? 12  TYR A CD1 1 
ATOM   82   C CD2 . TYR A 1 9   ? 1.380   -6.395  16.287  1.00 48.25  ? 12  TYR A CD2 1 
ATOM   83   C CE1 . TYR A 1 9   ? -0.538  -5.482  14.531  1.00 48.25  ? 12  TYR A CE1 1 
ATOM   84   C CE2 . TYR A 1 9   ? 0.203   -7.100  16.140  1.00 48.25  ? 12  TYR A CE2 1 
ATOM   85   C CZ  . TYR A 1 9   ? -0.752  -6.636  15.262  1.00 48.25  ? 12  TYR A CZ  1 
ATOM   86   O OH  . TYR A 1 9   ? -1.946  -7.303  15.136  1.00 48.25  ? 12  TYR A OH  1 
ATOM   87   N N   . LEU A 1 10  ? 2.939   -3.540  13.027  1.00 51.36  ? 13  LEU A N   1 
ATOM   88   C CA  . LEU A 1 10  ? 2.326   -3.458  11.716  1.00 51.36  ? 13  LEU A CA  1 
ATOM   89   C C   . LEU A 1 10  ? 3.208   -4.007  10.584  1.00 51.36  ? 13  LEU A C   1 
ATOM   90   O O   . LEU A 1 10  ? 2.676   -4.410  9.562   1.00 69.17  ? 13  LEU A O   1 
ATOM   91   C CB  . LEU A 1 10  ? 1.839   -2.031  11.435  1.00 69.17  ? 13  LEU A CB  1 
ATOM   92   C CG  . LEU A 1 10  ? 0.744   -1.818  10.375  1.00 69.17  ? 13  LEU A CG  1 
ATOM   93   C CD1 . LEU A 1 10  ? -0.379  -2.818  10.529  1.00 69.17  ? 13  LEU A CD1 1 
ATOM   94   C CD2 . LEU A 1 10  ? 0.205   -0.405  10.505  1.00 69.17  ? 13  LEU A CD2 1 
ATOM   95   N N   . ALA A 1 11  ? 4.533   -4.041  10.761  1.00 25.81  ? 14  ALA A N   1 
ATOM   96   C CA  . ALA A 1 11  ? 5.410   -4.591  9.726   1.00 25.81  ? 14  ALA A CA  1 
ATOM   97   C C   . ALA A 1 11  ? 5.126   -6.073  9.710   1.00 25.81  ? 14  ALA A C   1 
ATOM   98   O O   . ALA A 1 11  ? 5.069   -6.688  8.650   1.00 62.83  ? 14  ALA A O   1 
ATOM   99   C CB  . ALA A 1 11  ? 6.845   -4.364  10.054  1.00 62.83  ? 14  ALA A CB  1 
ATOM   100  N N   . GLY A 1 12  ? 4.913   -6.634  10.899  1.00 30.85  ? 15  GLY A N   1 
ATOM   101  C CA  . GLY A 1 12  ? 4.614   -8.049  11.021  1.00 30.85  ? 15  GLY A CA  1 
ATOM   102  C C   . GLY A 1 12  ? 3.305   -8.354  10.323  1.00 30.85  ? 15  GLY A C   1 
ATOM   103  O O   . GLY A 1 12  ? 3.276   -9.050  9.318   1.00 2.00   ? 15  GLY A O   1 
ATOM   104  N N   . PHE A 1 13  ? 2.211   -7.825  10.848  1.00 9.51   ? 16  PHE A N   1 
ATOM   105  C CA  . PHE A 1 13  ? 0.905   -8.057  10.257  1.00 9.51   ? 16  PHE A CA  1 
ATOM   106  C C   . PHE A 1 13  ? 0.900   -7.763  8.778   1.00 9.51   ? 16  PHE A C   1 
ATOM   107  O O   . PHE A 1 13  ? 0.160   -8.373  8.033   1.00 29.37  ? 16  PHE A O   1 
ATOM   108  C CB  . PHE A 1 13  ? -0.148  -7.196  10.931  1.00 29.37  ? 16  PHE A CB  1 
ATOM   109  C CG  . PHE A 1 13  ? -1.542  -7.658  10.676  1.00 29.37  ? 16  PHE A CG  1 
ATOM   110  C CD1 . PHE A 1 13  ? -2.080  -7.611  9.397   1.00 29.37  ? 16  PHE A CD1 1 
ATOM   111  C CD2 . PHE A 1 13  ? -2.331  -8.162  11.715  1.00 29.37  ? 16  PHE A CD2 1 
ATOM   112  C CE1 . PHE A 1 13  ? -3.395  -8.060  9.152   1.00 29.37  ? 16  PHE A CE1 1 
ATOM   113  C CE2 . PHE A 1 13  ? -3.656  -8.618  11.487  1.00 29.37  ? 16  PHE A CE2 1 
ATOM   114  C CZ  . PHE A 1 13  ? -4.191  -8.570  10.205  1.00 29.37  ? 16  PHE A CZ  1 
ATOM   115  N N   . VAL A 1 14  ? 1.689   -6.792  8.351   1.00 17.23  ? 17  VAL A N   1 
ATOM   116  C CA  . VAL A 1 14  ? 1.716   -6.464  6.938   1.00 17.23  ? 17  VAL A CA  1 
ATOM   117  C C   . VAL A 1 14  ? 2.367   -7.609  6.223   1.00 17.23  ? 17  VAL A C   1 
ATOM   118  O O   . VAL A 1 14  ? 1.784   -8.168  5.298   1.00 31.41  ? 17  VAL A O   1 
ATOM   119  C CB  . VAL A 1 14  ? 2.481   -5.154  6.640   1.00 31.41  ? 17  VAL A CB  1 
ATOM   120  C CG1 . VAL A 1 14  ? 2.901   -5.084  5.149   1.00 31.41  ? 17  VAL A CG1 1 
ATOM   121  C CG2 . VAL A 1 14  ? 1.605   -3.932  6.988   1.00 31.41  ? 17  VAL A CG2 1 
ATOM   122  N N   . ASP A 1 15  ? 3.579   -7.950  6.649   1.00 57.63  ? 18  ASP A N   1 
ATOM   123  C CA  . ASP A 1 15  ? 4.314   -9.052  6.056   1.00 57.63  ? 18  ASP A CA  1 
ATOM   124  C C   . ASP A 1 15  ? 3.449   -10.296 6.060   1.00 57.63  ? 18  ASP A C   1 
ATOM   125  O O   . ASP A 1 15  ? 3.761   -11.251 5.336   1.00 31.48  ? 18  ASP A O   1 
ATOM   126  C CB  . ASP A 1 15  ? 5.596   -9.342  6.828   1.00 31.48  ? 18  ASP A CB  1 
ATOM   127  C CG  . ASP A 1 15  ? 6.787   -8.526  6.341   1.00 31.48  ? 18  ASP A CG  1 
ATOM   128  O OD1 . ASP A 1 15  ? 6.669   -7.753  5.365   1.00 31.48  ? 18  ASP A OD1 1 
ATOM   129  O OD2 . ASP A 1 15  ? 7.863   -8.677  6.948   1.00 31.48  ? 18  ASP A OD2 1 
ATOM   130  N N   . GLY A 1 16  ? 2.413   -10.287 6.916   1.00 25.99  ? 19  GLY A N   1 
ATOM   131  C CA  . GLY A 1 16  ? 1.462   -11.383 7.034   1.00 25.99  ? 19  GLY A CA  1 
ATOM   132  C C   . GLY A 1 16  ? 0.341   -11.168 6.033   1.00 25.99  ? 19  GLY A C   1 
ATOM   133  O O   . GLY A 1 16  ? 0.274   -11.849 5.008   1.00 61.67  ? 19  GLY A O   1 
ATOM   134  N N   . ASP A 1 17  ? -0.568  -10.251 6.345   1.00 31.04  ? 20  ASP A N   1 
ATOM   135  C CA  . ASP A 1 17  ? -1.687  -9.905  5.468   1.00 31.04  ? 20  ASP A CA  1 
ATOM   136  C C   . ASP A 1 17  ? -1.554  -8.398  5.315   1.00 31.04  ? 20  ASP A C   1 
ATOM   137  O O   . ASP A 1 17  ? -1.954  -7.610  6.184   1.00 83.39  ? 20  ASP A O   1 
ATOM   138  C CB  . ASP A 1 17  ? -3.027  -10.261 6.113   1.00 83.39  ? 20  ASP A CB  1 
ATOM   139  C CG  . ASP A 1 17  ? -4.122  -10.522 5.090   1.00 83.39  ? 20  ASP A CG  1 
ATOM   140  O OD1 . ASP A 1 17  ? -4.471  -9.598  4.321   1.00 83.39  ? 20  ASP A OD1 1 
ATOM   141  O OD2 . ASP A 1 17  ? -4.643  -11.662 5.064   1.00 83.39  ? 20  ASP A OD2 1 
ATOM   142  N N   . GLY A 1 18  ? -0.904  -8.008  4.234   1.00 34.73  ? 21  GLY A N   1 
ATOM   143  C CA  . GLY A 1 18  ? -0.687  -6.604  3.981   1.00 34.73  ? 21  GLY A CA  1 
ATOM   144  C C   . GLY A 1 18  ? -0.167  -6.412  2.574   1.00 34.73  ? 21  GLY A C   1 
ATOM   145  O O   . GLY A 1 18  ? 0.911   -6.895  2.231   1.00 63.76  ? 21  GLY A O   1 
ATOM   146  N N   . SER A 1 19  ? -0.943  -5.706  1.761   1.00 48.78  ? 22  SER A N   1 
ATOM   147  C CA  . SER A 1 19  ? -0.576  -5.439  0.389   1.00 48.78  ? 22  SER A CA  1 
ATOM   148  C C   . SER A 1 19  ? -0.058  -4.028  0.178   1.00 48.78  ? 22  SER A C   1 
ATOM   149  O O   . SER A 1 19  ? -0.705  -3.068  0.590   1.00 15.64  ? 22  SER A O   1 
ATOM   150  C CB  . SER A 1 19  ? -1.784  -5.674  -0.494  1.00 15.64  ? 22  SER A CB  1 
ATOM   151  O OG  . SER A 1 19  ? -2.316  -6.939  -0.181  1.00 15.64  ? 22  SER A OG  1 
ATOM   152  N N   . ILE A 1 20  ? 1.141   -3.916  -0.397  1.00 34.49  ? 23  ILE A N   1 
ATOM   153  C CA  . ILE A 1 20  ? 1.755   -2.623  -0.723  1.00 34.49  ? 23  ILE A CA  1 
ATOM   154  C C   . ILE A 1 20  ? 1.626   -2.599  -2.228  1.00 34.49  ? 23  ILE A C   1 
ATOM   155  O O   . ILE A 1 20  ? 2.608   -2.558  -2.933  1.00 12.69  ? 23  ILE A O   1 
ATOM   156  C CB  . ILE A 1 20  ? 3.260   -2.573  -0.351  1.00 12.69  ? 23  ILE A CB  1 
ATOM   157  C CG1 . ILE A 1 20  ? 3.420   -2.858  1.143   1.00 12.69  ? 23  ILE A CG1 1 
ATOM   158  C CG2 . ILE A 1 20  ? 3.819   -1.192  -0.662  1.00 12.69  ? 23  ILE A CG2 1 
ATOM   159  C CD1 . ILE A 1 20  ? 4.848   -2.903  1.625   1.00 12.69  ? 23  ILE A CD1 1 
ATOM   160  N N   . ILE A 1 21  ? 0.412   -2.818  -2.707  1.00 63.62  ? 24  ILE A N   1 
ATOM   161  C CA  . ILE A 1 21  ? 0.117   -2.857  -4.133  1.00 63.62  ? 24  ILE A CA  1 
ATOM   162  C C   . ILE A 1 21  ? 0.336   -1.542  -4.871  1.00 63.62  ? 24  ILE A C   1 
ATOM   163  O O   . ILE A 1 21  ? 0.173   -0.461  -4.310  1.00 46.59  ? 24  ILE A O   1 
ATOM   164  C CB  . ILE A 1 21  ? -1.321  -3.380  -4.352  1.00 46.59  ? 24  ILE A CB  1 
ATOM   165  C CG1 . ILE A 1 21  ? -2.287  -2.748  -3.331  1.00 46.59  ? 24  ILE A CG1 1 
ATOM   166  C CG2 . ILE A 1 21  ? -1.327  -4.878  -4.232  1.00 46.59  ? 24  ILE A CG2 1 
ATOM   167  C CD1 . ILE A 1 21  ? -3.585  -3.470  -3.142  1.00 46.59  ? 24  ILE A CD1 1 
ATOM   168  N N   . ALA A 1 22  ? 0.766   -1.649  -6.119  1.00 29.93  ? 25  ALA A N   1 
ATOM   169  C CA  . ALA A 1 22  ? 1.019   -0.472  -6.952  1.00 29.93  ? 25  ALA A CA  1 
ATOM   170  C C   . ALA A 1 22  ? 0.629   -0.864  -8.350  1.00 29.93  ? 25  ALA A C   1 
ATOM   171  O O   . ALA A 1 22  ? 0.883   -1.997  -8.775  1.00 58.43  ? 25  ALA A O   1 
ATOM   172  C CB  . ALA A 1 22  ? 2.503   -0.067  -6.914  1.00 58.43  ? 25  ALA A CB  1 
ATOM   173  N N   . GLN A 1 23  ? 0.023   0.068   -9.073  1.00 55.19  ? 26  GLN A N   1 
ATOM   174  C CA  . GLN A 1 23  ? -0.427  -0.212  -10.429 1.00 55.19  ? 26  GLN A CA  1 
ATOM   175  C C   . GLN A 1 23  ? -0.611  1.025   -11.297 1.00 55.19  ? 26  GLN A C   1 
ATOM   176  O O   . GLN A 1 23  ? -0.632  2.151   -10.815 1.00 51.39  ? 26  GLN A O   1 
ATOM   177  C CB  . GLN A 1 23  ? -1.715  -1.060  -10.413 1.00 51.39  ? 26  GLN A CB  1 
ATOM   178  C CG  . GLN A 1 23  ? -2.823  -0.559  -9.465  1.00 51.39  ? 26  GLN A CG  1 
ATOM   179  C CD  . GLN A 1 23  ? -3.973  -1.544  -9.324  1.00 51.39  ? 26  GLN A CD  1 
ATOM   180  O OE1 . GLN A 1 23  ? -4.816  -1.654  -10.207 1.00 51.39  ? 26  GLN A OE1 1 
ATOM   181  N NE2 . GLN A 1 23  ? -4.016  -2.258  -8.202  1.00 51.39  ? 26  GLN A NE2 1 
ATOM   182  N N   . ILE A 1 24  ? -0.668  0.785   -12.599 1.00 62.12  ? 27  ILE A N   1 
ATOM   183  C CA  . ILE A 1 24  ? -0.833  1.839   -13.575 1.00 62.12  ? 27  ILE A CA  1 
ATOM   184  C C   . ILE A 1 24  ? -2.256  1.784   -14.132 1.00 62.12  ? 27  ILE A C   1 
ATOM   185  O O   . ILE A 1 24  ? -2.730  0.724   -14.554 1.00 62.12  ? 27  ILE A O   1 
ATOM   186  C CB  . ILE A 1 24  ? 0.246   1.716   -14.696 1.00 62.12  ? 27  ILE A CB  1 
ATOM   187  C CG1 . ILE A 1 24  ? -0.022  2.723   -15.826 1.00 62.12  ? 27  ILE A CG1 1 
ATOM   188  C CG2 . ILE A 1 24  ? 0.339   0.265   -15.187 1.00 62.12  ? 27  ILE A CG2 1 
ATOM   189  C CD1 . ILE A 1 24  ? 1.078   2.821   -16.891 1.00 62.12  ? 27  ILE A CD1 1 
ATOM   190  N N   . LYS A 1 25  ? -2.956  2.911   -14.023 1.00 64.48  ? 28  LYS A N   1 
ATOM   191  C CA  . LYS A 1 25  ? -4.327  3.073   -14.509 1.00 64.48  ? 28  LYS A CA  1 
ATOM   192  C C   . LYS A 1 25  ? -4.305  3.856   -15.848 1.00 64.48  ? 28  LYS A C   1 
ATOM   193  O O   . LYS A 1 25  ? -3.374  4.637   -16.099 1.00 46.73  ? 28  LYS A O   1 
ATOM   194  C CB  . LYS A 1 25  ? -5.164  3.846   -13.463 1.00 46.73  ? 28  LYS A CB  1 
ATOM   195  C CG  . LYS A 1 25  ? -4.976  3.397   -12.009 1.00 46.73  ? 28  LYS A CG  1 
ATOM   196  C CD  . LYS A 1 25  ? -6.278  3.543   -11.200 1.00 46.73  ? 28  LYS A CD  1 
ATOM   197  C CE  . LYS A 1 25  ? -6.251  2.774   -9.852  1.00 46.73  ? 28  LYS A CE  1 
ATOM   198  N NZ  . LYS A 1 25  ? -7.557  2.175   -9.428  1.00 46.73  ? 28  LYS A NZ  1 
ATOM   199  N N   . PRO A 1 26  ? -5.313  3.656   -16.732 1.00 94.37  ? 29  PRO A N   1 
ATOM   200  C CA  . PRO A 1 26  ? -5.241  4.424   -17.982 1.00 94.37  ? 29  PRO A CA  1 
ATOM   201  C C   . PRO A 1 26  ? -5.618  5.885   -17.799 1.00 94.37  ? 29  PRO A C   1 
ATOM   202  O O   . PRO A 1 26  ? -6.367  6.225   -16.885 1.00 58.34  ? 29  PRO A O   1 
ATOM   203  C CB  . PRO A 1 26  ? -6.246  3.704   -18.881 1.00 58.34  ? 29  PRO A CB  1 
ATOM   204  C CG  . PRO A 1 26  ? -7.317  3.250   -17.906 1.00 58.34  ? 29  PRO A CG  1 
ATOM   205  C CD  . PRO A 1 26  ? -6.463  2.723   -16.752 1.00 58.34  ? 29  PRO A CD  1 
ATOM   206  N N   . ASN A 1 27  ? -5.045  6.744   -18.637 1.00 77.19  ? 30  ASN A N   1 
ATOM   207  C CA  . ASN A 1 27  ? -5.322  8.184   -18.628 1.00 77.19  ? 30  ASN A CA  1 
ATOM   208  C C   . ASN A 1 27  ? -4.966  8.837   -19.959 1.00 77.19  ? 30  ASN A C   1 
ATOM   209  O O   . ASN A 1 27  ? -4.159  8.305   -20.732 1.00 53.58  ? 30  ASN A O   1 
ATOM   210  C CB  . ASN A 1 27  ? -4.604  8.921   -17.506 1.00 53.58  ? 30  ASN A CB  1 
ATOM   211  C CG  . ASN A 1 27  ? -5.219  10.266  -17.233 1.00 53.58  ? 30  ASN A CG  1 
ATOM   212  O OD1 . ASN A 1 27  ? -6.436  10.443  -17.335 1.00 53.58  ? 30  ASN A OD1 1 
ATOM   213  N ND2 . ASN A 1 27  ? -4.385  11.234  -16.886 1.00 53.58  ? 30  ASN A ND2 1 
ATOM   214  N N   . GLN A 1 28  ? -5.531  10.018  -20.200 1.00 135.29 ? 31  GLN A N   1 
ATOM   215  C CA  . GLN A 1 28  ? -5.325  10.745  -21.451 1.00 135.29 ? 31  GLN A CA  1 
ATOM   216  C C   . GLN A 1 28  ? -6.086  9.995   -22.570 1.00 135.29 ? 31  GLN A C   1 
ATOM   217  O O   . GLN A 1 28  ? -6.046  10.393  -23.736 1.00 157.89 ? 31  GLN A O   1 
ATOM   218  C CB  . GLN A 1 28  ? -3.815  10.914  -21.754 1.00 157.89 ? 31  GLN A CB  1 
ATOM   219  C CG  . GLN A 1 28  ? -3.032  11.686  -20.654 1.00 157.89 ? 31  GLN A CG  1 
ATOM   220  C CD  . GLN A 1 28  ? -1.514  11.762  -20.883 1.00 157.89 ? 31  GLN A CD  1 
ATOM   221  O OE1 . GLN A 1 28  ? -0.749  11.994  -19.945 1.00 157.89 ? 31  GLN A OE1 1 
ATOM   222  N NE2 . GLN A 1 28  ? -1.085  11.588  -22.129 1.00 157.89 ? 31  GLN A NE2 1 
ATOM   223  N N   . SER A 1 29  ? -6.810  8.945   -22.166 1.00 148.12 ? 32  SER A N   1 
ATOM   224  C CA  . SER A 1 29  ? -7.641  8.107   -23.035 1.00 148.12 ? 32  SER A CA  1 
ATOM   225  C C   . SER A 1 29  ? -8.114  6.831   -22.304 1.00 148.12 ? 32  SER A C   1 
ATOM   226  O O   . SER A 1 29  ? -8.664  6.940   -21.203 1.00 105.49 ? 32  SER A O   1 
ATOM   227  C CB  . SER A 1 29  ? -6.950  7.791   -24.364 1.00 105.49 ? 32  SER A CB  1 
ATOM   228  O OG  . SER A 1 29  ? -7.862  7.271   -25.317 1.00 105.49 ? 32  SER A OG  1 
ATOM   229  N N   . TYR A 1 30  ? -7.870  5.629   -22.840 1.00 131.32 ? 33  TYR A N   1 
ATOM   230  C CA  . TYR A 1 30  ? -8.382  4.433   -22.156 1.00 131.32 ? 33  TYR A CA  1 
ATOM   231  C C   . TYR A 1 30  ? -7.626  3.090   -22.122 1.00 131.32 ? 33  TYR A C   1 
ATOM   232  O O   . TYR A 1 30  ? -7.656  2.388   -21.095 1.00 100.08 ? 33  TYR A O   1 
ATOM   233  C CB  . TYR A 1 30  ? -9.846  4.182   -22.583 1.00 100.08 ? 33  TYR A CB  1 
ATOM   234  C CG  . TYR A 1 30  ? -10.086 3.757   -24.041 1.00 100.08 ? 33  TYR A CG  1 
ATOM   235  C CD1 . TYR A 1 30  ? -9.624  4.526   -25.116 1.00 100.08 ? 33  TYR A CD1 1 
ATOM   236  C CD2 . TYR A 1 30  ? -10.829 2.603   -24.334 1.00 100.08 ? 33  TYR A CD2 1 
ATOM   237  C CE1 . TYR A 1 30  ? -9.908  4.158   -26.430 1.00 100.08 ? 33  TYR A CE1 1 
ATOM   238  C CE2 . TYR A 1 30  ? -11.113 2.235   -25.638 1.00 100.08 ? 33  TYR A CE2 1 
ATOM   239  C CZ  . TYR A 1 30  ? -10.657 3.013   -26.674 1.00 100.08 ? 33  TYR A CZ  1 
ATOM   240  O OH  . TYR A 1 30  ? -11.007 2.651   -27.947 1.00 100.08 ? 33  TYR A OH  1 
ATOM   241  N N   . LYS A 1 31  ? -7.015  2.696   -23.236 1.00 83.43  ? 34  LYS A N   1 
ATOM   242  C CA  . LYS A 1 31  ? -6.305  1.413   -23.303 1.00 83.43  ? 34  LYS A CA  1 
ATOM   243  C C   . LYS A 1 31  ? -4.858  1.510   -22.819 1.00 83.43  ? 34  LYS A C   1 
ATOM   244  O O   . LYS A 1 31  ? -4.646  1.681   -21.621 1.00 67.57  ? 34  LYS A O   1 
ATOM   245  C CB  . LYS A 1 31  ? -6.412  0.819   -24.717 1.00 67.57  ? 34  LYS A CB  1 
ATOM   246  C CG  . LYS A 1 31  ? -5.714  -0.520  -24.926 1.00 67.57  ? 34  LYS A CG  1 
ATOM   247  C CD  . LYS A 1 31  ? -6.224  -1.634  -24.031 1.00 67.57  ? 34  LYS A CD  1 
ATOM   248  C CE  . LYS A 1 31  ? -5.243  -2.772  -24.093 1.00 67.57  ? 34  LYS A CE  1 
ATOM   249  N NZ  . LYS A 1 31  ? -3.826  -2.265  -24.017 1.00 67.57  ? 34  LYS A NZ  1 
ATOM   250  N N   . PHE A 1 32  ? -3.882  1.349   -23.719 1.00 170.50 ? 35  PHE A N   1 
ATOM   251  C CA  . PHE A 1 32  ? -2.460  1.453   -23.358 1.00 170.50 ? 35  PHE A CA  1 
ATOM   252  C C   . PHE A 1 32  ? -2.264  2.941   -23.003 1.00 170.50 ? 35  PHE A C   1 
ATOM   253  O O   . PHE A 1 32  ? -2.006  3.772   -23.889 1.00 76.14  ? 35  PHE A O   1 
ATOM   254  C CB  . PHE A 1 32  ? -1.570  1.045   -24.562 1.00 76.14  ? 35  PHE A CB  1 
ATOM   255  C CG  . PHE A 1 32  ? -0.101  0.768   -24.212 1.00 76.14  ? 35  PHE A CG  1 
ATOM   256  C CD1 . PHE A 1 32  ? 0.575   1.515   -23.241 1.00 76.14  ? 35  PHE A CD1 1 
ATOM   257  C CD2 . PHE A 1 32  ? 0.586   -0.269  -24.843 1.00 76.14  ? 35  PHE A CD2 1 
ATOM   258  C CE1 . PHE A 1 32  ? 1.910   1.227   -22.897 1.00 76.14  ? 35  PHE A CE1 1 
ATOM   259  C CE2 . PHE A 1 32  ? 1.918   -0.565  -24.506 1.00 76.14  ? 35  PHE A CE2 1 
ATOM   260  C CZ  . PHE A 1 32  ? 2.579   0.184   -23.531 1.00 76.14  ? 35  PHE A CZ  1 
ATOM   261  N N   . LYS A 1 33  ? -2.411  3.271   -21.718 1.00 118.02 ? 36  LYS A N   1 
ATOM   262  C CA  . LYS A 1 33  ? -2.295  4.657   -21.268 1.00 118.02 ? 36  LYS A CA  1 
ATOM   263  C C   . LYS A 1 33  ? -1.241  4.968   -20.187 1.00 118.02 ? 36  LYS A C   1 
ATOM   264  O O   . LYS A 1 33  ? -0.327  4.174   -19.974 1.00 68.52  ? 36  LYS A O   1 
ATOM   265  C CB  . LYS A 1 33  ? -3.692  5.203   -20.911 1.00 68.52  ? 36  LYS A CB  1 
ATOM   266  C CG  . LYS A 1 33  ? -4.720  5.193   -22.085 1.00 68.52  ? 36  LYS A CG  1 
ATOM   267  C CD  . LYS A 1 33  ? -4.264  6.069   -23.255 1.00 68.52  ? 36  LYS A CD  1 
ATOM   268  C CE  . LYS A 1 33  ? -4.865  5.596   -24.564 1.00 68.52  ? 36  LYS A CE  1 
ATOM   269  N NZ  . LYS A 1 33  ? -4.327  4.303   -25.044 1.00 68.52  ? 36  LYS A NZ  1 
ATOM   270  N N   . HIS A 1 34  ? -1.396  6.092   -19.480 1.00 36.86  ? 37  HIS A N   1 
ATOM   271  C CA  . HIS A 1 34  ? -0.389  6.547   -18.507 1.00 36.86  ? 37  HIS A CA  1 
ATOM   272  C C   . HIS A 1 34  ? -0.732  7.361   -17.217 1.00 36.86  ? 37  HIS A C   1 
ATOM   273  O O   . HIS A 1 34  ? -0.589  8.578   -17.189 1.00 72.25  ? 37  HIS A O   1 
ATOM   274  C CB  . HIS A 1 34  ? 0.700   7.296   -19.314 1.00 72.25  ? 37  HIS A CB  1 
ATOM   275  C CG  . HIS A 1 34  ? 0.203   8.006   -20.550 1.00 72.25  ? 37  HIS A CG  1 
ATOM   276  N ND1 . HIS A 1 34  ? -1.112  7.966   -20.972 1.00 72.25  ? 37  HIS A ND1 1 
ATOM   277  C CD2 . HIS A 1 34  ? 0.866   8.737   -21.478 1.00 72.25  ? 37  HIS A CD2 1 
ATOM   278  C CE1 . HIS A 1 34  ? -1.236  8.636   -22.105 1.00 72.25  ? 37  HIS A CE1 1 
ATOM   279  N NE2 . HIS A 1 34  ? -0.053  9.112   -22.432 1.00 72.25  ? 37  HIS A NE2 1 
ATOM   280  N N   . GLN A 1 35  ? -1.121  6.680   -16.142 1.00 27.81  ? 38  GLN A N   1 
ATOM   281  C CA  . GLN A 1 35  ? -1.437  7.311   -14.838 1.00 27.81  ? 38  GLN A CA  1 
ATOM   282  C C   . GLN A 1 35  ? -1.584  6.219   -13.787 1.00 27.81  ? 38  GLN A C   1 
ATOM   283  O O   . GLN A 1 35  ? -2.474  5.394   -13.843 1.00 50.32  ? 38  GLN A O   1 
ATOM   284  C CB  . GLN A 1 35  ? -2.706  8.165   -14.875 1.00 50.32  ? 38  GLN A CB  1 
ATOM   285  C CG  . GLN A 1 35  ? -2.654  9.449   -13.986 1.00 50.32  ? 38  GLN A CG  1 
ATOM   286  C CD  . GLN A 1 35  ? -3.176  9.271   -12.554 1.00 50.32  ? 38  GLN A CD  1 
ATOM   287  O OE1 . GLN A 1 35  ? -2.749  9.997   -11.631 1.00 50.32  ? 38  GLN A OE1 1 
ATOM   288  N NE2 . GLN A 1 35  ? -4.145  8.363   -12.372 1.00 50.32  ? 38  GLN A NE2 1 
ATOM   289  N N   . LEU A 1 36  ? -0.713  6.253   -12.797 1.00 52.06  ? 39  LEU A N   1 
ATOM   290  C CA  . LEU A 1 36  ? -0.712  5.222   -11.783 1.00 52.06  ? 39  LEU A CA  1 
ATOM   291  C C   . LEU A 1 36  ? -1.271  5.502   -10.384 1.00 52.06  ? 39  LEU A C   1 
ATOM   292  O O   . LEU A 1 36  ? -1.544  6.646   -9.992  1.00 44.77  ? 39  LEU A O   1 
ATOM   293  C CB  . LEU A 1 36  ? 0.707   4.638   -11.689 1.00 44.77  ? 39  LEU A CB  1 
ATOM   294  C CG  . LEU A 1 36  ? 1.885   5.469   -11.131 1.00 44.77  ? 39  LEU A CG  1 
ATOM   295  C CD1 . LEU A 1 36  ? 3.133   4.611   -11.231 1.00 44.77  ? 39  LEU A CD1 1 
ATOM   296  C CD2 . LEU A 1 36  ? 2.104   6.823   -11.845 1.00 44.77  ? 39  LEU A CD2 1 
ATOM   297  N N   . SER A 1 37  ? -1.296  4.419   -9.611  1.00 37.90  ? 40  SER A N   1 
ATOM   298  C CA  . SER A 1 37  ? -1.784  4.394   -8.246  1.00 37.90  ? 40  SER A CA  1 
ATOM   299  C C   . SER A 1 37  ? -0.935  3.502   -7.336  1.00 37.90  ? 40  SER A C   1 
ATOM   300  O O   . SER A 1 37  ? -0.503  2.420   -7.735  1.00 50.63  ? 40  SER A O   1 
ATOM   301  C CB  . SER A 1 37  ? -3.205  3.886   -8.278  1.00 50.63  ? 40  SER A CB  1 
ATOM   302  O OG  . SER A 1 37  ? -3.859  4.475   -9.389  1.00 50.63  ? 40  SER A OG  1 
ATOM   303  N N   . LEU A 1 38  ? -0.626  4.003   -6.142  1.00 29.88  ? 41  LEU A N   1 
ATOM   304  C CA  . LEU A 1 38  ? 0.168   3.251   -5.161  1.00 29.88  ? 41  LEU A CA  1 
ATOM   305  C C   . LEU A 1 38  ? -0.725  3.090   -3.934  1.00 29.88  ? 41  LEU A C   1 
ATOM   306  O O   . LEU A 1 38  ? -1.126  4.084   -3.304  1.00 17.76  ? 41  LEU A O   1 
ATOM   307  C CB  . LEU A 1 38  ? 1.474   3.983   -4.822  1.00 17.76  ? 41  LEU A CB  1 
ATOM   308  C CG  . LEU A 1 38  ? 2.345   4.473   -6.003  1.00 17.76  ? 41  LEU A CG  1 
ATOM   309  C CD1 . LEU A 1 38  ? 2.377   3.450   -7.133  1.00 17.76  ? 41  LEU A CD1 1 
ATOM   310  C CD2 . LEU A 1 38  ? 1.870   5.813   -6.546  1.00 17.76  ? 41  LEU A CD2 1 
ATOM   311  N N   . THR A 1 39  ? -1.006  1.838   -3.582  1.00 29.99  ? 42  THR A N   1 
ATOM   312  C CA  . THR A 1 39  ? -1.928  1.535   -2.486  1.00 29.99  ? 42  THR A CA  1 
ATOM   313  C C   . THR A 1 39  ? -1.459  0.534   -1.392  1.00 29.99  ? 42  THR A C   1 
ATOM   314  O O   . THR A 1 39  ? -0.893  -0.525  -1.691  1.00 36.42  ? 42  THR A O   1 
ATOM   315  C CB  . THR A 1 39  ? -3.271  0.977   -3.086  1.00 36.42  ? 42  THR A CB  1 
ATOM   316  O OG1 . THR A 1 39  ? -3.556  1.593   -4.358  1.00 36.42  ? 42  THR A OG1 1 
ATOM   317  C CG2 . THR A 1 39  ? -4.437  1.248   -2.168  1.00 36.42  ? 42  THR A CG2 1 
ATOM   318  N N   . PHE A 1 40  ? -1.622  0.918   -0.122  1.00 23.16  ? 43  PHE A N   1 
ATOM   319  C CA  . PHE A 1 40  ? -1.306  0.033   0.991   1.00 23.16  ? 43  PHE A CA  1 
ATOM   320  C C   . PHE A 1 40  ? -2.703  -0.469  1.330   1.00 23.16  ? 43  PHE A C   1 
ATOM   321  O O   . PHE A 1 40  ? -3.677  0.285   1.266   1.00 15.09  ? 43  PHE A O   1 
ATOM   322  C CB  . PHE A 1 40  ? -0.675  0.764   2.188   1.00 15.09  ? 43  PHE A CB  1 
ATOM   323  C CG  . PHE A 1 40  ? -0.849  0.023   3.501   1.00 15.09  ? 43  PHE A CG  1 
ATOM   324  C CD1 . PHE A 1 40  ? -0.163  -1.167  3.749   1.00 15.09  ? 43  PHE A CD1 1 
ATOM   325  C CD2 . PHE A 1 40  ? -1.797  0.444   4.440   1.00 15.09  ? 43  PHE A CD2 1 
ATOM   326  C CE1 . PHE A 1 40  ? -0.437  -1.924  4.909   1.00 15.09  ? 43  PHE A CE1 1 
ATOM   327  C CE2 . PHE A 1 40  ? -2.067  -0.302  5.584   1.00 15.09  ? 43  PHE A CE2 1 
ATOM   328  C CZ  . PHE A 1 40  ? -1.396  -1.482  5.815   1.00 15.09  ? 43  PHE A CZ  1 
ATOM   329  N N   . GLN A 1 41  ? -2.809  -1.720  1.730   1.00 9.64   ? 44  GLN A N   1 
ATOM   330  C CA  . GLN A 1 41  ? -4.106  -2.290  2.009   1.00 9.64   ? 44  GLN A CA  1 
ATOM   331  C C   . GLN A 1 41  ? -3.984  -3.449  2.962   1.00 9.64   ? 44  GLN A C   1 
ATOM   332  O O   . GLN A 1 41  ? -2.911  -3.993  3.148   1.00 54.01  ? 44  GLN A O   1 
ATOM   333  C CB  . GLN A 1 41  ? -4.705  -2.783  0.682   1.00 54.01  ? 44  GLN A CB  1 
ATOM   334  C CG  . GLN A 1 41  ? -6.006  -3.555  0.821   1.00 54.01  ? 44  GLN A CG  1 
ATOM   335  C CD  . GLN A 1 41  ? -6.757  -3.777  -0.496  1.00 54.01  ? 44  GLN A CD  1 
ATOM   336  O OE1 . GLN A 1 41  ? -7.053  -4.916  -0.876  1.00 54.01  ? 44  GLN A OE1 1 
ATOM   337  N NE2 . GLN A 1 41  ? -7.116  -2.689  -1.165  1.00 54.01  ? 44  GLN A NE2 1 
ATOM   338  N N   . VAL A 1 42  ? -5.072  -3.755  3.643   1.00 21.89  ? 45  VAL A N   1 
ATOM   339  C CA  . VAL A 1 42  ? -5.175  -4.906  4.544   1.00 21.89  ? 45  VAL A CA  1 
ATOM   340  C C   . VAL A 1 42  ? -6.662  -5.276  4.485   1.00 21.89  ? 45  VAL A C   1 
ATOM   341  O O   . VAL A 1 42  ? -7.531  -4.422  4.669   1.00 29.22  ? 45  VAL A O   1 
ATOM   342  C CB  . VAL A 1 42  ? -4.723  -4.626  5.988   1.00 29.22  ? 45  VAL A CB  1 
ATOM   343  C CG1 . VAL A 1 42  ? -5.343  -5.669  6.945   1.00 29.22  ? 45  VAL A CG1 1 
ATOM   344  C CG2 . VAL A 1 42  ? -3.192  -4.692  6.076   1.00 29.22  ? 45  VAL A CG2 1 
ATOM   345  N N   . THR A 1 43  ? -6.944  -6.544  4.205   1.00 48.55  ? 46  THR A N   1 
ATOM   346  C CA  . THR A 1 43  ? -8.316  -6.990  4.046   1.00 48.55  ? 46  THR A CA  1 
ATOM   347  C C   . THR A 1 43  ? -8.673  -8.193  4.913   1.00 48.55  ? 46  THR A C   1 
ATOM   348  O O   . THR A 1 43  ? -8.250  -9.300  4.625   1.00 24.91  ? 46  THR A O   1 
ATOM   349  C CB  . THR A 1 43  ? -8.575  -7.230  2.533   1.00 24.91  ? 46  THR A CB  1 
ATOM   350  O OG1 . THR A 1 43  ? -9.734  -8.028  2.322   1.00 24.91  ? 46  THR A OG1 1 
ATOM   351  C CG2 . THR A 1 43  ? -7.379  -7.876  1.893   1.00 24.91  ? 46  THR A CG2 1 
ATOM   352  N N   . GLN A 1 44  ? -9.364  -7.963  6.032   1.00 9.13   ? 47  GLN A N   1 
ATOM   353  C CA  . GLN A 1 44  ? -9.777  -9.058  6.920   1.00 9.13   ? 47  GLN A CA  1 
ATOM   354  C C   . GLN A 1 44  ? -11.251 -9.394  6.723   1.00 9.13   ? 47  GLN A C   1 
ATOM   355  O O   . GLN A 1 44  ? -12.030 -8.566  6.278   1.00 48.91  ? 47  GLN A O   1 
ATOM   356  C CB  . GLN A 1 44  ? -9.533  -8.705  8.389   1.00 48.91  ? 47  GLN A CB  1 
ATOM   357  C CG  . GLN A 1 44  ? -8.086  -8.394  8.726   1.00 48.91  ? 47  GLN A CG  1 
ATOM   358  C CD  . GLN A 1 44  ? -7.164  -9.587  8.629   1.00 48.91  ? 47  GLN A CD  1 
ATOM   359  O OE1 . GLN A 1 44  ? -7.095  -10.408 9.548   1.00 48.91  ? 47  GLN A OE1 1 
ATOM   360  N NE2 . GLN A 1 44  ? -6.409  -9.666  7.533   1.00 48.91  ? 47  GLN A NE2 1 
ATOM   361  N N   . LYS A 1 45  ? -11.621 -10.623 7.043   1.00 25.43  ? 48  LYS A N   1 
ATOM   362  C CA  . LYS A 1 45  ? -13.000 -11.058 6.921   1.00 25.43  ? 48  LYS A CA  1 
ATOM   363  C C   . LYS A 1 45  ? -13.876 -10.007 7.582   1.00 25.43  ? 48  LYS A C   1 
ATOM   364  O O   . LYS A 1 45  ? -13.483 -9.431  8.603   1.00 54.31  ? 48  LYS A O   1 
ATOM   365  C CB  . LYS A 1 45  ? -13.199 -12.409 7.611   1.00 54.31  ? 48  LYS A CB  1 
ATOM   366  C CG  . LYS A 1 45  ? -12.450 -13.554 6.947   1.00 54.31  ? 48  LYS A CG  1 
ATOM   367  C CD  . LYS A 1 45  ? -13.400 -14.573 6.360   1.00 54.31  ? 48  LYS A CD  1 
ATOM   368  C CE  . LYS A 1 45  ? -12.785 -15.942 6.498   1.00 54.31  ? 48  LYS A CE  1 
ATOM   369  N NZ  . LYS A 1 45  ? -12.486 -16.248 7.932   1.00 54.31  ? 48  LYS A NZ  1 
ATOM   370  N N   . THR A 1 46  ? -15.048 -9.741  7.004   1.00 36.10  ? 49  THR A N   1 
ATOM   371  C CA  . THR A 1 46  ? -15.939 -8.729  7.571   1.00 36.10  ? 49  THR A CA  1 
ATOM   372  C C   . THR A 1 46  ? -16.297 -9.177  8.999   1.00 36.10  ? 49  THR A C   1 
ATOM   373  O O   . THR A 1 46  ? -16.794 -8.383  9.815   1.00 45.33  ? 49  THR A O   1 
ATOM   374  C CB  . THR A 1 46  ? -17.172 -8.433  6.629   1.00 45.33  ? 49  THR A CB  1 
ATOM   375  O OG1 . THR A 1 46  ? -17.446 -7.019  6.585   1.00 45.33  ? 49  THR A OG1 1 
ATOM   376  C CG2 . THR A 1 46  ? -18.413 -9.174  7.096   1.00 45.33  ? 49  THR A CG2 1 
ATOM   377  N N   . GLN A 1 47  ? -15.999 -10.452 9.287   1.00 59.94  ? 50  GLN A N   1 
ATOM   378  C CA  . GLN A 1 47  ? -16.206 -11.045 10.610  1.00 59.94  ? 50  GLN A CA  1 
ATOM   379  C C   . GLN A 1 47  ? -15.618 -10.047 11.619  1.00 59.94  ? 50  GLN A C   1 
ATOM   380  O O   . GLN A 1 47  ? -16.275 -9.616  12.569  1.00 85.32  ? 50  GLN A O   1 
ATOM   381  C CB  . GLN A 1 47  ? -15.395 -12.349 10.759  1.00 85.32  ? 50  GLN A CB  1 
ATOM   382  C CG  . GLN A 1 47  ? -15.971 -13.614 10.134  1.00 85.32  ? 50  GLN A CG  1 
ATOM   383  C CD  . GLN A 1 47  ? -15.096 -14.860 10.388  1.00 85.32  ? 50  GLN A CD  1 
ATOM   384  O OE1 . GLN A 1 47  ? -15.238 -15.892 9.719   1.00 85.32  ? 50  GLN A OE1 1 
ATOM   385  N NE2 . GLN A 1 47  ? -14.194 -14.758 11.352  1.00 85.32  ? 50  GLN A NE2 1 
ATOM   386  N N   . ARG A 1 48  ? -14.356 -9.703  11.384  1.00 94.50  ? 51  ARG A N   1 
ATOM   387  C CA  . ARG A 1 48  ? -13.619 -8.785  12.231  1.00 94.50  ? 51  ARG A CA  1 
ATOM   388  C C   . ARG A 1 48  ? -12.954 -7.599  11.504  1.00 94.50  ? 51  ARG A C   1 
ATOM   389  O O   . ARG A 1 48  ? -11.753 -7.619  11.197  1.00 64.59  ? 51  ARG A O   1 
ATOM   390  C CB  . ARG A 1 48  ? -12.605 -9.561  13.104  1.00 64.59  ? 51  ARG A CB  1 
ATOM   391  C CG  . ARG A 1 48  ? -11.820 -10.705 12.445  1.00 64.59  ? 51  ARG A CG  1 
ATOM   392  C CD  . ARG A 1 48  ? -10.721 -10.233 11.496  1.00 64.59  ? 51  ARG A CD  1 
ATOM   393  N NE  . ARG A 1 48  ? -9.766  -11.297 11.175  1.00 64.59  ? 51  ARG A NE  1 
ATOM   394  C CZ  . ARG A 1 48  ? -10.077 -12.504 10.692  1.00 64.59  ? 51  ARG A CZ  1 
ATOM   395  N NH1 . ARG A 1 48  ? -11.343 -12.842 10.449  1.00 64.59  ? 51  ARG A NH1 1 
ATOM   396  N NH2 . ARG A 1 48  ? -9.103  -13.382 10.448  1.00 64.59  ? 51  ARG A NH2 1 
ATOM   397  N N   . ARG A 1 49  ? -13.747 -6.567  11.221  1.00 30.65  ? 52  ARG A N   1 
ATOM   398  C CA  . ARG A 1 49  ? -13.240 -5.356  10.578  1.00 30.65  ? 52  ARG A CA  1 
ATOM   399  C C   . ARG A 1 49  ? -12.803 -4.385  11.673  1.00 30.65  ? 52  ARG A C   1 
ATOM   400  O O   . ARG A 1 49  ? -12.165 -3.380  11.376  1.00 51.61  ? 52  ARG A O   1 
ATOM   401  C CB  . ARG A 1 49  ? -14.306 -4.703  9.664   1.00 51.61  ? 52  ARG A CB  1 
ATOM   402  C CG  . ARG A 1 49  ? -15.384 -3.807  10.334  1.00 51.61  ? 52  ARG A CG  1 
ATOM   403  C CD  . ARG A 1 49  ? -15.046 -2.295  10.192  1.00 51.61  ? 52  ARG A CD  1 
ATOM   404  N NE  . ARG A 1 49  ? -16.005 -1.374  10.820  1.00 51.61  ? 52  ARG A NE  1 
ATOM   405  C CZ  . ARG A 1 49  ? -15.679 -0.195  11.354  1.00 51.61  ? 52  ARG A CZ  1 
ATOM   406  N NH1 . ARG A 1 49  ? -14.426 0.248   11.323  1.00 51.61  ? 52  ARG A NH1 1 
ATOM   407  N NH2 . ARG A 1 49  ? -16.620 0.567   11.897  1.00 51.61  ? 52  ARG A NH2 1 
ATOM   408  N N   . TRP A 1 50  ? -13.176 -4.667  12.927  1.00 33.09  ? 53  TRP A N   1 
ATOM   409  C CA  . TRP A 1 50  ? -12.821 -3.784  14.043  1.00 33.09  ? 53  TRP A CA  1 
ATOM   410  C C   . TRP A 1 50  ? -11.323 -3.584  14.113  1.00 33.09  ? 53  TRP A C   1 
ATOM   411  O O   . TRP A 1 50  ? -10.861 -2.559  14.624  1.00 43.24  ? 53  TRP A O   1 
ATOM   412  C CB  . TRP A 1 50  ? -13.356 -4.310  15.377  1.00 43.24  ? 53  TRP A CB  1 
ATOM   413  C CG  . TRP A 1 50  ? -12.881 -5.694  15.728  1.00 43.24  ? 53  TRP A CG  1 
ATOM   414  C CD1 . TRP A 1 50  ? -13.530 -6.867  15.467  1.00 43.24  ? 53  TRP A CD1 1 
ATOM   415  C CD2 . TRP A 1 50  ? -11.636 -6.052  16.360  1.00 43.24  ? 53  TRP A CD2 1 
ATOM   416  N NE1 . TRP A 1 50  ? -12.757 -7.933  15.886  1.00 43.24  ? 53  TRP A NE1 1 
ATOM   417  C CE2 . TRP A 1 50  ? -11.595 -7.460  16.431  1.00 43.24  ? 53  TRP A CE2 1 
ATOM   418  C CE3 . TRP A 1 50  ? -10.559 -5.322  16.862  1.00 43.24  ? 53  TRP A CE3 1 
ATOM   419  C CZ2 . TRP A 1 50  ? -10.522 -8.146  16.987  1.00 43.24  ? 53  TRP A CZ2 1 
ATOM   420  C CZ3 . TRP A 1 50  ? -9.494  -6.011  17.419  1.00 43.24  ? 53  TRP A CZ3 1 
ATOM   421  C CH2 . TRP A 1 50  ? -9.483  -7.408  17.472  1.00 43.24  ? 53  TRP A CH2 1 
ATOM   422  N N   . PHE A 1 51  ? -10.585 -4.608  13.666  1.00 12.91  ? 54  PHE A N   1 
ATOM   423  C CA  . PHE A 1 51  ? -9.139  -4.550  13.635  1.00 12.91  ? 54  PHE A CA  1 
ATOM   424  C C   . PHE A 1 51  ? -8.782  -3.616  12.497  1.00 12.91  ? 54  PHE A C   1 
ATOM   425  O O   . PHE A 1 51  ? -7.772  -2.909  12.537  1.00 34.79  ? 54  PHE A O   1 
ATOM   426  C CB  . PHE A 1 51  ? -8.522  -5.926  13.384  1.00 34.79  ? 54  PHE A CB  1 
ATOM   427  C CG  . PHE A 1 51  ? -7.004  -5.905  13.369  1.00 34.79  ? 54  PHE A CG  1 
ATOM   428  C CD1 . PHE A 1 51  ? -6.269  -5.802  14.569  1.00 34.79  ? 54  PHE A CD1 1 
ATOM   429  C CD2 . PHE A 1 51  ? -6.309  -5.898  12.165  1.00 34.79  ? 54  PHE A CD2 1 
ATOM   430  C CE1 . PHE A 1 51  ? -4.889  -5.684  14.561  1.00 34.79  ? 54  PHE A CE1 1 
ATOM   431  C CE2 . PHE A 1 51  ? -4.924  -5.779  12.148  1.00 34.79  ? 54  PHE A CE2 1 
ATOM   432  C CZ  . PHE A 1 51  ? -4.216  -5.669  13.351  1.00 34.79  ? 54  PHE A CZ  1 
ATOM   433  N N   . LEU A 1 52  ? -9.587  -3.701  11.443  1.00 20.08  ? 55  LEU A N   1 
ATOM   434  C CA  . LEU A 1 52  ? -9.437  -2.864  10.255  1.00 20.08  ? 55  LEU A CA  1 
ATOM   435  C C   . LEU A 1 52  ? -9.833  -1.441  10.624  1.00 20.08  ? 55  LEU A C   1 
ATOM   436  O O   . LEU A 1 52  ? -9.413  -0.470  10.006  1.00 21.60  ? 55  LEU A O   1 
ATOM   437  C CB  . LEU A 1 52  ? -10.321 -3.401  9.127   1.00 21.60  ? 55  LEU A CB  1 
ATOM   438  C CG  . LEU A 1 52  ? -9.648  -4.178  7.996   1.00 21.60  ? 55  LEU A CG  1 
ATOM   439  C CD1 . LEU A 1 52  ? -8.737  -5.233  8.548   1.00 21.60  ? 55  LEU A CD1 1 
ATOM   440  C CD2 . LEU A 1 52  ? -10.701 -4.795  7.087   1.00 21.60  ? 55  LEU A CD2 1 
ATOM   441  N N   . GLY A 1 53  ? -10.677 -1.330  11.631  1.00 31.77  ? 56  GLY A N   1 
ATOM   442  C CA  . GLY A 1 53  ? -11.065 -0.017  12.082  1.00 31.77  ? 56  GLY A CA  1 
ATOM   443  C C   . GLY A 1 53  ? -9.982  0.463   13.026  1.00 31.77  ? 56  GLY A C   1 
ATOM   444  O O   . GLY A 1 53  ? -9.846  1.659   13.232  1.00 30.58  ? 56  GLY A O   1 
ATOM   445  N N   . LYS A 1 54  ? -9.274  -0.485  13.653  1.00 31.75  ? 57  LYS A N   1 
ATOM   446  C CA  . LYS A 1 54  ? -8.167  -0.202  14.575  1.00 31.75  ? 57  LYS A CA  1 
ATOM   447  C C   . LYS A 1 54  ? -6.956  0.269   13.775  1.00 31.75  ? 57  LYS A C   1 
ATOM   448  O O   . LYS A 1 54  ? -6.206  1.133   14.232  1.00 53.30  ? 57  LYS A O   1 
ATOM   449  C CB  . LYS A 1 54  ? -7.789  -1.468  15.354  1.00 53.30  ? 57  LYS A CB  1 
ATOM   450  C CG  . LYS A 1 54  ? -6.561  -1.311  16.226  1.00 53.30  ? 57  LYS A CG  1 
ATOM   451  C CD  . LYS A 1 54  ? -5.976  -2.636  16.701  1.00 53.30  ? 57  LYS A CD  1 
ATOM   452  C CE  . LYS A 1 54  ? -6.680  -3.153  17.938  1.00 53.30  ? 57  LYS A CE  1 
ATOM   453  N NZ  . LYS A 1 54  ? -8.071  -3.487  17.637  1.00 53.30  ? 57  LYS A NZ  1 
ATOM   454  N N   . LEU A 1 55  ? -6.742  -0.362  12.617  1.00 59.92  ? 58  LEU A N   1 
ATOM   455  C CA  . LEU A 1 55  ? -5.639  -0.002  11.736  1.00 59.92  ? 58  LEU A CA  1 
ATOM   456  C C   . LEU A 1 55  ? -5.775  1.458   11.390  1.00 59.92  ? 58  LEU A C   1 
ATOM   457  O O   . LEU A 1 55  ? -4.812  2.208   11.516  1.00 16.78  ? 58  LEU A O   1 
ATOM   458  C CB  . LEU A 1 55  ? -5.649  -0.839  10.459  1.00 16.78  ? 58  LEU A CB  1 
ATOM   459  C CG  . LEU A 1 55  ? -5.091  -2.251  10.646  1.00 16.78  ? 58  LEU A CG  1 
ATOM   460  C CD1 . LEU A 1 55  ? -5.454  -3.199  9.542   1.00 16.78  ? 58  LEU A CD1 1 
ATOM   461  C CD2 . LEU A 1 55  ? -3.600  -2.127  10.747  1.00 16.78  ? 58  LEU A CD2 1 
ATOM   462  N N   . VAL A 1 56  ? -6.991  1.841   10.993  1.00 27.67  ? 59  VAL A N   1 
ATOM   463  C CA  . VAL A 1 56  ? -7.343  3.219   10.631  1.00 27.67  ? 59  VAL A CA  1 
ATOM   464  C C   . VAL A 1 56  ? -7.069  4.207   11.770  1.00 27.67  ? 59  VAL A C   1 
ATOM   465  O O   . VAL A 1 56  ? -6.606  5.313   11.532  1.00 31.21  ? 59  VAL A O   1 
ATOM   466  C CB  . VAL A 1 56  ? -8.829  3.350   10.277  1.00 31.21  ? 59  VAL A CB  1 
ATOM   467  C CG1 . VAL A 1 56  ? -9.147  4.760   9.959   1.00 31.21  ? 59  VAL A CG1 1 
ATOM   468  C CG2 . VAL A 1 56  ? -9.187  2.483   9.116   1.00 31.21  ? 59  VAL A CG2 1 
ATOM   469  N N   . ASP A 1 57  ? -7.436  3.833   12.991  1.00 17.40  ? 60  ASP A N   1 
ATOM   470  C CA  . ASP A 1 57  ? -7.242  4.687   14.155  1.00 17.40  ? 60  ASP A CA  1 
ATOM   471  C C   . ASP A 1 57  ? -5.786  4.697   14.622  1.00 17.40  ? 60  ASP A C   1 
ATOM   472  O O   . ASP A 1 57  ? -5.311  5.708   15.156  1.00 43.46  ? 60  ASP A O   1 
ATOM   473  C CB  . ASP A 1 57  ? -8.158  4.262   15.313  1.00 43.46  ? 60  ASP A CB  1 
ATOM   474  C CG  . ASP A 1 57  ? -9.628  4.302   14.951  1.00 43.46  ? 60  ASP A CG  1 
ATOM   475  O OD1 . ASP A 1 57  ? -10.021 5.019   14.003  1.00 43.46  ? 60  ASP A OD1 1 
ATOM   476  O OD2 . ASP A 1 57  ? -10.409 3.604   15.627  1.00 43.46  ? 60  ASP A OD2 1 
ATOM   477  N N   . GLU A 1 58  ? -5.104  3.559   14.510  1.00 21.14  ? 61  GLU A N   1 
ATOM   478  C CA  . GLU A 1 58  ? -3.711  3.504   14.921  1.00 21.14  ? 61  GLU A CA  1 
ATOM   479  C C   . GLU A 1 58  ? -2.919  4.317   13.920  1.00 21.14  ? 61  GLU A C   1 
ATOM   480  O O   . GLU A 1 58  ? -2.149  5.204   14.296  1.00 95.62  ? 61  GLU A O   1 
ATOM   481  C CB  . GLU A 1 58  ? -3.227  2.063   14.958  1.00 95.62  ? 61  GLU A CB  1 
ATOM   482  C CG  . GLU A 1 58  ? -3.889  1.239   16.031  1.00 95.62  ? 61  GLU A CG  1 
ATOM   483  C CD  . GLU A 1 58  ? -3.375  -0.183  16.038  1.00 95.62  ? 61  GLU A CD  1 
ATOM   484  O OE1 . GLU A 1 58  ? -3.807  -0.988  15.180  1.00 95.62  ? 61  GLU A OE1 1 
ATOM   485  O OE2 . GLU A 1 58  ? -2.519  -0.490  16.893  1.00 95.62  ? 61  GLU A OE2 1 
ATOM   486  N N   . ILE A 1 59  ? -3.155  4.024   12.642  1.00 46.32  ? 62  ILE A N   1 
ATOM   487  C CA  . ILE A 1 59  ? -2.498  4.692   11.519  1.00 46.32  ? 62  ILE A CA  1 
ATOM   488  C C   . ILE A 1 59  ? -3.050  6.103   11.270  1.00 46.32  ? 62  ILE A C   1 
ATOM   489  O O   . ILE A 1 59  ? -2.378  6.940   10.639  1.00 35.28  ? 62  ILE A O   1 
ATOM   490  C CB  . ILE A 1 59  ? -2.602  3.839   10.233  1.00 35.28  ? 62  ILE A CB  1 
ATOM   491  C CG1 . ILE A 1 59  ? -1.935  2.480   10.456  1.00 35.28  ? 62  ILE A CG1 1 
ATOM   492  C CG2 . ILE A 1 59  ? -1.938  4.556   9.063   1.00 35.28  ? 62  ILE A CG2 1 
ATOM   493  C CD1 . ILE A 1 59  ? -1.865  1.651   9.243   1.00 35.28  ? 62  ILE A CD1 1 
ATOM   494  N N   . GLY A 1 60  ? -4.242  6.355   11.825  1.00 40.76  ? 63  GLY A N   1 
ATOM   495  C CA  . GLY A 1 60  ? -4.930  7.642   11.720  1.00 40.76  ? 63  GLY A CA  1 
ATOM   496  C C   . GLY A 1 60  ? -5.662  7.892   10.417  1.00 40.76  ? 63  GLY A C   1 
ATOM   497  O O   . GLY A 1 60  ? -6.890  8.074   10.356  1.00 40.21  ? 63  GLY A O   1 
ATOM   498  N N   . VAL A 1 61  ? -4.856  7.898   9.373   1.00 45.04  ? 64  VAL A N   1 
ATOM   499  C CA  . VAL A 1 61  ? -5.259  8.126   8.004   1.00 45.04  ? 64  VAL A CA  1 
ATOM   500  C C   . VAL A 1 61  ? -5.766  6.858   7.305   1.00 45.04  ? 64  VAL A C   1 
ATOM   501  O O   . VAL A 1 61  ? -5.141  5.807   7.405   1.00 32.42  ? 64  VAL A O   1 
ATOM   502  C CB  . VAL A 1 61  ? -4.021  8.610   7.243   1.00 32.42  ? 64  VAL A CB  1 
ATOM   503  C CG1 . VAL A 1 61  ? -2.912  7.512   7.299   1.00 32.42  ? 64  VAL A CG1 1 
ATOM   504  C CG2 . VAL A 1 61  ? -4.377  9.024   5.822   1.00 32.42  ? 64  VAL A CG2 1 
ATOM   505  N N   . GLY A 1 62  ? -6.870  6.955   6.568   1.00 35.60  ? 65  GLY A N   1 
ATOM   506  C CA  . GLY A 1 62  ? -7.324  5.787   5.844   1.00 35.60  ? 65  GLY A CA  1 
ATOM   507  C C   . GLY A 1 62  ? -8.807  5.597   5.913   1.00 35.60  ? 65  GLY A C   1 
ATOM   508  O O   . GLY A 1 62  ? -9.526  6.502   6.355   1.00 13.37  ? 65  GLY A O   1 
ATOM   509  N N   . TYR A 1 63  ? -9.261  4.467   5.363   1.00 11.60  ? 66  TYR A N   1 
ATOM   510  C CA  . TYR A 1 63  ? -10.663 4.078   5.392   1.00 11.60  ? 66  TYR A CA  1 
ATOM   511  C C   . TYR A 1 63  ? -10.878 2.569   5.219   1.00 11.60  ? 66  TYR A C   1 
ATOM   512  O O   . TYR A 1 63  ? -10.017 1.860   4.690   1.00 34.40  ? 66  TYR A O   1 
ATOM   513  C CB  . TYR A 1 63  ? -11.501 4.880   4.376   1.00 34.40  ? 66  TYR A CB  1 
ATOM   514  C CG  . TYR A 1 63  ? -11.323 4.522   2.923   1.00 34.40  ? 66  TYR A CG  1 
ATOM   515  C CD1 . TYR A 1 63  ? -10.135 4.801   2.246   1.00 34.40  ? 66  TYR A CD1 1 
ATOM   516  C CD2 . TYR A 1 63  ? -12.357 3.930   2.217   1.00 34.40  ? 66  TYR A CD2 1 
ATOM   517  C CE1 . TYR A 1 63  ? -9.989  4.497   0.881   1.00 34.40  ? 66  TYR A CE1 1 
ATOM   518  C CE2 . TYR A 1 63  ? -12.231 3.618   0.861   1.00 34.40  ? 66  TYR A CE2 1 
ATOM   519  C CZ  . TYR A 1 63  ? -11.048 3.901   0.192   1.00 34.40  ? 66  TYR A CZ  1 
ATOM   520  O OH  . TYR A 1 63  ? -10.943 3.605   -1.163  1.00 34.40  ? 66  TYR A OH  1 
ATOM   521  N N   . VAL A 1 64  ? -11.961 2.070   5.809   1.00 2.00   ? 67  VAL A N   1 
ATOM   522  C CA  . VAL A 1 64  ? -12.328 0.668   5.672   1.00 2.00   ? 67  VAL A CA  1 
ATOM   523  C C   . VAL A 1 64  ? -13.278 0.555   4.493   1.00 2.00   ? 67  VAL A C   1 
ATOM   524  O O   . VAL A 1 64  ? -14.129 1.426   4.310   1.00 2.00   ? 67  VAL A O   1 
ATOM   525  C CB  . VAL A 1 64  ? -13.035 0.193   6.881   1.00 2.00   ? 67  VAL A CB  1 
ATOM   526  C CG1 . VAL A 1 64  ? -13.446 -1.267  6.703   1.00 2.00   ? 67  VAL A CG1 1 
ATOM   527  C CG2 . VAL A 1 64  ? -12.136 0.449   8.085   1.00 2.00   ? 67  VAL A CG2 1 
ATOM   528  N N   . ARG A 1 65  ? -13.143 -0.508  3.700   1.00 30.36  ? 68  ARG A N   1 
ATOM   529  C CA  . ARG A 1 65  ? -13.992 -0.723  2.524   1.00 30.36  ? 68  ARG A CA  1 
ATOM   530  C C   . ARG A 1 65  ? -14.809 -2.018  2.624   1.00 30.36  ? 68  ARG A C   1 
ATOM   531  O O   . ARG A 1 65  ? -14.240 -3.104  2.629   1.00 32.32  ? 68  ARG A O   1 
ATOM   532  C CB  . ARG A 1 65  ? -13.122 -0.756  1.278   1.00 32.32  ? 68  ARG A CB  1 
ATOM   533  C CG  . ARG A 1 65  ? -13.868 -0.519  0.005   1.00 32.32  ? 68  ARG A CG  1 
ATOM   534  C CD  . ARG A 1 65  ? -13.524 -1.544  -1.046  1.00 32.32  ? 68  ARG A CD  1 
ATOM   535  N NE  . ARG A 1 65  ? -12.093 -1.668  -1.337  1.00 32.32  ? 68  ARG A NE  1 
ATOM   536  C CZ  . ARG A 1 65  ? -11.499 -1.198  -2.438  1.00 32.32  ? 68  ARG A CZ  1 
ATOM   537  N NH1 . ARG A 1 65  ? -12.196 -0.536  -3.355  1.00 32.32  ? 68  ARG A NH1 1 
ATOM   538  N NH2 . ARG A 1 65  ? -10.225 -1.496  -2.694  1.00 32.32  ? 68  ARG A NH2 1 
ATOM   539  N N   . ASP A 1 66  ? -16.137 -1.895  2.711   1.00 16.01  ? 69  ASP A N   1 
ATOM   540  C CA  . ASP A 1 66  ? -17.034 -3.054  2.821   1.00 16.01  ? 69  ASP A CA  1 
ATOM   541  C C   . ASP A 1 66  ? -17.309 -3.666  1.458   1.00 16.01  ? 69  ASP A C   1 
ATOM   542  O O   . ASP A 1 66  ? -18.101 -3.118  0.673   1.00 20.65  ? 69  ASP A O   1 
ATOM   543  C CB  . ASP A 1 66  ? -18.354 -2.652  3.466   1.00 20.65  ? 69  ASP A CB  1 
ATOM   544  C CG  . ASP A 1 66  ? -19.331 -3.810  3.601   1.00 20.65  ? 69  ASP A CG  1 
ATOM   545  O OD1 . ASP A 1 66  ? -19.483 -4.616  2.668   1.00 20.65  ? 69  ASP A OD1 1 
ATOM   546  O OD2 . ASP A 1 66  ? -20.000 -3.911  4.647   1.00 20.65  ? 69  ASP A OD2 1 
ATOM   547  N N   . ARG A 1 67  ? -16.726 -4.852  1.252   1.00 29.13  ? 70  ARG A N   1 
ATOM   548  C CA  . ARG A 1 67  ? -16.830 -5.654  0.020   1.00 29.13  ? 70  ARG A CA  1 
ATOM   549  C C   . ARG A 1 67  ? -17.433 -7.029  0.277   1.00 29.13  ? 70  ARG A C   1 
ATOM   550  O O   . ARG A 1 67  ? -16.842 -8.046  -0.094  1.00 39.23  ? 70  ARG A O   1 
ATOM   551  C CB  . ARG A 1 67  ? -15.443 -5.884  -0.588  1.00 39.23  ? 70  ARG A CB  1 
ATOM   552  C CG  . ARG A 1 67  ? -15.038 -4.950  -1.706  1.00 39.23  ? 70  ARG A CG  1 
ATOM   553  C CD  . ARG A 1 67  ? -13.833 -5.516  -2.416  1.00 39.23  ? 70  ARG A CD  1 
ATOM   554  N NE  . ARG A 1 67  ? -12.800 -5.940  -1.471  1.00 39.23  ? 70  ARG A NE  1 
ATOM   555  C CZ  . ARG A 1 67  ? -12.023 -7.005  -1.648  1.00 39.23  ? 70  ARG A CZ  1 
ATOM   556  N NH1 . ARG A 1 67  ? -12.169 -7.754  -2.732  1.00 39.23  ? 70  ARG A NH1 1 
ATOM   557  N NH2 . ARG A 1 67  ? -11.098 -7.322  -0.751  1.00 39.23  ? 70  ARG A NH2 1 
ATOM   558  N N   . GLY A 1 68  ? -18.620 -7.075  0.864   1.00 19.11  ? 71  GLY A N   1 
ATOM   559  C CA  . GLY A 1 68  ? -19.217 -8.367  1.126   1.00 19.11  ? 71  GLY A CA  1 
ATOM   560  C C   . GLY A 1 68  ? -18.593 -9.131  2.281   1.00 19.11  ? 71  GLY A C   1 
ATOM   561  O O   . GLY A 1 68  ? -18.467 -8.599  3.386   1.00 74.22  ? 71  GLY A O   1 
ATOM   562  N N   . SER A 1 69  ? -18.283 -10.405 2.057   1.00 33.65  ? 72  SER A N   1 
ATOM   563  C CA  . SER A 1 69  ? -17.706 -11.242 3.105   1.00 33.65  ? 72  SER A CA  1 
ATOM   564  C C   . SER A 1 69  ? -16.340 -10.781 3.594   1.00 33.65  ? 72  SER A C   1 
ATOM   565  O O   . SER A 1 69  ? -15.791 -11.361 4.531   1.00 125.30 ? 72  SER A O   1 
ATOM   566  C CB  . SER A 1 69  ? -17.653 -12.710 2.668   1.00 125.30 ? 72  SER A CB  1 
ATOM   567  O OG  . SER A 1 69  ? -16.965 -12.876 1.439   1.00 125.30 ? 72  SER A OG  1 
ATOM   568  N N   . VAL A 1 70  ? -15.802 -9.733  2.973   1.00 23.02  ? 73  VAL A N   1 
ATOM   569  C CA  . VAL A 1 70  ? -14.496 -9.193  3.337   1.00 23.02  ? 73  VAL A CA  1 
ATOM   570  C C   . VAL A 1 70  ? -14.581 -7.672  3.238   1.00 23.02  ? 73  VAL A C   1 
ATOM   571  O O   . VAL A 1 70  ? -15.356 -7.122  2.467   1.00 14.41  ? 73  VAL A O   1 
ATOM   572  C CB  . VAL A 1 70  ? -13.318 -9.661  2.372   1.00 14.41  ? 73  VAL A CB  1 
ATOM   573  C CG1 . VAL A 1 70  ? -11.989 -9.639  3.129   1.00 14.41  ? 73  VAL A CG1 1 
ATOM   574  C CG2 . VAL A 1 70  ? -13.538 -11.065 1.805   1.00 14.41  ? 73  VAL A CG2 1 
ATOM   575  N N   . SER A 1 71  ? -13.764 -7.011  4.036   1.00 9.07   ? 74  SER A N   1 
ATOM   576  C CA  . SER A 1 71  ? -13.678 -5.575  4.048   1.00 9.07   ? 74  SER A CA  1 
ATOM   577  C C   . SER A 1 71  ? -12.192 -5.248  4.051   1.00 9.07   ? 74  SER A C   1 
ATOM   578  O O   . SER A 1 71  ? -11.374 -6.138  4.272   1.00 12.73  ? 74  SER A O   1 
ATOM   579  C CB  . SER A 1 71  ? -14.352 -5.028  5.287   1.00 12.73  ? 74  SER A CB  1 
ATOM   580  O OG  . SER A 1 71  ? -15.730 -5.329  5.235   1.00 12.73  ? 74  SER A OG  1 
ATOM   581  N N   . ASP A 1 72  ? -11.818 -3.997  3.794   1.00 20.95  ? 75  ASP A N   1 
ATOM   582  C CA  . ASP A 1 72  ? -10.418 -3.668  3.796   1.00 20.95  ? 75  ASP A CA  1 
ATOM   583  C C   . ASP A 1 72  ? -10.025 -2.242  3.997   1.00 20.95  ? 75  ASP A C   1 
ATOM   584  O O   . ASP A 1 72  ? -10.653 -1.313  3.521   1.00 23.85  ? 75  ASP A O   1 
ATOM   585  C CB  . ASP A 1 72  ? -9.711  -4.224  2.553   1.00 23.85  ? 75  ASP A CB  1 
ATOM   586  C CG  . ASP A 1 72  ? -10.515 -4.066  1.275   1.00 23.85  ? 75  ASP A CG  1 
ATOM   587  O OD1 . ASP A 1 72  ? -11.136 -2.997  1.097   1.00 23.85  ? 75  ASP A OD1 1 
ATOM   588  O OD2 . ASP A 1 72  ? -10.504 -5.010  0.448   1.00 23.85  ? 75  ASP A OD2 1 
ATOM   589  N N   . TYR A 1 73  ? -8.922  -2.107  4.704   1.00 2.00   ? 76  TYR A N   1 
ATOM   590  C CA  . TYR A 1 73  ? -8.299  -0.827  5.011   1.00 2.00   ? 76  TYR A CA  1 
ATOM   591  C C   . TYR A 1 73  ? -7.522  -0.429  3.779   1.00 2.00   ? 76  TYR A C   1 
ATOM   592  O O   . TYR A 1 73  ? -6.686  -1.207  3.308   1.00 23.57  ? 76  TYR A O   1 
ATOM   593  C CB  . TYR A 1 73  ? -7.307  -1.037  6.156   1.00 23.57  ? 76  TYR A CB  1 
ATOM   594  C CG  . TYR A 1 73  ? -6.438  0.143   6.455   1.00 23.57  ? 76  TYR A CG  1 
ATOM   595  C CD1 . TYR A 1 73  ? -5.371  0.460   5.636   1.00 23.57  ? 76  TYR A CD1 1 
ATOM   596  C CD2 . TYR A 1 73  ? -6.722  0.969   7.524   1.00 23.57  ? 76  TYR A CD2 1 
ATOM   597  C CE1 . TYR A 1 73  ? -4.635  1.557   5.857   1.00 23.57  ? 76  TYR A CE1 1 
ATOM   598  C CE2 . TYR A 1 73  ? -5.987  2.079   7.759   1.00 23.57  ? 76  TYR A CE2 1 
ATOM   599  C CZ  . TYR A 1 73  ? -4.945  2.371   6.928   1.00 23.57  ? 76  TYR A CZ  1 
ATOM   600  O OH  . TYR A 1 73  ? -4.200  3.490   7.167   1.00 23.57  ? 76  TYR A OH  1 
ATOM   601  N N   . ILE A 1 74  ? -7.714  0.791   3.303   1.00 10.83  ? 77  ILE A N   1 
ATOM   602  C CA  . ILE A 1 74  ? -7.005  1.255   2.113   1.00 10.83  ? 77  ILE A CA  1 
ATOM   603  C C   . ILE A 1 74  ? -6.430  2.611   2.437   1.00 10.83  ? 77  ILE A C   1 
ATOM   604  O O   . ILE A 1 74  ? -7.194  3.566   2.590   1.00 26.76  ? 77  ILE A O   1 
ATOM   605  C CB  . ILE A 1 74  ? -7.990  1.466   0.945   1.00 26.76  ? 77  ILE A CB  1 
ATOM   606  C CG1 . ILE A 1 74  ? -8.960  0.295   0.826   1.00 26.76  ? 77  ILE A CG1 1 
ATOM   607  C CG2 . ILE A 1 74  ? -7.233  1.670   -0.337  1.00 26.76  ? 77  ILE A CG2 1 
ATOM   608  C CD1 . ILE A 1 74  ? -9.897  0.458   -0.294  1.00 26.76  ? 77  ILE A CD1 1 
ATOM   609  N N   . LEU A 1 75  ? -5.120  2.719   2.605   1.00 71.91  ? 78  LEU A N   1 
ATOM   610  C CA  . LEU A 1 75  ? -4.544  4.029   2.916   1.00 71.91  ? 78  LEU A CA  1 
ATOM   611  C C   . LEU A 1 75  ? -4.929  5.009   1.803   1.00 71.91  ? 78  LEU A C   1 
ATOM   612  O O   . LEU A 1 75  ? -5.760  5.945   1.999   1.00 20.69  ? 78  LEU A O   1 
ATOM   613  C CB  . LEU A 1 75  ? -3.034  3.912   3.003   1.00 20.69  ? 78  LEU A CB  1 
ATOM   614  C CG  . LEU A 1 75  ? -2.178  5.128   3.349   1.00 20.69  ? 78  LEU A CG  1 
ATOM   615  C CD1 . LEU A 1 75  ? -2.798  5.841   4.492   1.00 20.69  ? 78  LEU A CD1 1 
ATOM   616  C CD2 . LEU A 1 75  ? -0.770  4.663   3.702   1.00 20.69  ? 78  LEU A CD2 1 
ATOM   617  N N   . SER A 1 76  ? -4.294  4.788   0.648   1.00 21.26  ? 79  SER A N   1 
ATOM   618  C CA  . SER A 1 76  ? -4.527  5.560   -0.579  1.00 21.26  ? 79  SER A CA  1 
ATOM   619  C C   . SER A 1 76  ? -3.713  6.818   -0.878  1.00 21.26  ? 79  SER A C   1 
ATOM   620  O O   . SER A 1 76  ? -3.723  7.856   -0.171  1.00 40.55  ? 79  SER A O   1 
ATOM   621  C CB  . SER A 1 76  ? -6.029  5.839   -0.803  1.00 40.55  ? 79  SER A CB  1 
ATOM   622  O OG  . SER A 1 76  ? -6.782  4.639   -0.916  1.00 40.55  ? 79  SER A OG  1 
ATOM   623  N N   . GLU A 1 77  ? -3.068  6.697   -2.021  1.00 56.19  ? 80  GLU A N   1 
ATOM   624  C CA  . GLU A 1 77  ? -2.247  7.715   -2.612  1.00 56.19  ? 80  GLU A CA  1 
ATOM   625  C C   . GLU A 1 77  ? -1.271  8.505   -1.781  1.00 56.19  ? 80  GLU A C   1 
ATOM   626  O O   . GLU A 1 77  ? -1.510  8.956   -0.660  1.00 75.50  ? 80  GLU A O   1 
ATOM   627  C CB  . GLU A 1 77  ? -3.082  8.648   -3.497  1.00 75.50  ? 80  GLU A CB  1 
ATOM   628  C CG  . GLU A 1 77  ? -4.099  7.934   -4.412  1.00 75.50  ? 80  GLU A CG  1 
ATOM   629  C CD  . GLU A 1 77  ? -3.573  6.636   -5.026  1.00 75.50  ? 80  GLU A CD  1 
ATOM   630  O OE1 . GLU A 1 77  ? -2.698  6.716   -5.916  1.00 75.50  ? 80  GLU A OE1 1 
ATOM   631  O OE2 . GLU A 1 77  ? -4.045  5.548   -4.615  1.00 75.50  ? 80  GLU A OE2 1 
ATOM   632  N N   . ILE A 1 78  ? -0.120  8.577   -2.418  1.00 96.39  ? 81  ILE A N   1 
ATOM   633  C CA  . ILE A 1 78  ? 1.093   9.245   -2.032  1.00 96.39  ? 81  ILE A CA  1 
ATOM   634  C C   . ILE A 1 78  ? 1.148   10.120  -0.786  1.00 96.39  ? 81  ILE A C   1 
ATOM   635  O O   . ILE A 1 78  ? 2.113   10.062  -0.020  1.00 34.36  ? 81  ILE A O   1 
ATOM   636  C CB  . ILE A 1 78  ? 1.557   10.085  -3.226  1.00 34.36  ? 81  ILE A CB  1 
ATOM   637  C CG1 . ILE A 1 78  ? 1.554   9.233   -4.517  1.00 34.36  ? 81  ILE A CG1 1 
ATOM   638  C CG2 . ILE A 1 78  ? 2.928   10.738  -2.930  1.00 34.36  ? 81  ILE A CG2 1 
ATOM   639  C CD1 . ILE A 1 78  ? 0.223   9.217   -5.276  1.00 34.36  ? 81  ILE A CD1 1 
ATOM   640  N N   . LYS A 1 79  ? 0.144   10.958  -0.590  1.00 52.12  ? 82  LYS A N   1 
ATOM   641  C CA  . LYS A 1 79  ? 0.177   11.891  0.533   1.00 52.12  ? 82  LYS A CA  1 
ATOM   642  C C   . LYS A 1 79  ? 0.571   11.261  1.886   1.00 52.12  ? 82  LYS A C   1 
ATOM   643  O O   . LYS A 1 79  ? 1.690   11.482  2.368   1.00 47.63  ? 82  LYS A O   1 
ATOM   644  C CB  . LYS A 1 79  ? -1.130  12.739  0.613   1.00 47.63  ? 82  LYS A CB  1 
ATOM   645  C CG  . LYS A 1 79  ? -1.882  13.012  -0.736  1.00 47.63  ? 82  LYS A CG  1 
ATOM   646  C CD  . LYS A 1 79  ? -2.787  11.830  -1.132  1.00 47.63  ? 82  LYS A CD  1 
ATOM   647  C CE  . LYS A 1 79  ? -3.518  12.050  -2.442  1.00 47.63  ? 82  LYS A CE  1 
ATOM   648  N NZ  . LYS A 1 79  ? -4.467  13.206  -2.453  1.00 47.63  ? 82  LYS A NZ  1 
ATOM   649  N N   . PRO A 1 80  ? -0.331  10.458  2.489   1.00 54.62  ? 83  PRO A N   1 
ATOM   650  C CA  . PRO A 1 80  ? -0.033  9.824   3.774   1.00 54.62  ? 83  PRO A CA  1 
ATOM   651  C C   . PRO A 1 80  ? 0.743   8.531   3.531   1.00 54.62  ? 83  PRO A C   1 
ATOM   652  O O   . PRO A 1 80  ? 1.282   7.919   4.451   1.00 68.73  ? 83  PRO A O   1 
ATOM   653  C CB  . PRO A 1 80  ? -1.419  9.537   4.317   1.00 68.73  ? 83  PRO A CB  1 
ATOM   654  C CG  . PRO A 1 80  ? -2.161  9.106   3.079   1.00 68.73  ? 83  PRO A CG  1 
ATOM   655  C CD  . PRO A 1 80  ? -1.673  10.052  2.006   1.00 68.73  ? 83  PRO A CD  1 
ATOM   656  N N   . LEU A 1 81  ? 0.747   8.115   2.267   1.00 64.26  ? 84  LEU A N   1 
ATOM   657  C CA  . LEU A 1 81  ? 1.428   6.916   1.820   1.00 64.26  ? 84  LEU A CA  1 
ATOM   658  C C   . LEU A 1 81  ? 2.948   7.002   1.984   1.00 64.26  ? 84  LEU A C   1 
ATOM   659  O O   . LEU A 1 81  ? 3.595   5.975   2.121   1.00 15.55  ? 84  LEU A O   1 
ATOM   660  C CB  . LEU A 1 81  ? 1.080   6.628   0.350   1.00 15.55  ? 84  LEU A CB  1 
ATOM   661  C CG  . LEU A 1 81  ? 0.311   5.386   -0.091  1.00 15.55  ? 84  LEU A CG  1 
ATOM   662  C CD1 . LEU A 1 81  ? 0.664   5.067   -1.541  1.00 15.55  ? 84  LEU A CD1 1 
ATOM   663  C CD2 . LEU A 1 81  ? 0.689   4.246   0.841   1.00 15.55  ? 84  LEU A CD2 1 
ATOM   664  N N   . HIS A 1 82  ? 3.532   8.196   1.881   1.00 21.14  ? 85  HIS A N   1 
ATOM   665  C CA  . HIS A 1 82  ? 4.985   8.320   2.044   1.00 21.14  ? 85  HIS A CA  1 
ATOM   666  C C   . HIS A 1 82  ? 5.409   8.387   3.531   1.00 21.14  ? 85  HIS A C   1 
ATOM   667  O O   . HIS A 1 82  ? 6.473   7.894   3.878   1.00 104.04 ? 85  HIS A O   1 
ATOM   668  C CB  . HIS A 1 82  ? 5.546   9.510   1.243   1.00 104.04 ? 85  HIS A CB  1 
ATOM   669  C CG  . HIS A 1 82  ? 5.539   10.807  1.986   1.00 104.04 ? 85  HIS A CG  1 
ATOM   670  N ND1 . HIS A 1 82  ? 6.692   11.382  2.481   1.00 104.04 ? 85  HIS A ND1 1 
ATOM   671  C CD2 . HIS A 1 82  ? 4.526   11.631  2.345   1.00 104.04 ? 85  HIS A CD2 1 
ATOM   672  C CE1 . HIS A 1 82  ? 6.385   12.498  3.113   1.00 104.04 ? 85  HIS A CE1 1 
ATOM   673  N NE2 . HIS A 1 82  ? 5.079   12.675  3.046   1.00 104.04 ? 85  HIS A NE2 1 
ATOM   674  N N   . ASN A 1 83  ? 4.599   8.999   4.401   1.00 57.78  ? 86  ASN A N   1 
ATOM   675  C CA  . ASN A 1 83  ? 4.969   9.061   5.825   1.00 57.78  ? 86  ASN A CA  1 
ATOM   676  C C   . ASN A 1 83  ? 4.912   7.678   6.458   1.00 57.78  ? 86  ASN A C   1 
ATOM   677  O O   . ASN A 1 83  ? 5.765   7.308   7.269   1.00 100.45 ? 86  ASN A O   1 
ATOM   678  C CB  . ASN A 1 83  ? 4.134   10.089  6.638   1.00 100.45 ? 86  ASN A CB  1 
ATOM   679  C CG  . ASN A 1 83  ? 2.627   9.778   6.680   1.00 100.45 ? 86  ASN A CG  1 
ATOM   680  O OD1 . ASN A 1 83  ? 2.187   8.772   7.241   1.00 100.45 ? 86  ASN A OD1 1 
ATOM   681  N ND2 . ASN A 1 83  ? 1.831   10.701  6.158   1.00 100.45 ? 86  ASN A ND2 1 
ATOM   682  N N   . PHE A 1 84  ? 3.939   6.896   6.016   1.00 42.01  ? 87  PHE A N   1 
ATOM   683  C CA  . PHE A 1 84  ? 3.745   5.557   6.519   1.00 42.01  ? 87  PHE A CA  1 
ATOM   684  C C   . PHE A 1 84  ? 4.804   4.599   6.006   1.00 42.01  ? 87  PHE A C   1 
ATOM   685  O O   . PHE A 1 84  ? 5.628   4.121   6.787   1.00 31.48  ? 87  PHE A O   1 
ATOM   686  C CB  . PHE A 1 84  ? 2.379   5.051   6.113   1.00 31.48  ? 87  PHE A CB  1 
ATOM   687  C CG  . PHE A 1 84  ? 2.048   3.723   6.678   1.00 31.48  ? 87  PHE A CG  1 
ATOM   688  C CD1 . PHE A 1 84  ? 1.729   3.591   8.027   1.00 31.48  ? 87  PHE A CD1 1 
ATOM   689  C CD2 . PHE A 1 84  ? 2.019   2.609   5.869   1.00 31.48  ? 87  PHE A CD2 1 
ATOM   690  C CE1 . PHE A 1 84  ? 1.378   2.368   8.556   1.00 31.48  ? 87  PHE A CE1 1 
ATOM   691  C CE2 . PHE A 1 84  ? 1.665   1.369   6.390   1.00 31.48  ? 87  PHE A CE2 1 
ATOM   692  C CZ  . PHE A 1 84  ? 1.342   1.250   7.740   1.00 31.48  ? 87  PHE A CZ  1 
ATOM   693  N N   . LEU A 1 85  ? 4.744   4.275   4.713   1.00 3.37   ? 88  LEU A N   1 
ATOM   694  C CA  . LEU A 1 85  ? 5.702   3.361   4.094   1.00 3.37   ? 88  LEU A CA  1 
ATOM   695  C C   . LEU A 1 85  ? 7.154   3.609   4.534   1.00 3.37   ? 88  LEU A C   1 
ATOM   696  O O   . LEU A 1 85  ? 7.848   2.662   4.893   1.00 15.69  ? 88  LEU A O   1 
ATOM   697  C CB  . LEU A 1 85  ? 5.587   3.380   2.551   1.00 15.69  ? 88  LEU A CB  1 
ATOM   698  C CG  . LEU A 1 85  ? 4.412   2.624   1.909   1.00 15.69  ? 88  LEU A CG  1 
ATOM   699  C CD1 . LEU A 1 85  ? 4.571   2.438   0.400   1.00 15.69  ? 88  LEU A CD1 1 
ATOM   700  C CD2 . LEU A 1 85  ? 4.320   1.268   2.588   1.00 15.69  ? 88  LEU A CD2 1 
ATOM   701  N N   . THR A 1 86  ? 7.575   4.880   4.544   1.00 37.76  ? 89  THR A N   1 
ATOM   702  C CA  . THR A 1 86  ? 8.942   5.303   4.919   1.00 37.76  ? 89  THR A CA  1 
ATOM   703  C C   . THR A 1 86  ? 9.346   4.893   6.329   1.00 37.76  ? 89  THR A C   1 
ATOM   704  O O   . THR A 1 86  ? 10.527  4.631   6.637   1.00 35.54  ? 89  THR A O   1 
ATOM   705  C CB  . THR A 1 86  ? 9.104   6.860   4.822   1.00 35.54  ? 89  THR A CB  1 
ATOM   706  O OG1 . THR A 1 86  ? 8.963   7.299   3.464   1.00 35.54  ? 89  THR A OG1 1 
ATOM   707  C CG2 . THR A 1 86  ? 10.465  7.286   5.307   1.00 35.54  ? 89  THR A CG2 1 
ATOM   708  N N   . GLN A 1 87  ? 8.351   4.943   7.189   1.00 23.23  ? 90  GLN A N   1 
ATOM   709  C CA  . GLN A 1 87  ? 8.494   4.626   8.590   1.00 23.23  ? 90  GLN A CA  1 
ATOM   710  C C   . GLN A 1 87  ? 8.484   3.122   8.855   1.00 23.23  ? 90  GLN A C   1 
ATOM   711  O O   . GLN A 1 87  ? 9.170   2.621   9.775   1.00 39.99  ? 90  GLN A O   1 
ATOM   712  C CB  . GLN A 1 87  ? 7.353   5.300   9.369   1.00 39.99  ? 90  GLN A CB  1 
ATOM   713  C CG  . GLN A 1 87  ? 7.826   6.199   10.499  1.00 39.99  ? 90  GLN A CG  1 
ATOM   714  C CD  . GLN A 1 87  ? 6.731   7.082   11.024  1.00 39.99  ? 90  GLN A CD  1 
ATOM   715  O OE1 . GLN A 1 87  ? 6.196   6.854   12.118  1.00 39.99  ? 90  GLN A OE1 1 
ATOM   716  N NE2 . GLN A 1 87  ? 6.365   8.092   10.233  1.00 39.99  ? 90  GLN A NE2 1 
ATOM   717  N N   . LEU A 1 88  ? 7.633   2.437   8.090   1.00 25.97  ? 91  LEU A N   1 
ATOM   718  C CA  . LEU A 1 88  ? 7.437   1.008   8.190   1.00 25.97  ? 91  LEU A CA  1 
ATOM   719  C C   . LEU A 1 88  ? 8.722   0.353   7.767   1.00 25.97  ? 91  LEU A C   1 
ATOM   720  O O   . LEU A 1 88  ? 9.415   -0.259  8.582   1.00 26.12  ? 91  LEU A O   1 
ATOM   721  C CB  . LEU A 1 88  ? 6.350   0.585   7.226   1.00 26.12  ? 91  LEU A CB  1 
ATOM   722  C CG  . LEU A 1 88  ? 5.265   -0.322  7.747   1.00 26.12  ? 91  LEU A CG  1 
ATOM   723  C CD1 . LEU A 1 88  ? 4.562   -1.033  6.576   1.00 26.12  ? 91  LEU A CD1 1 
ATOM   724  C CD2 . LEU A 1 88  ? 5.890   -1.307  8.666   1.00 26.12  ? 91  LEU A CD2 1 
ATOM   725  N N   . GLN A 1 89  ? 9.052   0.560   6.487   1.00 33.65  ? 92  GLN A N   1 
ATOM   726  C CA  . GLN A 1 89  ? 10.226  0.014   5.785   1.00 33.65  ? 92  GLN A CA  1 
ATOM   727  C C   . GLN A 1 89  ? 11.344  -0.595  6.605   1.00 33.65  ? 92  GLN A C   1 
ATOM   728  O O   . GLN A 1 89  ? 11.643  -1.765  6.431   1.00 138.97 ? 92  GLN A O   1 
ATOM   729  C CB  . GLN A 1 89  ? 10.784  1.032   4.789   1.00 138.97 ? 92  GLN A CB  1 
ATOM   730  C CG  . GLN A 1 89  ? 11.726  0.441   3.768   1.00 138.97 ? 92  GLN A CG  1 
ATOM   731  C CD  . GLN A 1 89  ? 13.190  0.582   4.150   1.00 138.97 ? 92  GLN A CD  1 
ATOM   732  O OE1 . GLN A 1 89  ? 13.670  -0.045  5.098   1.00 138.97 ? 92  GLN A OE1 1 
ATOM   733  N NE2 . GLN A 1 89  ? 13.911  1.407   3.402   1.00 138.97 ? 92  GLN A NE2 1 
ATOM   734  N N   . PRO A 1 90  ? 11.953  0.163   7.532   1.00 55.53  ? 93  PRO A N   1 
ATOM   735  C CA  . PRO A 1 90  ? 13.038  -0.423  8.326   1.00 55.53  ? 93  PRO A CA  1 
ATOM   736  C C   . PRO A 1 90  ? 12.710  -1.666  9.156   1.00 55.53  ? 93  PRO A C   1 
ATOM   737  O O   . PRO A 1 90  ? 13.602  -2.260  9.770   1.00 65.90  ? 93  PRO A O   1 
ATOM   738  C CB  . PRO A 1 90  ? 13.501  0.750   9.190   1.00 65.90  ? 93  PRO A CB  1 
ATOM   739  C CG  . PRO A 1 90  ? 12.258  1.578   9.311   1.00 65.90  ? 93  PRO A CG  1 
ATOM   740  C CD  . PRO A 1 90  ? 11.747  1.571   7.904   1.00 65.90  ? 93  PRO A CD  1 
ATOM   741  N N   . PHE A 1 91  ? 11.441  -2.044  9.188   1.00 17.21  ? 94  PHE A N   1 
ATOM   742  C CA  . PHE A 1 91  ? 11.003  -3.244  9.906   1.00 17.21  ? 94  PHE A CA  1 
ATOM   743  C C   . PHE A 1 91  ? 10.518  -4.274  8.866   1.00 17.21  ? 94  PHE A C   1 
ATOM   744  O O   . PHE A 1 91  ? 9.692   -5.154  9.109   1.00 42.42  ? 94  PHE A O   1 
ATOM   745  C CB  . PHE A 1 91  ? 9.947   -2.860  10.903  1.00 42.42  ? 94  PHE A CB  1 
ATOM   746  C CG  . PHE A 1 91  ? 10.371  -1.733  11.778  1.00 42.42  ? 94  PHE A CG  1 
ATOM   747  C CD1 . PHE A 1 91  ? 11.472  -1.871  12.600  1.00 42.42  ? 94  PHE A CD1 1 
ATOM   748  C CD2 . PHE A 1 91  ? 9.659   -0.541  11.796  1.00 42.42  ? 94  PHE A CD2 1 
ATOM   749  C CE1 . PHE A 1 91  ? 11.860  -0.855  13.430  1.00 42.42  ? 94  PHE A CE1 1 
ATOM   750  C CE2 . PHE A 1 91  ? 10.041  0.489   12.626  1.00 42.42  ? 94  PHE A CE2 1 
ATOM   751  C CZ  . PHE A 1 91  ? 11.147  0.327   13.446  1.00 42.42  ? 94  PHE A CZ  1 
ATOM   752  N N   . LEU A 1 92  ? 11.221  -4.192  7.749   1.00 42.28  ? 95  LEU A N   1 
ATOM   753  C CA  . LEU A 1 92  ? 11.105  -4.988  6.544   1.00 42.28  ? 95  LEU A CA  1 
ATOM   754  C C   . LEU A 1 92  ? 10.617  -6.439  6.533   1.00 42.28  ? 95  LEU A C   1 
ATOM   755  O O   . LEU A 1 92  ? 9.426   -6.691  6.508   1.00 70.45  ? 95  LEU A O   1 
ATOM   756  C CB  . LEU A 1 92  ? 12.456  -4.913  5.819   1.00 70.45  ? 95  LEU A CB  1 
ATOM   757  C CG  . LEU A 1 92  ? 13.364  -3.738  6.235   1.00 70.45  ? 95  LEU A CG  1 
ATOM   758  C CD1 . LEU A 1 92  ? 14.143  -4.041  7.483   1.00 70.45  ? 95  LEU A CD1 1 
ATOM   759  C CD2 . LEU A 1 92  ? 14.301  -3.358  5.117   1.00 70.45  ? 95  LEU A CD2 1 
ATOM   760  N N   . LYS A 1 93  ? 11.584  -7.353  6.380   1.00 64.10  ? 96  LYS A N   1 
ATOM   761  C CA  . LYS A 1 93  ? 11.430  -8.824  6.312   1.00 64.10  ? 96  LYS A CA  1 
ATOM   762  C C   . LYS A 1 93  ? 10.902  -9.380  4.976   1.00 64.10  ? 96  LYS A C   1 
ATOM   763  O O   . LYS A 1 93  ? 11.660  -9.528  4.014   1.00 32.82  ? 96  LYS A O   1 
ATOM   764  C CB  . LYS A 1 93  ? 10.622  -9.374  7.507   1.00 32.82  ? 96  LYS A CB  1 
ATOM   765  C CG  . LYS A 1 93  ? 11.272  -9.193  8.883   1.00 32.82  ? 96  LYS A CG  1 
ATOM   766  C CD  . LYS A 1 93  ? 12.078  -10.408 9.314   1.00 32.82  ? 96  LYS A CD  1 
ATOM   767  C CE  . LYS A 1 93  ? 12.754  -10.167 10.657  1.00 32.82  ? 96  LYS A CE  1 
ATOM   768  N NZ  . LYS A 1 93  ? 11.799  -10.014 11.803  1.00 32.82  ? 96  LYS A NZ  1 
ATOM   769  N N   . LEU A 1 94  ? 9.620   -9.723  4.937   1.00 16.33  ? 97  LEU A N   1 
ATOM   770  C CA  . LEU A 1 94  ? 9.001   -10.272 3.756   1.00 16.33  ? 97  LEU A CA  1 
ATOM   771  C C   . LEU A 1 94  ? 8.690   -9.195  2.707   1.00 16.33  ? 97  LEU A C   1 
ATOM   772  O O   . LEU A 1 94  ? 9.546   -8.848  1.890   1.00 25.66  ? 97  LEU A O   1 
ATOM   773  C CB  . LEU A 1 94  ? 7.726   -11.016 4.171   1.00 25.66  ? 97  LEU A CB  1 
ATOM   774  C CG  . LEU A 1 94  ? 6.991   -11.967 3.219   1.00 25.66  ? 97  LEU A CG  1 
ATOM   775  C CD1 . LEU A 1 94  ? 7.965   -13.002 2.667   1.00 25.66  ? 97  LEU A CD1 1 
ATOM   776  C CD2 . LEU A 1 94  ? 5.824   -12.630 3.952   1.00 25.66  ? 97  LEU A CD2 1 
ATOM   777  N N   . LYS A 1 95  ? 7.479   -8.635  2.776   1.00 17.21  ? 98  LYS A N   1 
ATOM   778  C CA  . LYS A 1 95  ? 6.980   -7.637  1.814   1.00 17.21  ? 98  LYS A CA  1 
ATOM   779  C C   . LYS A 1 95  ? 7.646   -6.263  1.739   1.00 17.21  ? 98  LYS A C   1 
ATOM   780  O O   . LYS A 1 95  ? 7.278   -5.431  0.924   1.00 53.29  ? 98  LYS A O   1 
ATOM   781  C CB  . LYS A 1 95  ? 5.467   -7.452  2.000   1.00 53.29  ? 98  LYS A CB  1 
ATOM   782  C CG  . LYS A 1 95  ? 4.717   -8.759  2.213   1.00 53.29  ? 98  LYS A CG  1 
ATOM   783  C CD  . LYS A 1 95  ? 3.302   -8.766  1.637   1.00 53.29  ? 98  LYS A CD  1 
ATOM   784  C CE  . LYS A 1 95  ? 2.679   -10.139 1.889   1.00 53.29  ? 98  LYS A CE  1 
ATOM   785  N NZ  . LYS A 1 95  ? 1.473   -10.414 1.073   1.00 53.29  ? 98  LYS A NZ  1 
ATOM   786  N N   . GLN A 1 96  ? 8.625   -6.010  2.584   1.00 38.28  ? 99  GLN A N   1 
ATOM   787  C CA  . GLN A 1 96  ? 9.264   -4.715  2.551   1.00 38.28  ? 99  GLN A CA  1 
ATOM   788  C C   . GLN A 1 96  ? 10.326  -4.572  1.485   1.00 38.28  ? 99  GLN A C   1 
ATOM   789  O O   . GLN A 1 96  ? 11.308  -3.852  1.681   1.00 30.52  ? 99  GLN A O   1 
ATOM   790  C CB  . GLN A 1 96  ? 9.838   -4.379  3.908   1.00 30.52  ? 99  GLN A CB  1 
ATOM   791  C CG  . GLN A 1 96  ? 9.067   -3.285  4.702   1.00 30.52  ? 99  GLN A CG  1 
ATOM   792  C CD  . GLN A 1 96  ? 7.743   -3.750  5.228   1.00 30.52  ? 99  GLN A CD  1 
ATOM   793  O OE1 . GLN A 1 96  ? 7.648   -4.366  6.304   1.00 30.52  ? 99  GLN A OE1 1 
ATOM   794  N NE2 . GLN A 1 96  ? 6.692   -3.430  4.484   1.00 30.52  ? 99  GLN A NE2 1 
ATOM   795  N N   . LYS A 1 97  ? 10.166  -5.318  0.392   1.00 73.99  ? 100 LYS A N   1 
ATOM   796  C CA  . LYS A 1 97  ? 11.086  -5.278  -0.750  1.00 73.99  ? 100 LYS A CA  1 
ATOM   797  C C   . LYS A 1 97  ? 10.479  -4.144  -1.562  1.00 73.99  ? 100 LYS A C   1 
ATOM   798  O O   . LYS A 1 97  ? 11.126  -3.158  -1.917  1.00 42.81  ? 100 LYS A O   1 
ATOM   799  C CB  . LYS A 1 97  ? 10.996  -6.600  -1.545  1.00 42.81  ? 100 LYS A CB  1 
ATOM   800  C CG  . LYS A 1 97  ? 11.066  -7.872  -0.672  1.00 42.81  ? 100 LYS A CG  1 
ATOM   801  C CD  . LYS A 1 97  ? 10.654  -9.166  -1.418  1.00 42.81  ? 100 LYS A CD  1 
ATOM   802  C CE  . LYS A 1 97  ? 10.276  -10.314 -0.434  1.00 42.81  ? 100 LYS A CE  1 
ATOM   803  N NZ  . LYS A 1 97  ? 9.671   -11.578 -1.012  1.00 42.81  ? 100 LYS A NZ  1 
ATOM   804  N N   . GLN A 1 98  ? 9.181   -4.294  -1.774  1.00 89.29  ? 101 GLN A N   1 
ATOM   805  C CA  . GLN A 1 98  ? 8.365   -3.347  -2.497  1.00 89.29  ? 101 GLN A CA  1 
ATOM   806  C C   . GLN A 1 98  ? 8.010   -2.133  -1.640  1.00 89.29  ? 101 GLN A C   1 
ATOM   807  O O   . GLN A 1 98  ? 7.460   -1.152  -2.136  1.00 45.85  ? 101 GLN A O   1 
ATOM   808  C CB  . GLN A 1 98  ? 7.107   -4.044  -3.007  1.00 45.85  ? 101 GLN A CB  1 
ATOM   809  C CG  . GLN A 1 98  ? 6.423   -4.957  -1.996  1.00 45.85  ? 101 GLN A CG  1 
ATOM   810  C CD  . GLN A 1 98  ? 6.678   -6.427  -2.262  1.00 45.85  ? 101 GLN A CD  1 
ATOM   811  O OE1 . GLN A 1 98  ? 6.458   -7.283  -1.405  1.00 45.85  ? 101 GLN A OE1 1 
ATOM   812  N NE2 . GLN A 1 98  ? 7.141   -6.731  -3.463  1.00 45.85  ? 101 GLN A NE2 1 
ATOM   813  N N   . ALA A 1 99  ? 8.226   -2.230  -0.333  1.00 27.67  ? 102 ALA A N   1 
ATOM   814  C CA  . ALA A 1 99  ? 7.984   -1.092  0.522   1.00 27.67  ? 102 ALA A CA  1 
ATOM   815  C C   . ALA A 1 99  ? 8.852   -0.044  -0.147  1.00 27.67  ? 102 ALA A C   1 
ATOM   816  O O   . ALA A 1 99  ? 8.348   0.984   -0.588  1.00 33.65  ? 102 ALA A O   1 
ATOM   817  C CB  . ALA A 1 99  ? 8.485   -1.374  1.889   1.00 33.65  ? 102 ALA A CB  1 
ATOM   818  N N   . ASN A 1 100 ? 10.131  -0.376  -0.344  1.00 29.01  ? 103 ASN A N   1 
ATOM   819  C CA  . ASN A 1 100 ? 11.050  0.532   -1.031  1.00 29.01  ? 103 ASN A CA  1 
ATOM   820  C C   . ASN A 1 100 ? 10.659  0.824   -2.479  1.00 29.01  ? 103 ASN A C   1 
ATOM   821  O O   . ASN A 1 100 ? 10.649  1.977   -2.906  1.00 65.45  ? 103 ASN A O   1 
ATOM   822  C CB  . ASN A 1 100 ? 12.470  -0.011  -1.072  1.00 65.45  ? 103 ASN A CB  1 
ATOM   823  C CG  . ASN A 1 100 ? 13.367  0.793   -2.032  1.00 65.45  ? 103 ASN A CG  1 
ATOM   824  O OD1 . ASN A 1 100 ? 14.014  0.227   -2.924  1.00 65.45  ? 103 ASN A OD1 1 
ATOM   825  N ND2 . ASN A 1 100 ? 13.390  2.123   -1.861  1.00 65.45  ? 103 ASN A ND2 1 
ATOM   826  N N   . LEU A 1 101 ? 10.435  -0.239  -3.247  1.00 49.28  ? 104 LEU A N   1 
ATOM   827  C CA  . LEU A 1 101 ? 10.071  -0.103  -4.653  1.00 49.28  ? 104 LEU A CA  1 
ATOM   828  C C   . LEU A 1 101 ? 8.953   0.892   -4.836  1.00 49.28  ? 104 LEU A C   1 
ATOM   829  O O   . LEU A 1 101 ? 8.958   1.631   -5.816  1.00 33.47  ? 104 LEU A O   1 
ATOM   830  C CB  . LEU A 1 101 ? 9.704   -1.464  -5.280  1.00 33.47  ? 104 LEU A CB  1 
ATOM   831  C CG  . LEU A 1 101 ? 10.846  -2.310  -5.869  1.00 33.47  ? 104 LEU A CG  1 
ATOM   832  C CD1 . LEU A 1 101 ? 10.514  -3.793  -5.865  1.00 33.47  ? 104 LEU A CD1 1 
ATOM   833  C CD2 . LEU A 1 101 ? 11.161  -1.814  -7.268  1.00 33.47  ? 104 LEU A CD2 1 
ATOM   834  N N   . VAL A 1 102 ? 8.002   0.904   -3.901  1.00 45.92  ? 105 VAL A N   1 
ATOM   835  C CA  . VAL A 1 102 ? 6.871   1.828   -3.970  1.00 45.92  ? 105 VAL A CA  1 
ATOM   836  C C   . VAL A 1 102 ? 7.384   3.206   -3.593  1.00 45.92  ? 105 VAL A C   1 
ATOM   837  O O   . VAL A 1 102 ? 7.168   4.168   -4.328  1.00 50.28  ? 105 VAL A O   1 
ATOM   838  C CB  . VAL A 1 102 ? 5.669   1.394   -3.066  1.00 50.28  ? 105 VAL A CB  1 
ATOM   839  C CG1 . VAL A 1 102 ? 4.515   2.365   -3.204  1.00 50.28  ? 105 VAL A CG1 1 
ATOM   840  C CG2 . VAL A 1 102 ? 5.170   0.032   -3.468  1.00 50.28  ? 105 VAL A CG2 1 
ATOM   841  N N   . LEU A 1 103 ? 8.095   3.286   -2.470  1.00 30.01  ? 106 LEU A N   1 
ATOM   842  C CA  . LEU A 1 103 ? 8.677   4.543   -2.011  1.00 30.01  ? 106 LEU A CA  1 
ATOM   843  C C   . LEU A 1 103 ? 9.479   5.204   -3.133  1.00 30.01  ? 106 LEU A C   1 
ATOM   844  O O   . LEU A 1 103 ? 9.605   6.428   -3.184  1.00 23.02  ? 106 LEU A O   1 
ATOM   845  C CB  . LEU A 1 103 ? 9.598   4.283   -0.841  1.00 23.02  ? 106 LEU A CB  1 
ATOM   846  C CG  . LEU A 1 103 ? 9.214   4.903   0.490   1.00 23.02  ? 106 LEU A CG  1 
ATOM   847  C CD1 . LEU A 1 103 ? 8.228   6.048   0.299   1.00 23.02  ? 106 LEU A CD1 1 
ATOM   848  C CD2 . LEU A 1 103 ? 8.659   3.819   1.370   1.00 23.02  ? 106 LEU A CD2 1 
ATOM   849  N N   . LYS A 1 104 ? 10.046  4.373   -4.010  1.00 94.78  ? 107 LYS A N   1 
ATOM   850  C CA  . LYS A 1 104 ? 10.822  4.815   -5.172  1.00 94.78  ? 107 LYS A CA  1 
ATOM   851  C C   . LYS A 1 104 ? 9.891   5.571   -6.113  1.00 94.78  ? 107 LYS A C   1 
ATOM   852  O O   . LYS A 1 104 ? 10.135  6.723   -6.434  1.00 76.18  ? 107 LYS A O   1 
ATOM   853  C CB  . LYS A 1 104 ? 11.414  3.609   -5.928  1.00 76.18  ? 107 LYS A CB  1 
ATOM   854  C CG  . LYS A 1 104 ? 12.920  3.345   -5.712  1.00 76.18  ? 107 LYS A CG  1 
ATOM   855  C CD  . LYS A 1 104 ? 13.379  2.050   -6.421  1.00 76.18  ? 107 LYS A CD  1 
ATOM   856  C CE  . LYS A 1 104 ? 14.847  1.651   -6.108  1.00 76.18  ? 107 LYS A CE  1 
ATOM   857  N NZ  . LYS A 1 104 ? 15.313  0.341   -6.730  1.00 76.18  ? 107 LYS A NZ  1 
ATOM   858  N N   . ILE A 1 105 ? 8.827   4.913   -6.555  1.00 48.41  ? 108 ILE A N   1 
ATOM   859  C CA  . ILE A 1 105 ? 7.864   5.529   -7.457  1.00 48.41  ? 108 ILE A CA  1 
ATOM   860  C C   . ILE A 1 105 ? 7.276   6.827   -6.879  1.00 48.41  ? 108 ILE A C   1 
ATOM   861  O O   . ILE A 1 105 ? 7.093   7.832   -7.582  1.00 21.26  ? 108 ILE A O   1 
ATOM   862  C CB  . ILE A 1 105 ? 6.677   4.565   -7.758  1.00 21.26  ? 108 ILE A CB  1 
ATOM   863  C CG1 . ILE A 1 105 ? 7.176   3.200   -8.208  1.00 21.26  ? 108 ILE A CG1 1 
ATOM   864  C CG2 . ILE A 1 105 ? 5.762   5.164   -8.848  1.00 21.26  ? 108 ILE A CG2 1 
ATOM   865  C CD1 . ILE A 1 105 ? 6.327   2.578   -9.345  1.00 21.26  ? 108 ILE A CD1 1 
ATOM   866  N N   . ILE A 1 106 ? 6.950   6.785   -5.594  1.00 26.88  ? 109 ILE A N   1 
ATOM   867  C CA  . ILE A 1 106 ? 6.353   7.915   -4.898  1.00 26.88  ? 109 ILE A CA  1 
ATOM   868  C C   . ILE A 1 106 ? 7.284   9.110   -4.960  1.00 26.88  ? 109 ILE A C   1 
ATOM   869  O O   . ILE A 1 106 ? 7.099   10.076  -4.210  1.00 46.35  ? 109 ILE A O   1 
ATOM   870  C CB  . ILE A 1 106 ? 6.065   7.525   -3.419  1.00 46.35  ? 109 ILE A CB  1 
ATOM   871  C CG1 . ILE A 1 106 ? 5.153   6.307   -3.388  1.00 46.35  ? 109 ILE A CG1 1 
ATOM   872  C CG2 . ILE A 1 106 ? 5.370   8.638   -2.661  1.00 46.35  ? 109 ILE A CG2 1 
ATOM   873  C CD1 . ILE A 1 106 ? 5.293   5.472   -2.152  1.00 46.35  ? 109 ILE A CD1 1 
ATOM   874  N N   . GLU A 1 107 ? 8.271   9.060   -5.854  1.00 76.81  ? 110 GLU A N   1 
ATOM   875  C CA  . GLU A 1 107 ? 9.241   10.132  -6.009  1.00 76.81  ? 110 GLU A CA  1 
ATOM   876  C C   . GLU A 1 107 ? 9.602   10.520  -7.445  1.00 76.81  ? 110 GLU A C   1 
ATOM   877  O O   . GLU A 1 107 ? 9.213   9.865   -8.415  1.00 68.81  ? 110 GLU A O   1 
ATOM   878  C CB  . GLU A 1 107 ? 10.508  9.827   -5.178  1.00 68.81  ? 110 GLU A CB  1 
ATOM   879  C CG  . GLU A 1 107 ? 10.461  10.415  -3.752  1.00 68.81  ? 110 GLU A CG  1 
ATOM   880  C CD  . GLU A 1 107 ? 11.283  9.651   -2.704  1.00 68.81  ? 110 GLU A CD  1 
ATOM   881  O OE1 . GLU A 1 107 ? 12.497  9.396   -2.935  1.00 68.81  ? 110 GLU A OE1 1 
ATOM   882  O OE2 . GLU A 1 107 ? 10.707  9.342   -1.627  1.00 68.81  ? 110 GLU A OE2 1 
ATOM   883  N N   . GLN A 1 108 ? 10.256  11.678  -7.540  1.00 97.31  ? 111 GLN A N   1 
ATOM   884  C CA  . GLN A 1 108 ? 10.738  12.260  -8.786  1.00 97.31  ? 111 GLN A CA  1 
ATOM   885  C C   . GLN A 1 108 ? 9.911   11.904  -10.004 1.00 97.31  ? 111 GLN A C   1 
ATOM   886  O O   . GLN A 1 108 ? 10.370  11.183  -10.887 1.00 154.17 ? 111 GLN A O   1 
ATOM   887  C CB  . GLN A 1 108 ? 12.209  11.873  -9.003  1.00 154.17 ? 111 GLN A CB  1 
ATOM   888  C CG  . GLN A 1 108 ? 13.155  12.358  -7.895  1.00 154.17 ? 111 GLN A CG  1 
ATOM   889  C CD  . GLN A 1 108 ? 14.519  11.664  -7.906  1.00 154.17 ? 111 GLN A CD  1 
ATOM   890  O OE1 . GLN A 1 108 ? 14.944  11.081  -6.902  1.00 154.17 ? 111 GLN A OE1 1 
ATOM   891  N NE2 . GLN A 1 108 ? 15.215  11.741  -9.036  1.00 154.17 ? 111 GLN A NE2 1 
ATOM   892  N N   . LEU A 1 109 ? 8.710   12.450  -10.077 1.00 82.35  ? 112 LEU A N   1 
ATOM   893  C CA  . LEU A 1 109 ? 7.866   12.171  -11.216 1.00 82.35  ? 112 LEU A CA  1 
ATOM   894  C C   . LEU A 1 109 ? 7.469   13.352  -12.136 1.00 82.35  ? 112 LEU A C   1 
ATOM   895  O O   . LEU A 1 109 ? 6.310   13.783  -12.129 1.00 68.79  ? 112 LEU A O   1 
ATOM   896  C CB  . LEU A 1 109 ? 6.634   11.366  -10.783 1.00 68.79  ? 112 LEU A CB  1 
ATOM   897  C CG  . LEU A 1 109 ? 5.814   11.692  -9.536  1.00 68.79  ? 112 LEU A CG  1 
ATOM   898  C CD1 . LEU A 1 109 ? 4.512   10.888  -9.509  1.00 68.79  ? 112 LEU A CD1 1 
ATOM   899  C CD2 . LEU A 1 109 ? 6.649   11.378  -8.337  1.00 68.79  ? 112 LEU A CD2 1 
ATOM   900  N N   . PRO A 1 110 ? 8.433   13.917  -12.904 1.00 139.11 ? 113 PRO A N   1 
ATOM   901  C CA  . PRO A 1 110 ? 8.173   15.035  -13.828 1.00 139.11 ? 113 PRO A CA  1 
ATOM   902  C C   . PRO A 1 110 ? 8.012   14.576  -15.303 1.00 139.11 ? 113 PRO A C   1 
ATOM   903  O O   . PRO A 1 110 ? 9.026   14.617  -16.055 1.00 73.03  ? 113 PRO A O   1 
ATOM   904  C CB  . PRO A 1 110 ? 9.425   15.923  -13.668 1.00 73.03  ? 113 PRO A CB  1 
ATOM   905  C CG  . PRO A 1 110 ? 10.141  15.360  -12.449 1.00 73.03  ? 113 PRO A CG  1 
ATOM   906  C CD  . PRO A 1 110 ? 9.859   13.901  -12.557 1.00 73.03  ? 113 PRO A CD  1 
ATOM   907  N N   . LEU A 1 120 ? 10.660  5.788   -19.500 1.00 54.74  ? 123 LEU A N   1 
ATOM   908  C CA  . LEU A 1 120 ? 11.643  6.802   -18.999 1.00 54.74  ? 123 LEU A CA  1 
ATOM   909  C C   . LEU A 1 120 ? 12.103  6.440   -17.596 1.00 54.74  ? 123 LEU A C   1 
ATOM   910  O O   . LEU A 1 120 ? 12.460  7.318   -16.806 1.00 61.51  ? 123 LEU A O   1 
ATOM   911  C CB  . LEU A 1 120 ? 11.015  8.204   -18.976 1.00 61.51  ? 123 LEU A CB  1 
ATOM   912  C CG  . LEU A 1 120 ? 10.419  8.687   -20.297 1.00 61.51  ? 123 LEU A CG  1 
ATOM   913  C CD1 . LEU A 1 120 ? 10.022  10.148  -20.147 1.00 61.51  ? 123 LEU A CD1 1 
ATOM   914  C CD2 . LEU A 1 120 ? 11.412  8.498   -21.460 1.00 61.51  ? 123 LEU A CD2 1 
ATOM   915  N N   . GLU A 1 121 ? 12.133  5.139   -17.318 1.00 132.05 ? 124 GLU A N   1 
ATOM   916  C CA  . GLU A 1 121 ? 12.502  4.601   -16.012 1.00 132.05 ? 124 GLU A CA  1 
ATOM   917  C C   . GLU A 1 121 ? 11.403  4.948   -15.018 1.00 132.05 ? 124 GLU A C   1 
ATOM   918  O O   . GLU A 1 121 ? 11.346  4.438   -13.905 1.00 51.56  ? 124 GLU A O   1 
ATOM   919  C CB  . GLU A 1 121 ? 13.856  5.126   -15.543 1.00 51.56  ? 124 GLU A CB  1 
ATOM   920  C CG  . GLU A 1 121 ? 14.520  4.287   -14.450 1.00 51.56  ? 124 GLU A CG  1 
ATOM   921  C CD  . GLU A 1 121 ? 14.625  2.787   -14.767 1.00 51.56  ? 124 GLU A CD  1 
ATOM   922  O OE1 . GLU A 1 121 ? 13.589  2.148   -15.072 1.00 51.56  ? 124 GLU A OE1 1 
ATOM   923  O OE2 . GLU A 1 121 ? 15.743  2.228   -14.655 1.00 51.56  ? 124 GLU A OE2 1 
ATOM   924  N N   . VAL A 1 122 ? 10.555  5.869   -15.447 1.00 133.04 ? 125 VAL A N   1 
ATOM   925  C CA  . VAL A 1 122 ? 9.416   6.310   -14.682 1.00 133.04 ? 125 VAL A CA  1 
ATOM   926  C C   . VAL A 1 122 ? 8.352   5.298   -15.074 1.00 133.04 ? 125 VAL A C   1 
ATOM   927  O O   . VAL A 1 122 ? 8.368   4.795   -16.205 1.00 115.31 ? 125 VAL A O   1 
ATOM   928  C CB  . VAL A 1 122 ? 8.976   7.733   -15.121 1.00 115.31 ? 125 VAL A CB  1 
ATOM   929  C CG1 . VAL A 1 122 ? 10.113  8.728   -14.901 1.00 115.31 ? 125 VAL A CG1 1 
ATOM   930  C CG2 . VAL A 1 122 ? 8.540   7.741   -16.597 1.00 115.31 ? 125 VAL A CG2 1 
ATOM   931  N N   . CYS A 1 123 ? 7.400   5.056   -14.177 1.00 75.24  ? 126 CYS A N   1 
ATOM   932  C CA  . CYS A 1 123 ? 6.331   4.091   -14.415 1.00 75.24  ? 126 CYS A CA  1 
ATOM   933  C C   . CYS A 1 123 ? 6.854   2.824   -15.075 1.00 75.24  ? 126 CYS A C   1 
ATOM   934  O O   . CYS A 1 123 ? 6.396   2.409   -16.141 1.00 106.38 ? 126 CYS A O   1 
ATOM   935  C CB  . CYS A 1 123 ? 5.122   4.700   -15.173 1.00 106.38 ? 126 CYS A CB  1 
ATOM   936  S SG  . CYS A 1 123 ? 5.339   5.573   -16.771 1.00 106.38 ? 126 CYS A SG  1 
ATOM   937  N N   . THR A 1 124 ? 7.848   2.234   -14.423 1.00 60.89  ? 127 THR A N   1 
ATOM   938  C CA  . THR A 1 124 ? 8.477   1.004   -14.896 1.00 60.89  ? 127 THR A CA  1 
ATOM   939  C C   . THR A 1 124 ? 8.654   0.042   -13.712 1.00 60.89  ? 127 THR A C   1 
ATOM   940  O O   . THR A 1 124 ? 8.668   -1.190  -13.870 1.00 44.15  ? 127 THR A O   1 
ATOM   941  C CB  . THR A 1 124 ? 9.881   1.277   -15.647 1.00 44.15  ? 127 THR A CB  1 
ATOM   942  O OG1 . THR A 1 124 ? 10.878  1.796   -14.749 1.00 44.15  ? 127 THR A OG1 1 
ATOM   943  C CG2 . THR A 1 124 ? 9.707   2.286   -16.788 1.00 44.15  ? 127 THR A CG2 1 
ATOM   944  N N   . TRP A 1 125 ? 8.694   0.624   -12.517 1.00 68.36  ? 128 TRP A N   1 
ATOM   945  C CA  . TRP A 1 125 ? 8.888   -0.131  -11.289 1.00 68.36  ? 128 TRP A CA  1 
ATOM   946  C C   . TRP A 1 125 ? 7.703   -1.032  -10.997 1.00 68.36  ? 128 TRP A C   1 
ATOM   947  O O   . TRP A 1 125 ? 7.851   -2.127  -10.465 1.00 122.14 ? 128 TRP A O   1 
ATOM   948  C CB  . TRP A 1 125 ? 9.108   0.836   -10.141 1.00 122.14 ? 128 TRP A CB  1 
ATOM   949  C CG  . TRP A 1 125 ? 10.029  1.964   -10.512 1.00 122.14 ? 128 TRP A CG  1 
ATOM   950  C CD1 . TRP A 1 125 ? 9.704   3.288   -10.609 1.00 122.14 ? 128 TRP A CD1 1 
ATOM   951  C CD2 . TRP A 1 125 ? 11.432  1.869   -10.789 1.00 122.14 ? 128 TRP A CD2 1 
ATOM   952  N NE1 . TRP A 1 125 ? 10.823  4.025   -10.915 1.00 122.14 ? 128 TRP A NE1 1 
ATOM   953  C CE2 . TRP A 1 125 ? 11.895  3.180   -11.030 1.00 122.14 ? 128 TRP A CE2 1 
ATOM   954  C CE3 . TRP A 1 125 ? 12.345  0.808   -10.851 1.00 122.14 ? 128 TRP A CE3 1 
ATOM   955  C CZ2 . TRP A 1 125 ? 13.227  3.454   -11.327 1.00 122.14 ? 128 TRP A CZ2 1 
ATOM   956  C CZ3 . TRP A 1 125 ? 13.674  1.081   -11.147 1.00 122.14 ? 128 TRP A CZ3 1 
ATOM   957  C CH2 . TRP A 1 125 ? 14.102  2.396   -11.379 1.00 122.14 ? 128 TRP A CH2 1 
ATOM   958  N N   . VAL A 1 126 ? 6.525   -0.552  -11.359 1.00 40.47  ? 129 VAL A N   1 
ATOM   959  C CA  . VAL A 1 126 ? 5.279   -1.284  -11.164 1.00 40.47  ? 129 VAL A CA  1 
ATOM   960  C C   . VAL A 1 126 ? 5.311   -2.762  -11.603 1.00 40.47  ? 129 VAL A C   1 
ATOM   961  O O   . VAL A 1 126 ? 4.936   -3.650  -10.836 1.00 37.96  ? 129 VAL A O   1 
ATOM   962  C CB  . VAL A 1 126 ? 4.116   -0.539  -11.879 1.00 37.96  ? 129 VAL A CB  1 
ATOM   963  C CG1 . VAL A 1 126 ? 2.852   -1.412  -11.934 1.00 37.96  ? 129 VAL A CG1 1 
ATOM   964  C CG2 . VAL A 1 126 ? 3.859   0.834   -11.202 1.00 37.96  ? 129 VAL A CG2 1 
ATOM   965  N N   . ASP A 1 127 ? 5.680   -3.024  -12.852 1.00 50.77  ? 130 ASP A N   1 
ATOM   966  C CA  . ASP A 1 127 ? 5.722   -4.409  -13.315 1.00 50.77  ? 130 ASP A CA  1 
ATOM   967  C C   . ASP A 1 127 ? 6.754   -5.118  -12.510 1.00 50.77  ? 130 ASP A C   1 
ATOM   968  O O   . ASP A 1 127 ? 6.583   -6.269  -12.153 1.00 41.03  ? 130 ASP A O   1 
ATOM   969  C CB  . ASP A 1 127 ? 6.064   -4.523  -14.803 1.00 41.03  ? 130 ASP A CB  1 
ATOM   970  C CG  . ASP A 1 127 ? 4.841   -4.384  -15.686 1.00 41.03  ? 130 ASP A CG  1 
ATOM   971  O OD1 . ASP A 1 127 ? 3.898   -5.161  -15.447 1.00 41.03  ? 130 ASP A OD1 1 
ATOM   972  O OD2 . ASP A 1 127 ? 4.786   -3.497  -16.584 1.00 41.03  ? 130 ASP A OD2 1 
ATOM   973  N N   . GLN A 1 128 ? 7.851   -4.424  -12.250 1.00 91.96  ? 131 GLN A N   1 
ATOM   974  C CA  . GLN A 1 128 ? 8.882   -5.028  -11.454 1.00 91.96  ? 131 GLN A CA  1 
ATOM   975  C C   . GLN A 1 128 ? 8.242   -5.442  -10.133 1.00 91.96  ? 131 GLN A C   1 
ATOM   976  O O   . GLN A 1 128 ? 8.751   -6.344  -9.469  1.00 64.24  ? 131 GLN A O   1 
ATOM   977  C CB  . GLN A 1 128 ? 10.048  -4.073  -11.228 1.00 64.24  ? 131 GLN A CB  1 
ATOM   978  C CG  . GLN A 1 128 ? 11.284  -4.782  -10.702 1.00 64.24  ? 131 GLN A CG  1 
ATOM   979  C CD  . GLN A 1 128 ? 12.335  -3.840  -10.150 1.00 64.24  ? 131 GLN A CD  1 
ATOM   980  O OE1 . GLN A 1 128 ? 12.800  -2.917  -10.836 1.00 64.24  ? 131 GLN A OE1 1 
ATOM   981  N NE2 . GLN A 1 128 ? 12.744  -4.091  -8.905  1.00 64.24  ? 131 GLN A NE2 1 
ATOM   982  N N   . ILE A 1 129 ? 7.125   -4.797  -9.768  1.00 77.73  ? 132 ILE A N   1 
ATOM   983  C CA  . ILE A 1 129 ? 6.394   -5.142  -8.533  1.00 77.73  ? 132 ILE A CA  1 
ATOM   984  C C   . ILE A 1 129 ? 5.481   -6.344  -8.809  1.00 77.73  ? 132 ILE A C   1 
ATOM   985  O O   . ILE A 1 129 ? 4.317   -6.407  -8.388  1.00 24.92  ? 132 ILE A O   1 
ATOM   986  C CB  . ILE A 1 129 ? 5.605   -3.926  -7.894  1.00 24.92  ? 132 ILE A CB  1 
ATOM   987  C CG1 . ILE A 1 129 ? 6.601   -2.842  -7.410  1.00 24.92  ? 132 ILE A CG1 1 
ATOM   988  C CG2 . ILE A 1 129 ? 4.758   -4.380  -6.668  1.00 24.92  ? 132 ILE A CG2 1 
ATOM   989  C CD1 . ILE A 1 129 ? 5.954   -1.536  -6.866  1.00 24.92  ? 132 ILE A CD1 1 
ATOM   990  N N   . ALA A 1 130 ? 6.071   -7.313  -9.503  1.00 67.39  ? 133 ALA A N   1 
ATOM   991  C CA  . ALA A 1 130 ? 5.419   -8.554  -9.857  1.00 67.39  ? 133 ALA A CA  1 
ATOM   992  C C   . ALA A 1 130 ? 5.402   -9.469  -8.653  1.00 67.39  ? 133 ALA A C   1 
ATOM   993  O O   . ALA A 1 130 ? 6.333   -10.267 -8.453  1.00 44.01  ? 133 ALA A O   1 
ATOM   994  C CB  . ALA A 1 130 ? 6.165   -9.213  -10.969 1.00 44.01  ? 133 ALA A CB  1 
ATOM   995  N N   . ALA A 1 131 ? 4.430   -9.238  -7.775  1.00 158.06 ? 134 ALA A N   1 
ATOM   996  C CA  . ALA A 1 131 ? 4.241   -10.080 -6.604  1.00 158.06 ? 134 ALA A CA  1 
ATOM   997  C C   . ALA A 1 131 ? 3.156   -11.006 -7.096  1.00 158.06 ? 134 ALA A C   1 
ATOM   998  O O   . ALA A 1 131 ? 2.065   -11.025 -6.511  1.00 26.46  ? 134 ALA A O   1 
ATOM   999  C CB  . ALA A 1 131 ? 3.722   -9.282  -5.395  1.00 26.46  ? 134 ALA A CB  1 
ATOM   1000 N N   . LEU A 1 132 ? 3.448   -11.687 -8.214  1.00 57.50  ? 135 LEU A N   1 
ATOM   1001 C CA  . LEU A 1 132 ? 2.558   -12.646 -8.887  1.00 57.50  ? 135 LEU A CA  1 
ATOM   1002 C C   . LEU A 1 132 ? 1.410   -11.999 -9.687  1.00 57.50  ? 135 LEU A C   1 
ATOM   1003 O O   . LEU A 1 132 ? 0.341   -12.604 -9.895  1.00 93.71  ? 135 LEU A O   1 
ATOM   1004 C CB  . LEU A 1 132 ? 2.033   -13.717 -7.903  1.00 93.71  ? 135 LEU A CB  1 
ATOM   1005 C CG  . LEU A 1 132 ? 3.048   -14.618 -7.166  1.00 93.71  ? 135 LEU A CG  1 
ATOM   1006 C CD1 . LEU A 1 132 ? 2.312   -15.598 -6.257  1.00 93.71  ? 135 LEU A CD1 1 
ATOM   1007 C CD2 . LEU A 1 132 ? 3.947   -15.364 -8.158  1.00 93.71  ? 135 LEU A CD2 1 
ATOM   1008 N N   . ASN A 1 133 ? 1.659   -10.767 -10.134 1.00 121.20 ? 136 ASN A N   1 
ATOM   1009 C CA  . ASN A 1 133 ? 0.719   -9.984  -10.941 1.00 121.20 ? 136 ASN A CA  1 
ATOM   1010 C C   . ASN A 1 133 ? 1.122   -10.184 -12.405 1.00 121.20 ? 136 ASN A C   1 
ATOM   1011 O O   . ASN A 1 133 ? 2.277   -9.936  -12.764 1.00 120.32 ? 136 ASN A O   1 
ATOM   1012 C CB  . ASN A 1 133 ? 0.840   -8.492  -10.597 1.00 120.32 ? 136 ASN A CB  1 
ATOM   1013 C CG  . ASN A 1 133 ? 0.267   -8.146  -9.227  1.00 120.32 ? 136 ASN A CG  1 
ATOM   1014 O OD1 . ASN A 1 133 ? -0.612  -8.838  -8.709  1.00 120.32 ? 136 ASN A OD1 1 
ATOM   1015 N ND2 . ASN A 1 133 ? 0.739   -7.041  -8.650  1.00 120.32 ? 136 ASN A ND2 1 
ATOM   1016 N N   . ASP A 1 134 ? 0.193   -10.626 -13.251 1.00 62.32  ? 137 ASP A N   1 
ATOM   1017 C CA  . ASP A 1 134 ? 0.514   -10.863 -14.661 1.00 62.32  ? 137 ASP A CA  1 
ATOM   1018 C C   . ASP A 1 134 ? 0.172   -9.739  -15.640 1.00 62.32  ? 137 ASP A C   1 
ATOM   1019 O O   . ASP A 1 134 ? -0.964  -9.260  -15.667 1.00 166.47 ? 137 ASP A O   1 
ATOM   1020 C CB  . ASP A 1 134 ? -0.140  -12.166 -15.151 1.00 166.47 ? 137 ASP A CB  1 
ATOM   1021 C CG  . ASP A 1 134 ? 0.585   -13.412 -14.662 1.00 166.47 ? 137 ASP A CG  1 
ATOM   1022 O OD1 . ASP A 1 134 ? 0.284   -13.880 -13.542 1.00 166.47 ? 137 ASP A OD1 1 
ATOM   1023 O OD2 . ASP A 1 134 ? 1.450   -13.931 -15.405 1.00 166.47 ? 137 ASP A OD2 1 
ATOM   1024 N N   . SER A 1 135 ? 1.143   -9.403  -16.491 1.00 174.01 ? 138 SER A N   1 
ATOM   1025 C CA  . SER A 1 135 ? 1.017   -8.379  -17.537 1.00 174.01 ? 138 SER A CA  1 
ATOM   1026 C C   . SER A 1 135 ? 0.718   -6.939  -17.089 1.00 174.01 ? 138 SER A C   1 
ATOM   1027 O O   . SER A 1 135 ? 0.970   -5.990  -17.881 1.00 47.67  ? 138 SER A O   1 
ATOM   1028 C CB  . SER A 1 135 ? 0.002   -8.845  -18.593 1.00 47.67  ? 138 SER A CB  1 
ATOM   1029 O OG  . SER A 1 135 ? 0.438   -10.054 -19.223 1.00 47.67  ? 138 SER A OG  1 
HETATM 1030 O O   . HOH B 2 .   ? 4.765   -33.888 10.255  1.00 52.56  ? 140 HOH A O   1 
HETATM 1031 O O   . HOH B 2 .   ? 18.304  -15.566 9.280   1.00 65.74  ? 141 HOH A O   1 
HETATM 1032 O O   . HOH B 2 .   ? -13.406 -11.827 16.467  1.00 48.38  ? 142 HOH A O   1 
HETATM 1033 O O   . HOH B 2 .   ? 10.549  -26.116 1.801   1.00 26.92  ? 143 HOH A O   1 
HETATM 1034 O O   . HOH B 2 .   ? 11.858  -31.496 0.910   1.00 35.21  ? 144 HOH A O   1 
HETATM 1035 O O   . HOH B 2 .   ? 16.422  -12.281 11.362  1.00 98.08  ? 145 HOH A O   1 
HETATM 1036 O O   . HOH B 2 .   ? 11.634  -27.067 -1.672  1.00 82.03  ? 146 HOH A O   1 
HETATM 1037 O O   . HOH B 2 .   ? -3.479  -18.477 8.547   1.00 55.55  ? 147 HOH A O   1 
# 
